data_9OTS
#
_entry.id   9OTS
#
loop_
_entity.id
_entity.type
_entity.pdbx_description
1 polymer 'Por secretion system protein porK/gldK'
2 polymer 'Por secretion system protein porN/gldN'
#
loop_
_entity_poly.entity_id
_entity_poly.type
_entity_poly.pdbx_seq_one_letter_code
_entity_poly.pdbx_strand_id
1 'polypeptide(L)'
;MCRKNRFFALAGFFLFGVFTISSCGSSKRAVGGELTGAKLSSWNEPSPFGMIQVPRGSIVLGNKEADSLWGIPAESRPIS
VDAFWMDRTEITNAQYRQFVYYVRDSIIRERLADPAYGGNEEYKITENKFGEPVTPHLDWSKPIPSEKRATEEEIAAINS
VYYTNPVTHDRKLNPDQMVYRYEVYDYRSAALREHQLKAAKRNLNTDIKVDPNAVVMISKDTAFVDESGNIISETITRPL
SSEYDFLNTYIVPIYPDETCWVNDFPNARTEIYTRMYFNHPGYDDYPVVGISWEQAQAFCAWRSEFFRKGIRLPEGQIMD
DFRLPTEAEWEYAARMGDSNNKYPWSTEDLRTGRGCFLGNFKPGEGDYTADGHLIPSRVSSFSPNDFGLYDMAGNVAEWT
STAFSESGLKQMSDINPELEYKAALTDPYILKQKVVRGGSWKDVARFIRSATRSHEYQNVGRSYIGFRCVRTSIAFSSGK
APKSSRRSIKK
;
A,B,C
2 'polypeptide(L)'
;MKVFKAVIGAILAATVSIPSVAQENTNNRSPQVGRAPRNTEVEQMTTLSNRAQEFNRRLTQKTDNAPWRRVVYRRVDLME
ESNAVLYYPPRPIGDRKNLFSTIFGLINSNSLDVYEYLDGFEAFTDQYKIKFQEFLDRFGIYYQPSTNKNAELFKVADSD
IPSAEVKAYYVKEEWYFTPTNSDVDIKIQAICPIMTGQDEFGEVRNQPLFWIPYENIRPYIARERVMLSSLNNTRNSTID
DFFRLNLYKGDIVKTENLHNRALAEYCPTPDSMKMESKRIDKELQGFRDGLFVTQDTTWMKQVETKKSKGKKLEKARGKN
ITSRTRGQGEGAAETEAVEPKKQKASKNKAATRSVRRRK
;
D,E,F
#
# COMPACT_ATOMS: atom_id res chain seq x y z
N GLU A 34 -1.66 27.73 20.11
CA GLU A 34 -1.56 26.37 19.59
C GLU A 34 -1.61 26.35 18.07
N LEU A 35 -0.49 26.67 17.44
CA LEU A 35 -0.36 26.69 15.98
C LEU A 35 -1.41 27.60 15.35
N THR A 36 -1.59 28.78 15.93
CA THR A 36 -2.40 29.81 15.28
C THR A 36 -1.76 30.29 13.99
N GLY A 37 -0.44 30.46 14.00
CA GLY A 37 0.29 30.89 12.83
C GLY A 37 0.82 32.30 12.94
N ALA A 38 1.86 32.58 12.15
CA ALA A 38 2.49 33.88 12.12
C ALA A 38 2.60 34.37 10.69
N LYS A 39 2.69 35.67 10.53
CA LYS A 39 2.73 36.31 9.22
C LYS A 39 3.98 37.19 9.12
N LEU A 40 4.08 37.91 8.00
CA LEU A 40 5.19 38.80 7.73
C LEU A 40 4.65 40.11 7.17
N SER A 41 5.43 41.18 7.31
CA SER A 41 4.99 42.50 6.84
C SER A 41 4.63 42.52 5.38
N SER A 42 3.59 43.26 5.03
CA SER A 42 3.14 43.30 3.64
C SER A 42 3.55 44.54 2.89
N TRP A 43 3.93 44.37 1.62
CA TRP A 43 4.28 45.51 0.78
C TRP A 43 3.59 45.42 -0.57
N ASN A 44 3.33 46.57 -1.17
CA ASN A 44 2.44 46.71 -2.32
C ASN A 44 3.18 46.50 -3.63
N GLU A 45 2.41 46.63 -4.72
CA GLU A 45 2.98 46.53 -6.06
C GLU A 45 2.59 47.76 -6.87
N PRO A 46 3.53 48.71 -7.05
CA PRO A 46 3.21 49.96 -7.73
C PRO A 46 2.84 49.71 -9.19
N SER A 47 2.10 50.66 -9.77
CA SER A 47 1.75 50.60 -11.18
C SER A 47 2.71 51.45 -11.98
N PRO A 48 3.57 50.86 -12.81
CA PRO A 48 4.53 51.67 -13.57
C PRO A 48 3.81 52.56 -14.57
N PHE A 49 4.47 53.64 -14.96
CA PHE A 49 3.88 54.58 -15.89
C PHE A 49 3.62 53.99 -17.28
N GLY A 50 2.65 54.56 -18.01
CA GLY A 50 2.38 54.10 -19.35
C GLY A 50 2.29 52.60 -19.50
N MET A 51 1.58 51.96 -18.58
CA MET A 51 1.42 50.52 -18.66
C MET A 51 -0.02 50.06 -18.56
N ILE A 52 -0.33 48.88 -19.10
CA ILE A 52 -1.69 48.35 -19.08
C ILE A 52 -1.64 46.92 -18.58
N GLN A 53 -2.78 46.30 -18.27
CA GLN A 53 -2.76 44.96 -17.68
C GLN A 53 -3.39 43.85 -18.52
N VAL A 54 -2.73 42.71 -18.60
CA VAL A 54 -3.24 41.60 -19.38
C VAL A 54 -3.69 40.47 -18.45
N PRO A 55 -4.94 40.00 -18.59
CA PRO A 55 -5.39 38.99 -17.63
C PRO A 55 -5.01 37.57 -18.04
N ARG A 56 -5.27 36.59 -17.17
CA ARG A 56 -4.92 35.20 -17.47
C ARG A 56 -5.85 34.57 -18.49
N GLY A 57 -5.49 33.41 -19.02
CA GLY A 57 -6.32 32.73 -20.00
C GLY A 57 -5.60 31.64 -20.76
N SER A 58 -6.17 31.22 -21.88
CA SER A 58 -5.53 30.21 -22.72
C SER A 58 -5.85 30.42 -24.19
N ILE A 59 -4.89 30.12 -25.06
CA ILE A 59 -5.09 30.31 -26.49
C ILE A 59 -4.57 29.13 -27.31
N VAL A 60 -5.12 28.95 -28.51
CA VAL A 60 -4.67 27.88 -29.37
C VAL A 60 -3.61 28.38 -30.33
N LEU A 61 -2.41 27.83 -30.22
CA LEU A 61 -1.32 28.26 -31.08
C LEU A 61 -1.27 27.50 -32.38
N GLY A 62 -1.13 28.21 -33.49
CA GLY A 62 -1.07 27.60 -34.80
C GLY A 62 -2.38 27.65 -35.54
N ASN A 63 -2.30 27.40 -36.85
CA ASN A 63 -3.46 27.38 -37.72
C ASN A 63 -3.63 25.98 -38.29
N LYS A 64 -4.88 25.55 -38.41
CA LYS A 64 -5.15 24.16 -38.74
C LYS A 64 -5.26 23.89 -40.24
N GLU A 65 -5.57 24.90 -41.05
CA GLU A 65 -5.71 24.72 -42.49
C GLU A 65 -4.52 25.32 -43.20
N ALA A 66 -3.68 24.46 -43.78
CA ALA A 66 -2.49 24.94 -44.47
C ALA A 66 -2.86 25.61 -45.78
N ASP A 67 -2.15 26.68 -46.10
CA ASP A 67 -2.39 27.39 -47.36
C ASP A 67 -2.04 26.48 -48.53
N SER A 68 -2.95 26.38 -49.49
CA SER A 68 -2.75 25.46 -50.60
C SER A 68 -1.56 25.87 -51.47
N LEU A 69 -1.39 27.18 -51.67
CA LEU A 69 -0.33 27.65 -52.57
C LEU A 69 1.04 27.42 -51.95
N TRP A 70 1.30 28.05 -50.81
CA TRP A 70 2.57 27.89 -50.13
C TRP A 70 2.71 26.45 -49.62
N GLY A 71 3.95 26.02 -49.44
CA GLY A 71 4.18 24.64 -49.06
C GLY A 71 4.24 24.36 -47.59
N ILE A 72 3.93 25.34 -46.74
CA ILE A 72 4.03 25.15 -45.30
C ILE A 72 2.95 24.19 -44.77
N PRO A 73 3.37 23.10 -44.12
CA PRO A 73 2.36 22.21 -43.55
C PRO A 73 1.74 22.78 -42.28
N ALA A 74 0.70 22.10 -41.82
CA ALA A 74 -0.06 22.56 -40.66
C ALA A 74 0.71 22.34 -39.36
N GLU A 75 0.20 22.94 -38.29
CA GLU A 75 0.75 22.78 -36.95
C GLU A 75 -0.24 23.35 -35.94
N SER A 76 -0.30 22.73 -34.76
CA SER A 76 -1.21 23.21 -33.72
C SER A 76 -0.71 22.73 -32.36
N ARG A 77 -0.93 23.55 -31.32
CA ARG A 77 -0.63 23.16 -29.94
C ARG A 77 -1.26 24.19 -28.99
N PRO A 78 -1.94 23.71 -27.92
CA PRO A 78 -2.50 24.67 -26.98
C PRO A 78 -1.61 24.98 -25.80
N ILE A 79 -1.74 26.16 -25.23
CA ILE A 79 -0.93 26.62 -24.10
C ILE A 79 -1.76 27.52 -23.20
N SER A 80 -1.13 27.92 -22.08
CA SER A 80 -1.75 28.83 -21.13
C SER A 80 -0.61 29.74 -20.63
N VAL A 81 -0.91 30.95 -20.20
CA VAL A 81 0.10 31.91 -19.77
C VAL A 81 -0.43 32.70 -18.58
N ASP A 82 0.49 33.20 -17.77
CA ASP A 82 0.20 33.94 -16.55
C ASP A 82 -0.12 35.40 -16.87
N ALA A 83 -0.11 36.24 -15.83
CA ALA A 83 -0.41 37.65 -16.01
C ALA A 83 0.86 38.47 -16.17
N PHE A 84 0.75 39.63 -16.83
CA PHE A 84 1.90 40.48 -17.08
C PHE A 84 1.55 41.82 -17.70
N TRP A 85 2.26 42.89 -17.33
CA TRP A 85 2.03 44.21 -17.90
C TRP A 85 2.67 44.28 -19.28
N MET A 86 2.41 45.37 -19.98
CA MET A 86 2.99 45.54 -21.31
C MET A 86 3.00 46.99 -21.74
N ASP A 87 3.91 47.34 -22.65
CA ASP A 87 4.02 48.69 -23.17
C ASP A 87 2.93 48.97 -24.19
N ARG A 88 2.28 50.13 -24.05
CA ARG A 88 1.21 50.47 -24.98
C ARG A 88 1.77 50.69 -26.39
N THR A 89 2.79 51.52 -26.51
CA THR A 89 3.37 51.86 -27.80
C THR A 89 4.80 51.34 -27.88
N GLU A 90 5.31 51.19 -29.10
CA GLU A 90 6.70 50.80 -29.25
C GLU A 90 7.61 51.86 -28.65
N ILE A 91 8.86 51.48 -28.40
CA ILE A 91 9.79 52.40 -27.79
C ILE A 91 10.06 53.54 -28.76
N THR A 92 9.67 54.75 -28.39
CA THR A 92 9.78 55.90 -29.26
C THR A 92 11.24 56.35 -29.38
N ASN A 93 11.46 57.45 -30.10
CA ASN A 93 12.82 58.00 -30.22
C ASN A 93 13.23 58.78 -28.99
N ALA A 94 12.29 59.45 -28.33
CA ALA A 94 12.66 60.30 -27.20
C ALA A 94 13.34 59.50 -26.09
N GLN A 95 12.82 58.30 -25.81
CA GLN A 95 13.37 57.52 -24.71
C GLN A 95 14.77 57.01 -25.03
N TYR A 96 14.98 56.52 -26.25
CA TYR A 96 16.33 56.08 -26.60
C TYR A 96 17.29 57.25 -26.56
N ARG A 97 16.85 58.44 -26.98
CA ARG A 97 17.73 59.59 -26.88
C ARG A 97 18.08 59.91 -25.43
N GLN A 98 17.11 59.77 -24.53
CA GLN A 98 17.41 60.04 -23.12
C GLN A 98 18.44 59.04 -22.59
N PHE A 99 18.35 57.79 -23.02
CA PHE A 99 19.32 56.80 -22.59
C PHE A 99 20.71 57.13 -23.15
N VAL A 100 20.76 57.62 -24.38
CA VAL A 100 22.04 57.99 -24.97
C VAL A 100 22.66 59.16 -24.21
N TYR A 101 21.84 60.15 -23.86
CA TYR A 101 22.38 61.27 -23.09
C TYR A 101 22.90 60.84 -21.73
N TYR A 102 22.20 59.91 -21.07
CA TYR A 102 22.69 59.46 -19.77
C TYR A 102 24.05 58.78 -19.90
N VAL A 103 24.20 57.91 -20.91
CA VAL A 103 25.48 57.24 -21.07
C VAL A 103 26.59 58.24 -21.38
N ARG A 104 26.29 59.23 -22.21
CA ARG A 104 27.30 60.24 -22.54
C ARG A 104 27.70 61.02 -21.29
N ASP A 105 26.74 61.39 -20.45
CA ASP A 105 27.07 62.13 -19.23
C ASP A 105 27.93 61.30 -18.30
N SER A 106 27.63 60.00 -18.17
CA SER A 106 28.46 59.15 -17.33
C SER A 106 29.90 59.12 -17.85
N ILE A 107 30.08 58.93 -19.16
CA ILE A 107 31.46 58.87 -19.66
C ILE A 107 32.16 60.21 -19.51
N ILE A 108 31.44 61.32 -19.68
CA ILE A 108 32.07 62.63 -19.53
C ILE A 108 32.58 62.81 -18.11
N ARG A 109 31.73 62.52 -17.12
CA ARG A 109 32.15 62.69 -15.74
C ARG A 109 33.29 61.73 -15.38
N GLU A 110 33.31 60.55 -15.99
CA GLU A 110 34.47 59.69 -15.84
C GLU A 110 35.73 60.39 -16.37
N ARG A 111 35.65 60.95 -17.56
CA ARG A 111 36.84 61.55 -18.17
C ARG A 111 37.33 62.74 -17.37
N LEU A 112 36.43 63.43 -16.67
CA LEU A 112 36.85 64.63 -15.97
C LEU A 112 37.91 64.33 -14.92
N ALA A 113 37.74 63.26 -14.16
CA ALA A 113 38.67 62.93 -13.07
C ALA A 113 39.61 61.80 -13.48
N ASP A 114 40.61 62.16 -14.27
CA ASP A 114 41.65 61.23 -14.68
C ASP A 114 42.99 61.94 -14.64
N PRO A 115 44.08 61.22 -14.38
CA PRO A 115 45.38 61.90 -14.22
C PRO A 115 45.82 62.66 -15.44
N ALA A 116 45.40 62.23 -16.63
CA ALA A 116 45.82 62.92 -17.85
C ALA A 116 45.23 64.31 -17.95
N TYR A 117 43.92 64.43 -17.73
CA TYR A 117 43.21 65.68 -17.92
C TYR A 117 43.11 66.50 -16.64
N GLY A 118 43.77 66.07 -15.57
CA GLY A 118 43.66 66.74 -14.29
C GLY A 118 42.56 66.13 -13.45
N GLY A 119 42.92 65.55 -12.31
CA GLY A 119 41.96 64.90 -11.43
C GLY A 119 41.36 65.91 -10.46
N ASN A 120 40.04 66.00 -10.49
CA ASN A 120 39.30 66.83 -9.55
C ASN A 120 38.74 65.93 -8.46
N GLU A 121 39.12 66.22 -7.22
CA GLU A 121 38.67 65.40 -6.10
C GLU A 121 37.21 65.64 -5.74
N GLU A 122 36.59 66.69 -6.27
CA GLU A 122 35.23 67.05 -5.91
C GLU A 122 34.17 66.23 -6.63
N TYR A 123 34.48 65.71 -7.82
CA TYR A 123 33.48 65.00 -8.60
C TYR A 123 33.40 63.52 -8.25
N LYS A 124 34.39 62.98 -7.57
CA LYS A 124 34.38 61.58 -7.13
C LYS A 124 34.63 61.54 -5.62
N ILE A 125 33.76 60.83 -4.91
CA ILE A 125 33.76 60.85 -3.44
C ILE A 125 33.94 59.43 -2.93
N THR A 126 34.87 59.27 -1.99
CA THR A 126 35.03 58.01 -1.28
C THR A 126 34.93 58.18 0.23
N GLU A 127 34.92 59.41 0.72
CA GLU A 127 34.86 59.68 2.15
C GLU A 127 33.40 59.87 2.56
N ASN A 128 32.94 59.10 3.54
CA ASN A 128 31.57 59.22 4.00
C ASN A 128 31.34 60.56 4.68
N LYS A 129 30.09 61.00 4.72
CA LYS A 129 29.77 62.24 5.39
C LYS A 129 30.18 62.17 6.86
N PHE A 130 29.94 61.02 7.51
CA PHE A 130 30.47 60.79 8.84
C PHE A 130 31.99 60.69 8.85
N GLY A 131 32.62 60.31 7.75
CA GLY A 131 34.07 60.34 7.64
C GLY A 131 34.81 59.06 7.33
N GLU A 132 34.11 58.00 6.98
CA GLU A 132 34.79 56.71 6.74
C GLU A 132 35.13 56.36 5.28
N PRO A 133 36.10 55.44 5.08
CA PRO A 133 36.43 55.05 3.69
C PRO A 133 35.62 53.84 3.22
N VAL A 134 35.03 53.99 2.02
CA VAL A 134 34.23 52.94 1.40
C VAL A 134 34.59 52.86 -0.07
N THR A 135 33.92 51.96 -0.79
CA THR A 135 34.16 51.78 -2.22
C THR A 135 33.81 53.04 -2.98
N PRO A 136 34.58 53.42 -4.00
CA PRO A 136 34.32 54.66 -4.73
C PRO A 136 33.11 54.54 -5.64
N HIS A 137 32.64 55.69 -6.09
CA HIS A 137 31.64 55.78 -7.14
C HIS A 137 31.76 57.15 -7.78
N LEU A 138 30.75 57.52 -8.56
CA LEU A 138 30.70 58.82 -9.21
C LEU A 138 29.50 59.60 -8.68
N ASP A 139 29.70 60.90 -8.45
CA ASP A 139 28.68 61.75 -7.86
C ASP A 139 27.82 62.36 -8.96
N TRP A 140 26.51 62.44 -8.72
CA TRP A 140 25.56 62.95 -9.70
C TRP A 140 24.92 64.26 -9.26
N SER A 141 25.61 65.06 -8.45
CA SER A 141 25.06 66.32 -7.97
C SER A 141 26.00 67.49 -8.20
N LYS A 142 26.74 67.46 -9.31
CA LYS A 142 27.56 68.59 -9.71
C LYS A 142 27.30 68.87 -11.19
N PRO A 143 26.79 70.05 -11.53
CA PRO A 143 26.47 70.32 -12.94
C PRO A 143 27.69 70.31 -13.84
N ILE A 144 27.51 69.79 -15.04
CA ILE A 144 28.58 69.76 -16.04
C ILE A 144 28.91 71.17 -16.46
N PRO A 145 30.18 71.51 -16.68
CA PRO A 145 30.50 72.85 -17.19
C PRO A 145 29.96 73.05 -18.60
N SER A 146 29.67 74.32 -18.92
CA SER A 146 29.18 74.67 -20.24
C SER A 146 30.30 74.62 -21.27
N GLU A 147 29.95 74.82 -22.54
CA GLU A 147 30.89 74.60 -23.63
C GLU A 147 32.07 75.57 -23.56
N LYS A 148 31.80 76.86 -23.42
CA LYS A 148 32.85 77.86 -23.42
C LYS A 148 33.09 78.48 -22.04
N ARG A 149 32.18 78.29 -21.10
CA ARG A 149 32.30 78.94 -19.80
C ARG A 149 33.25 78.20 -18.87
N ALA A 150 33.74 77.04 -19.29
CA ALA A 150 34.65 76.26 -18.47
C ALA A 150 36.09 76.75 -18.63
N THR A 151 36.99 76.02 -17.99
CA THR A 151 38.40 76.34 -18.15
C THR A 151 38.87 75.66 -19.41
N GLU A 152 40.10 75.93 -19.81
CA GLU A 152 40.66 75.39 -21.04
C GLU A 152 40.77 73.86 -21.01
N GLU A 153 41.36 73.33 -19.93
CA GLU A 153 41.53 71.89 -19.81
C GLU A 153 40.18 71.19 -19.76
N GLU A 154 39.20 71.79 -19.10
CA GLU A 154 37.87 71.20 -19.10
C GLU A 154 37.29 71.16 -20.51
N ILE A 155 37.52 72.20 -21.31
CA ILE A 155 37.02 72.18 -22.68
C ILE A 155 37.70 71.07 -23.47
N ALA A 156 39.00 70.90 -23.30
CA ALA A 156 39.70 69.82 -23.99
C ALA A 156 39.23 68.45 -23.51
N ALA A 157 38.76 68.37 -22.27
CA ALA A 157 38.20 67.12 -21.77
C ALA A 157 36.83 66.86 -22.36
N ILE A 158 35.98 67.87 -22.41
CA ILE A 158 34.63 67.70 -22.96
C ILE A 158 34.72 67.29 -24.41
N ASN A 159 35.60 67.93 -25.18
CA ASN A 159 35.70 67.67 -26.59
C ASN A 159 36.23 66.27 -26.90
N SER A 160 36.46 65.44 -25.88
CA SER A 160 37.17 64.17 -26.10
C SER A 160 36.26 63.13 -26.74
N VAL A 161 34.97 63.18 -26.44
CA VAL A 161 34.04 62.15 -26.94
C VAL A 161 33.43 62.50 -28.29
N TYR A 162 33.32 63.79 -28.59
CA TYR A 162 32.73 64.22 -29.85
C TYR A 162 33.54 63.78 -31.07
N TYR A 163 32.97 63.94 -32.25
CA TYR A 163 33.68 63.59 -33.48
C TYR A 163 33.64 64.74 -34.48
N THR A 164 34.70 64.88 -35.26
CA THR A 164 34.74 65.94 -36.27
C THR A 164 35.08 65.36 -37.63
N ASN A 165 34.48 65.91 -38.68
CA ASN A 165 34.71 65.42 -40.03
C ASN A 165 35.31 66.52 -40.88
N PRO A 166 36.54 66.38 -41.38
CA PRO A 166 37.17 67.51 -42.11
C PRO A 166 36.44 67.92 -43.37
N VAL A 167 35.79 66.98 -44.05
CA VAL A 167 35.16 67.30 -45.34
C VAL A 167 33.83 68.03 -45.25
N THR A 168 33.04 67.77 -44.21
CA THR A 168 31.71 68.35 -44.12
C THR A 168 31.52 69.24 -42.91
N HIS A 169 32.42 69.17 -41.92
CA HIS A 169 32.38 70.04 -40.74
C HIS A 169 31.07 69.88 -39.97
N ASP A 170 30.86 68.69 -39.43
CA ASP A 170 29.74 68.42 -38.55
C ASP A 170 30.23 67.66 -37.33
N ARG A 171 29.60 67.89 -36.18
CA ARG A 171 30.00 67.19 -34.97
C ARG A 171 28.97 66.12 -34.58
N LYS A 172 29.45 64.92 -34.29
CA LYS A 172 28.54 63.83 -33.92
C LYS A 172 29.16 62.92 -32.87
N LEU A 173 28.31 62.23 -32.11
CA LEU A 173 28.81 61.32 -31.08
C LEU A 173 29.59 60.16 -31.69
N ASN A 174 30.87 60.07 -31.37
CA ASN A 174 31.68 58.97 -31.86
C ASN A 174 30.97 57.64 -31.64
N PRO A 175 30.85 56.79 -32.66
CA PRO A 175 30.08 55.55 -32.49
C PRO A 175 30.76 54.55 -31.59
N ASP A 176 32.10 54.47 -31.62
CA ASP A 176 32.83 53.38 -30.99
C ASP A 176 33.24 53.71 -29.56
N GLN A 177 33.12 54.95 -29.14
CA GLN A 177 33.57 55.35 -27.80
C GLN A 177 32.46 55.30 -26.76
N MET A 178 31.25 54.91 -27.12
CA MET A 178 30.16 54.75 -26.17
C MET A 178 29.96 53.25 -25.94
N VAL A 179 30.26 52.81 -24.72
CA VAL A 179 30.09 51.42 -24.33
C VAL A 179 29.37 51.40 -22.99
N TYR A 180 28.79 50.25 -22.66
CA TYR A 180 27.98 50.12 -21.46
C TYR A 180 28.10 48.70 -20.93
N ARG A 181 28.56 48.56 -19.68
CA ARG A 181 28.75 47.26 -19.06
C ARG A 181 27.70 47.05 -17.99
N TYR A 182 26.93 45.98 -18.11
CA TYR A 182 25.85 45.68 -17.17
C TYR A 182 25.99 44.23 -16.72
N GLU A 183 25.86 44.01 -15.41
CA GLU A 183 26.07 42.71 -14.80
C GLU A 183 24.73 42.08 -14.42
N VAL A 184 24.48 40.88 -14.90
CA VAL A 184 23.24 40.17 -14.59
C VAL A 184 23.57 38.77 -14.10
N TYR A 185 22.74 38.28 -13.18
CA TYR A 185 22.88 36.94 -12.61
C TYR A 185 22.01 35.96 -13.39
N ASP A 186 22.13 34.67 -13.08
CA ASP A 186 21.40 33.63 -13.79
C ASP A 186 20.81 32.68 -12.75
N TYR A 187 19.60 32.98 -12.28
CA TYR A 187 19.02 32.20 -11.20
C TYR A 187 18.64 30.79 -11.65
N ARG A 188 18.02 30.67 -12.82
CA ARG A 188 17.48 29.38 -13.21
C ARG A 188 18.58 28.35 -13.42
N SER A 189 19.77 28.79 -13.82
CA SER A 189 20.87 27.86 -14.00
C SER A 189 21.57 27.52 -12.69
N ALA A 190 21.22 28.17 -11.59
CA ALA A 190 21.80 27.89 -10.29
C ALA A 190 20.89 27.09 -9.38
N ALA A 191 19.84 26.49 -9.93
CA ALA A 191 18.93 25.68 -9.13
C ALA A 191 18.66 24.30 -9.70
N LEU A 192 19.38 23.91 -10.74
CA LEU A 192 19.24 22.56 -11.27
C LEU A 192 19.86 21.57 -10.30
N ARG A 193 19.39 20.32 -10.30
CA ARG A 193 19.87 19.36 -9.31
C ARG A 193 21.34 19.06 -9.52
N GLU A 194 21.82 19.11 -10.75
CA GLU A 194 23.26 18.95 -10.98
C GLU A 194 24.12 20.14 -10.59
N HIS A 195 23.54 21.33 -10.45
CA HIS A 195 24.34 22.53 -10.18
C HIS A 195 24.66 22.85 -8.71
N GLN A 196 24.15 22.06 -7.76
CA GLN A 196 24.37 22.33 -6.34
C GLN A 196 25.83 22.11 -6.00
N LEU A 197 26.31 22.72 -4.92
CA LEU A 197 27.74 22.59 -4.63
C LEU A 197 28.07 21.28 -3.93
N LYS A 198 27.50 21.06 -2.74
CA LYS A 198 27.90 19.91 -1.93
C LYS A 198 27.54 18.61 -2.63
N ALA A 199 28.48 17.65 -2.60
CA ALA A 199 28.36 16.45 -3.43
C ALA A 199 27.27 15.50 -2.95
N ALA A 200 26.75 15.71 -1.74
CA ALA A 200 25.75 14.79 -1.21
C ALA A 200 24.39 14.96 -1.85
N LYS A 201 24.08 16.14 -2.37
CA LYS A 201 22.74 16.44 -2.87
C LYS A 201 22.59 16.27 -4.37
N ARG A 202 23.61 15.75 -5.06
CA ARG A 202 23.54 15.68 -6.52
C ARG A 202 22.61 14.57 -6.98
N ASN A 203 22.63 13.43 -6.32
CA ASN A 203 21.78 12.30 -6.69
C ASN A 203 21.11 11.76 -5.43
N LEU A 204 19.81 11.51 -5.50
CA LEU A 204 19.06 11.09 -4.33
C LEU A 204 18.95 9.58 -4.19
N ASN A 205 19.27 8.80 -5.22
CA ASN A 205 19.19 7.35 -5.10
C ASN A 205 20.26 6.82 -4.15
N THR A 206 19.93 5.74 -3.45
CA THR A 206 20.92 5.14 -2.54
C THR A 206 21.64 3.97 -3.18
N ASP A 207 21.13 3.43 -4.29
CA ASP A 207 21.85 2.37 -4.98
C ASP A 207 23.04 2.89 -5.77
N ILE A 208 22.97 4.13 -6.26
CA ILE A 208 24.08 4.74 -6.98
C ILE A 208 24.75 5.71 -6.03
N LYS A 209 25.95 5.35 -5.57
CA LYS A 209 26.75 6.24 -4.75
C LYS A 209 27.32 7.35 -5.62
N VAL A 210 27.93 8.33 -4.96
CA VAL A 210 28.60 9.43 -5.66
C VAL A 210 30.04 9.48 -5.15
N ASP A 211 30.99 9.37 -6.08
CA ASP A 211 32.39 9.51 -5.71
C ASP A 211 32.68 10.95 -5.29
N PRO A 212 33.60 11.15 -4.34
CA PRO A 212 33.91 12.52 -3.92
C PRO A 212 34.41 13.41 -5.06
N ASN A 213 35.19 12.86 -5.99
CA ASN A 213 35.76 13.67 -7.06
C ASN A 213 34.76 13.80 -8.21
N ALA A 214 33.78 14.69 -8.06
CA ALA A 214 32.86 14.97 -9.15
C ALA A 214 33.36 16.16 -9.97
N VAL A 215 33.21 16.06 -11.28
CA VAL A 215 33.63 17.12 -12.21
C VAL A 215 32.43 17.54 -13.03
N VAL A 216 32.03 18.80 -12.91
CA VAL A 216 30.96 19.38 -13.70
C VAL A 216 31.51 20.60 -14.40
N MET A 217 31.32 20.68 -15.71
CA MET A 217 31.88 21.76 -16.49
C MET A 217 30.87 22.88 -16.63
N ILE A 218 31.32 24.11 -16.37
CA ILE A 218 30.46 25.28 -16.40
C ILE A 218 31.15 26.38 -17.20
N SER A 219 30.34 27.28 -17.77
CA SER A 219 30.87 28.34 -18.62
C SER A 219 30.18 29.67 -18.34
N LYS A 220 30.96 30.74 -18.38
CA LYS A 220 30.50 32.09 -18.09
C LYS A 220 31.00 33.03 -19.17
N ASP A 221 30.63 34.31 -19.05
CA ASP A 221 31.08 35.34 -19.97
C ASP A 221 31.60 36.53 -19.20
N THR A 222 32.78 37.02 -19.57
CA THR A 222 33.35 38.23 -19.02
C THR A 222 34.07 38.98 -20.14
N ALA A 223 34.16 40.30 -19.97
CA ALA A 223 34.78 41.15 -20.98
C ALA A 223 35.82 42.04 -20.32
N PHE A 224 37.00 42.08 -20.93
CA PHE A 224 38.19 42.65 -20.31
C PHE A 224 38.64 43.83 -21.13
N VAL A 225 38.80 44.98 -20.49
CA VAL A 225 39.31 46.17 -21.17
C VAL A 225 40.80 46.14 -20.90
N ASP A 226 41.61 46.23 -21.95
CA ASP A 226 43.04 46.10 -21.80
C ASP A 226 43.72 47.46 -21.84
N GLU A 227 45.06 47.44 -21.89
CA GLU A 227 45.86 48.65 -21.70
C GLU A 227 45.61 49.69 -22.78
N SER A 228 45.56 49.26 -24.05
CA SER A 228 45.53 50.20 -25.17
C SER A 228 44.13 50.69 -25.51
N GLY A 229 43.08 50.10 -24.95
CA GLY A 229 41.73 50.59 -25.18
C GLY A 229 40.91 49.79 -26.17
N ASN A 230 41.07 48.48 -26.22
CA ASN A 230 40.26 47.62 -27.07
C ASN A 230 39.42 46.68 -26.22
N ILE A 231 38.18 46.45 -26.66
CA ILE A 231 37.30 45.54 -25.94
C ILE A 231 37.43 44.11 -26.45
N ILE A 232 37.80 43.19 -25.57
CA ILE A 232 37.98 41.80 -25.94
C ILE A 232 37.02 40.97 -25.10
N SER A 233 36.25 40.11 -25.76
CA SER A 233 35.27 39.26 -25.09
C SER A 233 35.65 37.81 -25.28
N GLU A 234 35.67 37.05 -24.18
CA GLU A 234 36.08 35.66 -24.21
C GLU A 234 35.16 34.83 -23.32
N THR A 235 35.06 33.55 -23.64
CA THR A 235 34.29 32.58 -22.85
C THR A 235 35.25 31.59 -22.23
N ILE A 236 35.18 31.46 -20.90
CA ILE A 236 36.08 30.58 -20.16
C ILE A 236 35.27 29.42 -19.60
N THR A 237 35.85 28.23 -19.64
CA THR A 237 35.24 27.04 -19.08
C THR A 237 36.16 26.48 -18.00
N ARG A 238 35.64 26.38 -16.78
CA ARG A 238 36.44 25.99 -15.63
C ARG A 238 35.62 25.12 -14.69
N PRO A 239 36.26 24.29 -13.88
CA PRO A 239 35.51 23.38 -13.00
C PRO A 239 34.66 24.12 -11.99
N LEU A 240 33.56 23.50 -11.60
CA LEU A 240 32.59 24.09 -10.67
C LEU A 240 33.14 24.00 -9.26
N SER A 241 33.61 25.13 -8.72
CA SER A 241 34.15 25.15 -7.38
C SER A 241 33.39 26.08 -6.44
N SER A 242 33.22 27.35 -6.81
CA SER A 242 32.51 28.31 -6.00
C SER A 242 31.48 29.02 -6.87
N GLU A 243 30.64 29.83 -6.24
CA GLU A 243 29.45 30.28 -6.94
C GLU A 243 29.66 31.50 -7.82
N TYR A 244 30.85 32.09 -7.85
CA TYR A 244 31.05 33.22 -8.75
C TYR A 244 30.82 32.85 -10.21
N ASP A 245 30.86 31.56 -10.54
CA ASP A 245 30.87 31.15 -11.94
C ASP A 245 29.57 31.50 -12.65
N PHE A 246 28.47 31.65 -11.91
CA PHE A 246 27.21 31.93 -12.57
C PHE A 246 27.08 33.38 -13.00
N LEU A 247 27.98 34.26 -12.54
CA LEU A 247 27.89 35.68 -12.86
C LEU A 247 28.25 35.93 -14.33
N ASN A 248 27.52 36.85 -14.96
CA ASN A 248 27.79 37.25 -16.34
C ASN A 248 27.96 38.76 -16.43
N THR A 249 28.81 39.20 -17.36
CA THR A 249 29.00 40.62 -17.62
C THR A 249 29.31 40.80 -19.10
N TYR A 250 28.70 41.81 -19.71
CA TYR A 250 28.81 42.04 -21.14
C TYR A 250 29.32 43.45 -21.39
N ILE A 251 29.69 43.72 -22.63
CA ILE A 251 30.06 45.05 -23.10
C ILE A 251 29.56 45.20 -24.53
N VAL A 252 28.66 46.14 -24.75
CA VAL A 252 28.03 46.31 -26.06
C VAL A 252 27.95 47.78 -26.45
N PRO A 253 28.35 48.17 -27.66
CA PRO A 253 28.13 49.54 -28.11
C PRO A 253 26.64 49.83 -28.24
N ILE A 254 26.24 51.06 -27.94
CA ILE A 254 24.82 51.36 -27.91
C ILE A 254 24.27 52.24 -29.02
N TYR A 255 25.13 52.90 -29.79
CA TYR A 255 24.60 53.83 -30.78
C TYR A 255 23.81 53.07 -31.86
N PRO A 256 22.65 53.57 -32.27
CA PRO A 256 21.84 52.83 -33.24
C PRO A 256 22.53 52.72 -34.58
N ASP A 257 22.17 51.68 -35.30
CA ASP A 257 22.80 51.37 -36.58
C ASP A 257 22.03 52.10 -37.68
N GLU A 258 22.30 53.40 -37.80
CA GLU A 258 21.54 54.24 -38.72
C GLU A 258 21.94 54.04 -40.18
N THR A 259 23.07 53.39 -40.45
CA THR A 259 23.46 53.14 -41.83
C THR A 259 22.71 51.98 -42.44
N CYS A 260 21.59 51.55 -41.84
CA CYS A 260 20.86 50.40 -42.35
C CYS A 260 20.04 50.76 -43.58
N TRP A 261 19.49 51.98 -43.62
CA TRP A 261 18.58 52.37 -44.68
C TRP A 261 19.20 52.19 -46.06
N VAL A 262 20.42 52.70 -46.24
CA VAL A 262 21.04 52.62 -47.54
C VAL A 262 21.41 51.18 -47.88
N ASN A 263 21.92 50.44 -46.90
CA ASN A 263 22.40 49.10 -47.17
C ASN A 263 21.32 48.09 -47.50
N ASP A 264 20.17 48.20 -46.86
CA ASP A 264 19.13 47.20 -47.07
C ASP A 264 18.54 47.28 -48.48
N PHE A 265 18.30 48.49 -48.98
CA PHE A 265 17.67 48.69 -50.27
C PHE A 265 18.72 49.10 -51.29
N PRO A 266 18.97 48.32 -52.34
CA PRO A 266 19.91 48.72 -53.37
C PRO A 266 19.23 49.44 -54.53
N ASN A 267 19.97 50.36 -55.16
CA ASN A 267 19.45 51.12 -56.31
C ASN A 267 18.17 51.89 -56.00
N ALA A 268 18.13 52.52 -54.83
CA ALA A 268 16.97 53.32 -54.47
C ALA A 268 17.44 54.55 -53.70
N ARG A 269 16.75 55.67 -53.89
CA ARG A 269 17.14 56.88 -53.20
C ARG A 269 16.60 56.92 -51.77
N THR A 270 17.18 56.12 -50.81
CA THR A 270 16.80 56.16 -49.39
C THR A 270 17.67 57.08 -48.54
N GLU A 271 18.61 57.77 -49.16
CA GLU A 271 19.57 58.60 -48.41
C GLU A 271 18.90 59.74 -47.66
N ILE A 272 17.68 60.08 -48.05
CA ILE A 272 16.98 61.16 -47.39
C ILE A 272 16.69 60.85 -45.92
N TYR A 273 16.36 59.60 -45.62
CA TYR A 273 16.01 59.25 -44.24
C TYR A 273 17.18 59.03 -43.29
N THR A 274 18.32 58.56 -43.80
CA THR A 274 19.45 58.25 -42.90
C THR A 274 19.83 59.41 -42.03
N ARG A 275 20.16 60.52 -42.66
CA ARG A 275 20.59 61.66 -41.91
C ARG A 275 19.50 62.17 -41.01
N MET A 276 18.24 62.17 -41.44
CA MET A 276 17.19 62.78 -40.62
C MET A 276 16.52 61.88 -39.57
N TYR A 277 16.22 60.64 -39.92
CA TYR A 277 15.47 59.75 -39.00
C TYR A 277 15.76 59.85 -37.50
N PHE A 278 17.01 59.99 -37.09
CA PHE A 278 17.34 59.98 -35.67
C PHE A 278 17.59 61.35 -35.08
N ASN A 279 17.84 62.34 -35.92
CA ASN A 279 18.19 63.67 -35.41
C ASN A 279 17.07 64.72 -35.43
N HIS A 280 16.40 64.90 -36.56
CA HIS A 280 15.38 65.94 -36.67
C HIS A 280 14.31 65.91 -35.56
N PRO A 281 14.00 67.07 -34.96
CA PRO A 281 13.04 67.02 -33.85
C PRO A 281 11.59 66.69 -34.19
N GLY A 282 11.23 66.70 -35.48
CA GLY A 282 9.86 66.43 -35.88
C GLY A 282 9.55 64.95 -36.08
N TYR A 283 10.51 64.10 -35.74
CA TYR A 283 10.29 62.65 -35.84
C TYR A 283 10.50 62.01 -34.49
N ASP A 284 10.55 62.83 -33.45
CA ASP A 284 10.78 62.33 -32.09
C ASP A 284 9.80 61.21 -31.69
N ASP A 285 8.53 61.36 -32.06
CA ASP A 285 7.45 60.41 -31.74
C ASP A 285 7.17 59.42 -32.89
N TYR A 286 8.16 59.22 -33.76
CA TYR A 286 8.03 58.20 -34.80
C TYR A 286 8.81 56.97 -34.31
N PRO A 287 8.59 55.80 -34.91
CA PRO A 287 9.22 54.57 -34.41
C PRO A 287 10.75 54.52 -34.53
N VAL A 288 11.40 53.74 -33.67
CA VAL A 288 12.85 53.57 -33.76
C VAL A 288 13.18 52.51 -34.79
N VAL A 289 14.43 52.42 -35.23
CA VAL A 289 14.76 51.47 -36.29
C VAL A 289 16.24 51.14 -36.22
N GLY A 290 16.56 49.87 -36.46
CA GLY A 290 17.94 49.43 -36.58
C GLY A 290 18.54 48.85 -35.32
N ILE A 291 17.77 48.72 -34.25
CA ILE A 291 18.32 48.21 -33.00
C ILE A 291 18.50 46.71 -33.11
N SER A 292 19.73 46.23 -32.85
CA SER A 292 19.98 44.80 -32.86
C SER A 292 19.51 44.16 -31.56
N TRP A 293 19.64 42.85 -31.45
CA TRP A 293 19.17 42.14 -30.26
C TRP A 293 19.91 42.57 -29.03
N GLU A 294 21.21 42.70 -29.14
CA GLU A 294 22.02 43.00 -27.97
C GLU A 294 21.62 44.33 -27.37
N GLN A 295 21.70 45.41 -28.14
CA GLN A 295 21.32 46.73 -27.67
C GLN A 295 19.92 46.70 -27.04
N ALA A 296 19.04 45.86 -27.57
CA ALA A 296 17.71 45.74 -26.96
C ALA A 296 17.81 45.22 -25.55
N GLN A 297 18.60 44.17 -25.34
CA GLN A 297 18.79 43.68 -23.97
C GLN A 297 19.46 44.73 -23.10
N ALA A 298 20.38 45.51 -23.67
CA ALA A 298 21.07 46.53 -22.88
C ALA A 298 20.09 47.58 -22.38
N PHE A 299 19.17 48.03 -23.25
CA PHE A 299 18.17 48.98 -22.80
C PHE A 299 17.25 48.36 -21.77
N CYS A 300 16.83 47.12 -22.01
CA CYS A 300 15.93 46.45 -21.07
C CYS A 300 16.58 46.31 -19.70
N ALA A 301 17.91 46.10 -19.68
CA ALA A 301 18.60 45.96 -18.41
C ALA A 301 18.84 47.32 -17.75
N TRP A 302 18.99 48.36 -18.56
CA TRP A 302 19.25 49.67 -18.00
C TRP A 302 18.01 50.21 -17.31
N ARG A 303 16.83 49.88 -17.84
CA ARG A 303 15.63 50.45 -17.26
C ARG A 303 15.50 50.13 -15.77
N SER A 304 15.99 48.96 -15.35
CA SER A 304 15.81 48.52 -13.97
C SER A 304 16.54 49.43 -12.99
N GLU A 305 17.76 49.85 -13.30
CA GLU A 305 18.51 50.68 -12.37
C GLU A 305 17.86 52.03 -12.19
N PHE A 306 17.41 52.64 -13.29
CA PHE A 306 16.77 53.95 -13.21
C PHE A 306 15.46 53.86 -12.44
N PHE A 307 14.74 52.75 -12.61
CA PHE A 307 13.53 52.56 -11.82
C PHE A 307 13.86 52.41 -10.34
N ARG A 308 14.73 51.48 -9.98
CA ARG A 308 14.96 51.20 -8.56
C ARG A 308 15.60 52.35 -7.80
N LYS A 309 16.59 53.00 -8.38
CA LYS A 309 17.30 54.03 -7.62
C LYS A 309 16.35 55.07 -7.08
N GLY A 310 15.14 55.15 -7.61
CA GLY A 310 14.21 56.15 -7.14
C GLY A 310 13.20 55.75 -6.08
N ILE A 311 12.78 54.49 -6.12
CA ILE A 311 11.78 54.03 -5.18
C ILE A 311 12.39 53.19 -4.08
N ARG A 312 11.68 53.08 -2.97
CA ARG A 312 12.15 52.23 -1.88
C ARG A 312 11.11 51.17 -1.57
N LEU A 313 11.53 49.90 -1.53
CA LEU A 313 10.67 48.76 -1.21
C LEU A 313 11.37 47.94 -0.13
N PRO A 314 11.25 48.34 1.14
CA PRO A 314 12.08 47.71 2.18
C PRO A 314 11.78 46.25 2.44
N GLU A 315 10.54 45.90 2.78
CA GLU A 315 10.22 44.61 3.38
C GLU A 315 9.47 43.71 2.40
N GLY A 316 10.09 42.58 2.05
CA GLY A 316 9.41 41.50 1.38
C GLY A 316 8.72 41.86 0.08
N GLN A 317 9.37 42.65 -0.76
CA GLN A 317 8.80 42.97 -2.06
C GLN A 317 9.89 42.82 -3.09
N ILE A 318 10.27 41.57 -3.36
CA ILE A 318 11.30 41.32 -4.36
C ILE A 318 10.76 41.74 -5.70
N MET A 319 11.40 42.72 -6.31
CA MET A 319 10.94 43.26 -7.59
C MET A 319 11.54 42.47 -8.74
N ASP A 320 10.75 42.33 -9.81
CA ASP A 320 11.21 41.61 -11.00
C ASP A 320 11.59 42.59 -12.10
N ASP A 321 12.73 42.37 -12.74
CA ASP A 321 13.27 43.26 -13.74
C ASP A 321 12.52 43.13 -15.05
N PHE A 322 12.68 44.14 -15.91
CA PHE A 322 12.07 44.14 -17.22
C PHE A 322 12.80 43.17 -18.14
N ARG A 323 12.10 42.72 -19.18
CA ARG A 323 12.72 41.83 -20.15
C ARG A 323 11.92 41.84 -21.43
N LEU A 324 12.53 41.33 -22.49
CA LEU A 324 11.84 41.18 -23.76
C LEU A 324 10.78 40.10 -23.65
N PRO A 325 9.63 40.26 -24.30
CA PRO A 325 8.56 39.27 -24.16
C PRO A 325 8.94 37.95 -24.79
N THR A 326 8.36 36.88 -24.26
CA THR A 326 8.51 35.57 -24.86
C THR A 326 7.50 35.40 -25.99
N GLU A 327 7.64 34.29 -26.72
CA GLU A 327 6.78 34.05 -27.87
C GLU A 327 5.32 33.88 -27.46
N ALA A 328 5.09 33.04 -26.45
CA ALA A 328 3.72 32.73 -26.05
C ALA A 328 2.99 33.97 -25.56
N GLU A 329 3.68 34.81 -24.78
CA GLU A 329 3.03 36.02 -24.28
C GLU A 329 2.65 36.94 -25.44
N TRP A 330 3.50 37.03 -26.45
CA TRP A 330 3.16 37.84 -27.61
C TRP A 330 1.91 37.31 -28.31
N GLU A 331 1.91 36.03 -28.64
CA GLU A 331 0.75 35.47 -29.30
C GLU A 331 -0.48 35.77 -28.47
N TYR A 332 -0.44 35.45 -27.18
CA TYR A 332 -1.64 35.66 -26.36
C TYR A 332 -2.06 37.12 -26.37
N ALA A 333 -1.10 38.05 -26.46
CA ALA A 333 -1.46 39.45 -26.45
C ALA A 333 -2.17 39.85 -27.74
N ALA A 334 -1.73 39.30 -28.87
CA ALA A 334 -2.29 39.71 -30.15
C ALA A 334 -3.63 39.05 -30.44
N ARG A 335 -3.72 37.72 -30.27
CA ARG A 335 -4.88 36.94 -30.65
C ARG A 335 -6.12 37.27 -29.83
N MET A 336 -6.07 38.31 -29.01
CA MET A 336 -7.28 38.74 -28.30
C MET A 336 -7.88 37.66 -27.41
N GLY A 337 -7.08 36.69 -27.05
CA GLY A 337 -7.55 35.66 -26.14
C GLY A 337 -8.29 34.46 -26.72
N ASP A 338 -9.31 34.71 -27.52
CA ASP A 338 -10.11 33.60 -28.02
C ASP A 338 -9.59 33.16 -29.39
N SER A 339 -9.80 31.88 -29.71
CA SER A 339 -9.10 31.27 -30.83
C SER A 339 -9.72 31.57 -32.18
N ASN A 340 -10.92 32.16 -32.21
CA ASN A 340 -11.57 32.41 -33.50
C ASN A 340 -10.87 33.52 -34.27
N ASN A 341 -10.36 34.54 -33.58
CA ASN A 341 -9.77 35.68 -34.26
C ASN A 341 -8.43 35.29 -34.86
N LYS A 342 -8.34 35.32 -36.20
CA LYS A 342 -7.09 35.06 -36.89
C LYS A 342 -6.34 36.34 -37.22
N TYR A 343 -6.93 37.50 -37.02
CA TYR A 343 -6.31 38.80 -37.18
C TYR A 343 -6.54 39.61 -35.92
N PRO A 344 -5.67 40.56 -35.62
CA PRO A 344 -5.84 41.34 -34.39
C PRO A 344 -6.89 42.43 -34.47
N TRP A 345 -8.06 42.13 -35.02
CA TRP A 345 -9.22 43.00 -34.94
C TRP A 345 -10.48 42.16 -34.87
N SER A 346 -11.62 42.84 -34.80
CA SER A 346 -12.89 42.16 -34.53
C SER A 346 -13.26 41.18 -35.64
N THR A 347 -13.28 41.64 -36.88
CA THR A 347 -13.77 40.83 -37.99
C THR A 347 -12.62 40.05 -38.63
N GLU A 348 -12.89 39.45 -39.79
CA GLU A 348 -11.90 38.71 -40.54
C GLU A 348 -11.64 39.32 -41.92
N ASP A 349 -11.96 40.59 -42.11
CA ASP A 349 -11.71 41.30 -43.36
C ASP A 349 -10.63 42.37 -43.12
N LEU A 350 -9.78 42.58 -44.13
CA LEU A 350 -8.72 43.57 -43.99
C LEU A 350 -9.28 44.98 -44.03
N ARG A 351 -10.26 45.22 -44.87
CA ARG A 351 -10.79 46.57 -44.98
C ARG A 351 -11.77 46.87 -43.87
N THR A 352 -12.16 48.12 -43.75
CA THR A 352 -13.08 48.55 -42.72
C THR A 352 -14.47 48.80 -43.31
N GLY A 353 -15.36 49.36 -42.50
CA GLY A 353 -16.73 49.59 -42.95
C GLY A 353 -16.82 50.47 -44.18
N ARG A 354 -16.06 51.56 -44.21
CA ARG A 354 -16.09 52.50 -45.33
C ARG A 354 -14.67 52.79 -45.82
N GLY A 355 -14.15 51.89 -46.66
CA GLY A 355 -13.00 52.18 -47.50
C GLY A 355 -11.73 52.69 -46.83
N CYS A 356 -11.36 52.12 -45.69
CA CYS A 356 -10.10 52.46 -45.04
C CYS A 356 -9.39 51.19 -44.59
N PHE A 357 -8.07 51.29 -44.44
CA PHE A 357 -7.26 50.17 -44.03
C PHE A 357 -6.90 50.30 -42.55
N LEU A 358 -6.93 49.17 -41.84
CA LEU A 358 -6.64 49.21 -40.41
C LEU A 358 -5.16 49.38 -40.14
N GLY A 359 -4.29 48.67 -40.87
CA GLY A 359 -2.89 48.61 -40.55
C GLY A 359 -2.02 49.26 -41.61
N ASN A 360 -0.83 49.69 -41.15
CA ASN A 360 0.17 50.31 -42.02
C ASN A 360 0.99 49.23 -42.67
N PHE A 361 0.46 48.63 -43.72
CA PHE A 361 1.11 47.56 -44.47
C PHE A 361 0.73 47.70 -45.93
N LYS A 362 1.59 47.18 -46.81
CA LYS A 362 1.35 47.30 -48.25
C LYS A 362 0.26 46.38 -48.78
N PRO A 363 -0.82 46.97 -49.30
CA PRO A 363 -1.90 46.10 -49.76
C PRO A 363 -1.91 45.83 -51.26
N GLY A 364 -1.13 46.58 -52.03
CA GLY A 364 -1.09 46.38 -53.47
C GLY A 364 0.31 46.32 -54.02
N GLU A 365 0.49 45.62 -55.14
CA GLU A 365 1.81 45.54 -55.75
C GLU A 365 2.41 46.92 -55.96
N GLY A 366 3.49 47.23 -55.26
CA GLY A 366 4.13 48.52 -55.38
C GLY A 366 3.20 49.65 -54.96
N ASP A 367 2.09 49.29 -54.33
CA ASP A 367 1.13 50.29 -53.88
C ASP A 367 1.31 50.56 -52.39
N TYR A 368 2.55 50.70 -51.96
CA TYR A 368 2.82 50.95 -50.55
C TYR A 368 1.96 52.07 -49.96
N THR A 369 1.46 52.96 -50.79
CA THR A 369 0.80 54.20 -50.35
C THR A 369 -0.72 54.11 -50.24
N ALA A 370 -1.27 52.91 -50.50
CA ALA A 370 -2.72 52.73 -50.34
C ALA A 370 -3.14 52.72 -48.89
N ASP A 371 -2.21 52.43 -47.98
CA ASP A 371 -2.54 52.35 -46.55
C ASP A 371 -2.47 53.72 -45.87
N GLY A 372 -1.96 54.72 -46.59
CA GLY A 372 -1.85 56.05 -46.03
C GLY A 372 -0.43 56.53 -45.83
N HIS A 373 0.47 55.62 -45.44
CA HIS A 373 1.84 55.99 -45.10
C HIS A 373 2.83 55.05 -45.75
N LEU A 374 3.99 55.60 -46.14
CA LEU A 374 5.02 54.83 -46.82
C LEU A 374 6.10 54.35 -45.86
N ILE A 375 6.65 55.25 -45.05
CA ILE A 375 7.63 54.91 -44.02
C ILE A 375 6.88 54.47 -42.78
N PRO A 376 7.54 53.99 -41.73
CA PRO A 376 6.84 53.75 -40.48
C PRO A 376 6.15 55.01 -39.99
N SER A 377 4.91 54.85 -39.55
CA SER A 377 4.14 56.02 -39.20
C SER A 377 4.09 56.40 -37.76
N ARG A 378 3.39 57.48 -37.48
CA ARG A 378 3.23 57.94 -36.11
C ARG A 378 2.41 56.95 -35.31
N VAL A 379 2.83 56.71 -34.06
CA VAL A 379 2.06 55.82 -33.21
C VAL A 379 0.76 56.49 -32.80
N SER A 380 -0.22 55.66 -32.44
CA SER A 380 -1.58 56.07 -32.07
C SER A 380 -2.38 56.61 -33.25
N SER A 381 -2.00 56.25 -34.48
CA SER A 381 -2.75 56.72 -35.64
C SER A 381 -3.97 55.84 -35.91
N PHE A 382 -3.84 54.53 -35.75
CA PHE A 382 -4.91 53.59 -36.04
C PHE A 382 -5.62 53.19 -34.75
N SER A 383 -6.80 52.58 -34.92
CA SER A 383 -7.64 52.26 -33.78
C SER A 383 -7.04 51.10 -32.97
N PRO A 384 -7.36 51.01 -31.69
CA PRO A 384 -6.79 49.96 -30.85
C PRO A 384 -7.61 48.69 -30.88
N ASN A 385 -7.10 47.64 -30.24
CA ASN A 385 -7.86 46.41 -30.15
C ASN A 385 -8.59 46.42 -28.82
N ASP A 386 -9.23 45.31 -28.46
CA ASP A 386 -10.00 45.26 -27.22
C ASP A 386 -9.17 45.61 -25.99
N PHE A 387 -8.23 44.74 -25.61
CA PHE A 387 -7.42 44.97 -24.43
C PHE A 387 -7.08 46.43 -24.26
N GLY A 388 -6.20 46.92 -25.13
CA GLY A 388 -5.78 48.30 -25.05
C GLY A 388 -4.47 48.51 -25.78
N LEU A 389 -3.84 47.42 -26.21
CA LEU A 389 -2.60 47.54 -26.98
C LEU A 389 -2.83 48.35 -28.25
N TYR A 390 -1.77 48.95 -28.78
CA TYR A 390 -1.91 49.77 -29.99
C TYR A 390 -0.96 49.35 -31.09
N ASP A 391 -1.34 49.63 -32.33
CA ASP A 391 -0.48 49.31 -33.47
C ASP A 391 0.11 47.91 -33.36
N MET A 392 -0.76 46.91 -33.22
CA MET A 392 -0.29 45.60 -32.81
C MET A 392 0.43 44.88 -33.94
N ALA A 393 -0.09 45.01 -35.16
CA ALA A 393 0.53 44.43 -36.34
C ALA A 393 0.82 45.51 -37.36
N GLY A 394 1.88 45.33 -38.11
CA GLY A 394 2.34 46.37 -39.02
C GLY A 394 3.26 47.34 -38.31
N ASN A 395 3.53 48.45 -39.00
CA ASN A 395 4.55 49.42 -38.57
C ASN A 395 5.86 48.66 -38.48
N VAL A 396 6.43 48.45 -37.30
CA VAL A 396 7.67 47.72 -37.16
C VAL A 396 7.37 46.37 -36.52
N ALA A 397 8.21 45.40 -36.80
CA ALA A 397 8.10 44.07 -36.21
C ALA A 397 8.60 44.15 -34.78
N GLU A 398 8.72 43.02 -34.11
CA GLU A 398 9.12 43.02 -32.71
C GLU A 398 10.07 41.86 -32.43
N TRP A 399 11.03 42.12 -31.55
CA TRP A 399 11.98 41.08 -31.16
C TRP A 399 11.31 40.08 -30.23
N THR A 400 11.98 38.94 -30.06
CA THR A 400 11.50 37.90 -29.16
C THR A 400 12.70 37.17 -28.58
N SER A 401 12.52 36.57 -27.40
CA SER A 401 13.62 36.05 -26.62
C SER A 401 13.80 34.53 -26.74
N THR A 402 13.12 33.89 -27.67
CA THR A 402 13.29 32.45 -27.85
C THR A 402 14.41 32.20 -28.86
N ALA A 403 14.53 30.95 -29.32
CA ALA A 403 15.47 30.60 -30.36
C ALA A 403 14.70 29.97 -31.52
N PHE A 404 15.35 29.91 -32.68
CA PHE A 404 14.70 29.42 -33.89
C PHE A 404 15.00 27.93 -34.09
N SER A 405 13.95 27.15 -34.29
CA SER A 405 14.04 25.77 -34.73
C SER A 405 12.70 25.41 -35.33
N GLU A 406 12.72 24.78 -36.51
CA GLU A 406 11.46 24.46 -37.19
C GLU A 406 10.57 23.56 -36.35
N SER A 407 11.13 22.82 -35.40
CA SER A 407 10.37 22.04 -34.45
C SER A 407 10.17 22.77 -33.14
N GLY A 408 10.04 24.09 -33.19
CA GLY A 408 10.03 24.88 -31.97
C GLY A 408 8.80 24.62 -31.11
N LEU A 409 7.66 24.37 -31.75
CA LEU A 409 6.42 24.27 -31.01
C LEU A 409 6.37 23.03 -30.12
N LYS A 410 6.95 21.92 -30.59
CA LYS A 410 6.80 20.67 -29.85
C LYS A 410 7.79 20.58 -28.69
N GLN A 411 8.83 21.42 -28.65
CA GLN A 411 9.91 21.20 -27.71
C GLN A 411 9.71 21.93 -26.38
N MET A 412 8.68 22.74 -26.23
CA MET A 412 8.46 23.46 -24.99
C MET A 412 7.22 22.96 -24.28
N SER A 413 7.26 23.00 -22.95
CA SER A 413 6.12 22.60 -22.15
C SER A 413 4.98 23.61 -22.31
N ASP A 414 3.78 23.22 -21.90
CA ASP A 414 2.61 24.10 -22.10
C ASP A 414 2.55 25.35 -21.23
N ILE A 415 2.91 25.22 -19.97
CA ILE A 415 2.84 26.36 -19.06
C ILE A 415 4.03 27.29 -19.27
N ASN A 416 3.76 28.56 -19.60
CA ASN A 416 4.83 29.55 -19.77
C ASN A 416 5.95 29.03 -20.72
N PRO A 417 5.64 28.73 -22.01
CA PRO A 417 6.71 28.18 -22.85
C PRO A 417 7.84 29.19 -23.05
N GLU A 418 9.07 28.69 -22.95
CA GLU A 418 10.25 29.55 -23.11
C GLU A 418 11.49 28.71 -23.40
N LEU A 419 11.98 28.77 -24.63
CA LEU A 419 13.21 28.08 -25.02
C LEU A 419 14.31 29.11 -25.07
N GLU A 420 15.32 28.92 -24.23
CA GLU A 420 16.38 29.90 -24.13
C GLU A 420 17.73 29.28 -24.37
N TYR A 421 18.51 29.93 -25.21
CA TYR A 421 19.87 29.45 -25.52
C TYR A 421 20.76 30.68 -25.66
N LYS A 422 21.75 30.80 -24.78
CA LYS A 422 22.76 31.84 -24.91
C LYS A 422 23.93 31.29 -25.72
N ALA A 423 24.19 31.89 -26.88
CA ALA A 423 25.20 31.38 -27.77
C ALA A 423 26.60 31.67 -27.27
N ALA A 424 27.53 30.80 -27.62
CA ALA A 424 28.95 31.00 -27.37
C ALA A 424 29.66 31.43 -28.64
N LEU A 425 30.78 32.14 -28.48
CA LEU A 425 31.40 32.80 -29.62
C LEU A 425 31.97 31.80 -30.63
N THR A 426 32.42 30.64 -30.15
CA THR A 426 33.03 29.65 -31.02
C THR A 426 32.07 28.81 -31.86
N ASP A 427 30.77 28.95 -31.64
CA ASP A 427 29.80 28.15 -32.36
C ASP A 427 29.59 28.69 -33.78
N PRO A 428 29.17 27.84 -34.72
CA PRO A 428 28.95 28.32 -36.09
C PRO A 428 27.87 29.39 -36.15
N TYR A 429 27.75 30.02 -37.31
CA TYR A 429 26.84 31.17 -37.42
C TYR A 429 25.39 30.74 -37.54
N ILE A 430 25.14 29.44 -37.71
CA ILE A 430 23.77 28.97 -37.88
C ILE A 430 22.99 29.07 -36.58
N LEU A 431 23.64 28.79 -35.46
CA LEU A 431 22.93 28.55 -34.20
C LEU A 431 22.66 29.81 -33.40
N LYS A 432 22.58 30.98 -33.99
CA LYS A 432 22.30 32.20 -33.23
C LYS A 432 21.22 33.03 -33.91
N GLN A 433 20.13 32.40 -34.30
CA GLN A 433 19.00 33.10 -34.90
C GLN A 433 17.87 33.20 -33.88
N LYS A 434 17.24 34.37 -33.81
CA LYS A 434 16.15 34.60 -32.88
C LYS A 434 14.90 35.01 -33.63
N VAL A 435 13.75 34.54 -33.14
CA VAL A 435 12.50 34.70 -33.87
C VAL A 435 11.99 36.13 -33.77
N VAL A 436 11.49 36.65 -34.89
CA VAL A 436 10.83 37.95 -34.94
C VAL A 436 9.42 37.74 -35.46
N ARG A 437 8.44 38.37 -34.80
CA ARG A 437 7.04 38.03 -35.00
C ARG A 437 6.18 39.29 -35.12
N GLY A 438 5.36 39.33 -36.16
CA GLY A 438 4.36 40.37 -36.32
C GLY A 438 4.37 41.10 -37.64
N GLY A 439 5.48 41.04 -38.32
CA GLY A 439 5.52 41.69 -39.62
C GLY A 439 5.69 43.20 -39.52
N SER A 440 5.78 43.84 -40.68
CA SER A 440 6.08 45.26 -40.74
C SER A 440 5.61 45.82 -42.08
N TRP A 441 5.98 47.08 -42.38
CA TRP A 441 5.44 47.74 -43.56
C TRP A 441 6.00 47.14 -44.85
N LYS A 442 7.01 46.28 -44.75
CA LYS A 442 7.55 45.65 -45.95
C LYS A 442 6.81 44.38 -46.32
N ASP A 443 5.91 43.90 -45.47
CA ASP A 443 5.34 42.57 -45.62
C ASP A 443 4.03 42.59 -46.40
N VAL A 444 3.78 41.52 -47.14
CA VAL A 444 2.54 41.32 -47.89
C VAL A 444 1.44 40.89 -46.95
N ALA A 445 0.22 40.84 -47.45
CA ALA A 445 -0.94 40.63 -46.58
C ALA A 445 -0.96 39.24 -45.97
N ARG A 446 -0.10 38.33 -46.44
CA ARG A 446 -0.04 37.00 -45.84
C ARG A 446 0.73 37.01 -44.54
N PHE A 447 1.74 37.88 -44.42
CA PHE A 447 2.63 37.82 -43.28
C PHE A 447 2.03 38.48 -42.05
N ILE A 448 1.05 39.36 -42.24
CA ILE A 448 0.45 40.05 -41.10
C ILE A 448 -0.50 39.17 -40.33
N ARG A 449 -0.69 37.92 -40.75
CA ARG A 449 -1.38 36.94 -39.91
C ARG A 449 -0.65 36.78 -38.60
N SER A 450 -1.40 36.70 -37.50
CA SER A 450 -0.78 36.76 -36.18
C SER A 450 0.15 35.58 -35.93
N ALA A 451 -0.10 34.45 -36.58
CA ALA A 451 0.70 33.24 -36.37
C ALA A 451 1.51 32.96 -37.64
N THR A 452 2.69 33.57 -37.72
CA THR A 452 3.59 33.36 -38.84
C THR A 452 5.00 33.69 -38.39
N ARG A 453 5.95 32.82 -38.71
CA ARG A 453 7.29 32.89 -38.14
C ARG A 453 8.28 33.51 -39.12
N SER A 454 9.12 34.39 -38.60
CA SER A 454 10.23 34.98 -39.35
C SER A 454 11.47 35.02 -38.47
N HIS A 455 12.63 34.82 -39.08
CA HIS A 455 13.88 34.75 -38.33
C HIS A 455 14.87 35.78 -38.84
N GLU A 456 15.62 36.36 -37.91
CA GLU A 456 16.66 37.35 -38.26
C GLU A 456 17.82 37.14 -37.30
N TYR A 457 19.05 37.28 -37.77
CA TYR A 457 20.23 37.02 -36.94
C TYR A 457 20.27 37.98 -35.75
N GLN A 458 21.13 37.64 -34.78
CA GLN A 458 21.23 38.42 -33.56
C GLN A 458 22.21 39.57 -33.67
N ASN A 459 23.07 39.55 -34.70
CA ASN A 459 24.12 40.58 -34.80
C ASN A 459 23.81 41.68 -35.80
N VAL A 460 22.82 41.48 -36.65
CA VAL A 460 22.53 42.46 -37.70
C VAL A 460 21.16 43.09 -37.54
N GLY A 461 21.07 44.43 -37.57
CA GLY A 461 19.75 45.01 -37.55
C GLY A 461 19.31 45.41 -38.95
N ARG A 462 18.05 45.77 -39.11
CA ARG A 462 17.58 46.20 -40.41
C ARG A 462 16.73 47.46 -40.35
N SER A 463 15.89 47.67 -41.35
CA SER A 463 15.10 48.89 -41.40
C SER A 463 13.63 48.67 -41.05
N TYR A 464 13.24 47.48 -40.60
CA TYR A 464 11.85 47.21 -40.26
C TYR A 464 11.69 46.35 -39.01
N ILE A 465 12.50 46.57 -37.98
CA ILE A 465 12.37 45.84 -36.71
C ILE A 465 12.55 46.82 -35.56
N GLY A 466 11.61 46.81 -34.62
CA GLY A 466 11.70 47.60 -33.41
C GLY A 466 11.66 46.71 -32.19
N PHE A 467 11.16 47.20 -31.06
CA PHE A 467 10.99 46.33 -29.90
C PHE A 467 10.04 46.99 -28.91
N ARG A 468 9.64 46.22 -27.90
CA ARG A 468 8.78 46.69 -26.81
C ARG A 468 9.05 45.84 -25.58
N CYS A 469 8.77 46.41 -24.41
CA CYS A 469 9.15 45.81 -23.15
C CYS A 469 7.93 45.35 -22.35
N VAL A 470 8.11 44.28 -21.58
CA VAL A 470 7.07 43.71 -20.74
C VAL A 470 7.63 43.54 -19.33
N ARG A 471 6.77 43.11 -18.42
CA ARG A 471 7.12 43.02 -17.01
C ARG A 471 6.21 42.04 -16.28
N THR A 472 6.81 41.08 -15.58
CA THR A 472 6.03 40.14 -14.80
C THR A 472 5.38 40.84 -13.62
N SER A 473 4.15 40.45 -13.31
CA SER A 473 3.32 41.14 -12.34
C SER A 473 3.19 40.31 -11.07
N ILE A 474 2.70 40.96 -10.01
CA ILE A 474 2.36 40.29 -8.77
C ILE A 474 0.93 40.69 -8.40
N ALA A 475 0.02 39.74 -8.50
CA ALA A 475 -1.39 39.96 -8.20
C ALA A 475 -1.90 38.78 -7.41
N PHE A 476 -3.13 38.91 -6.93
CA PHE A 476 -3.75 37.90 -6.10
C PHE A 476 -4.90 37.24 -6.85
N SER A 477 -4.98 35.91 -6.76
CA SER A 477 -5.89 35.15 -7.60
C SER A 477 -7.34 35.51 -7.31
N SER A 478 -7.69 35.70 -6.03
CA SER A 478 -9.07 35.97 -5.67
C SER A 478 -9.58 37.27 -6.27
N GLY A 479 -8.68 38.19 -6.59
CA GLY A 479 -9.07 39.46 -7.19
C GLY A 479 -8.59 39.61 -8.62
N GLU B 34 -20.49 -5.66 49.27
CA GLU B 34 -20.41 -6.96 48.61
C GLU B 34 -20.27 -6.79 47.10
N LEU B 35 -19.04 -6.50 46.66
CA LEU B 35 -18.73 -6.32 45.24
C LEU B 35 -19.62 -5.27 44.59
N THR B 36 -19.81 -4.15 45.29
CA THR B 36 -20.46 -2.99 44.67
C THR B 36 -19.61 -2.42 43.54
N GLY B 37 -18.31 -2.35 43.73
CA GLY B 37 -17.40 -1.87 42.71
C GLY B 37 -16.80 -0.52 43.08
N ALA B 38 -15.65 -0.24 42.45
CA ALA B 38 -14.93 1.01 42.67
C ALA B 38 -14.61 1.64 41.33
N LYS B 39 -14.42 2.96 41.33
CA LYS B 39 -14.15 3.72 40.13
C LYS B 39 -12.86 4.52 40.29
N LEU B 40 -12.56 5.35 39.29
CA LEU B 40 -11.37 6.17 39.28
C LEU B 40 -11.74 7.57 38.82
N SER B 41 -10.93 8.56 39.18
CA SER B 41 -11.21 9.94 38.83
C SER B 41 -11.38 10.16 37.34
N SER B 42 -12.31 11.02 36.95
CA SER B 42 -12.58 11.23 35.53
C SER B 42 -11.98 12.52 35.00
N TRP B 43 -11.45 12.47 33.78
CA TRP B 43 -10.92 13.66 33.14
C TRP B 43 -11.43 13.78 31.70
N ASN B 44 -11.53 15.01 31.23
CA ASN B 44 -12.25 15.34 30.01
C ASN B 44 -11.36 15.23 28.77
N GLU B 45 -11.96 15.54 27.62
CA GLU B 45 -11.22 15.54 26.36
C GLU B 45 -11.42 16.88 25.66
N PRO B 46 -10.42 17.77 25.73
CA PRO B 46 -10.57 19.11 25.15
C PRO B 46 -10.75 19.06 23.64
N SER B 47 -11.34 20.12 23.10
CA SER B 47 -11.51 20.25 21.66
C SER B 47 -10.40 21.10 21.10
N PRO B 48 -9.48 20.54 20.31
CA PRO B 48 -8.37 21.35 19.78
C PRO B 48 -8.89 22.41 18.82
N PHE B 49 -8.12 23.47 18.64
CA PHE B 49 -8.53 24.55 17.76
C PHE B 49 -8.63 24.14 16.30
N GLY B 50 -9.44 24.86 15.53
CA GLY B 50 -9.58 24.59 14.11
C GLY B 50 -9.74 23.12 13.78
N MET B 51 -10.59 22.44 14.52
CA MET B 51 -10.84 21.03 14.24
C MET B 51 -12.31 20.67 14.10
N ILE B 52 -12.61 19.59 13.39
CA ILE B 52 -14.00 19.17 13.17
C ILE B 52 -14.10 17.69 13.50
N GLN B 53 -15.31 17.14 13.58
CA GLN B 53 -15.46 15.74 14.01
C GLN B 53 -16.04 14.79 12.97
N VAL B 54 -15.44 13.61 12.83
CA VAL B 54 -15.91 12.63 11.87
C VAL B 54 -16.56 11.46 12.59
N PRO B 55 -17.80 11.11 12.24
CA PRO B 55 -18.44 10.03 13.00
C PRO B 55 -18.09 8.63 12.48
N ARG B 56 -18.53 7.59 13.18
CA ARG B 56 -18.24 6.22 12.77
C ARG B 56 -19.06 5.78 11.56
N GLY B 57 -18.70 4.67 10.95
CA GLY B 57 -19.44 4.17 9.80
C GLY B 57 -18.69 3.12 8.99
N SER B 58 -19.14 2.87 7.77
CA SER B 58 -18.45 1.90 6.91
C SER B 58 -18.55 2.30 5.44
N ILE B 59 -17.51 2.03 4.67
CA ILE B 59 -17.51 2.39 3.26
C ILE B 59 -16.96 1.29 2.38
N VAL B 60 -17.34 1.29 1.11
CA VAL B 60 -16.85 0.28 0.19
C VAL B 60 -15.65 0.81 -0.57
N LEU B 61 -14.51 0.15 -0.38
CA LEU B 61 -13.29 0.60 -1.04
C LEU B 61 -13.12 -0.03 -2.41
N GLY B 62 -12.79 0.80 -3.38
CA GLY B 62 -12.58 0.33 -4.74
C GLY B 62 -13.78 0.57 -5.64
N ASN B 63 -13.54 0.46 -6.93
CA ASN B 63 -14.57 0.63 -7.94
C ASN B 63 -14.75 -0.68 -8.69
N LYS B 64 -16.01 -1.00 -9.03
CA LYS B 64 -16.32 -2.32 -9.56
C LYS B 64 -16.24 -2.41 -11.08
N GLU B 65 -16.37 -1.30 -11.80
CA GLU B 65 -16.34 -1.30 -13.25
C GLU B 65 -15.02 -0.72 -13.72
N ALA B 66 -14.17 -1.56 -14.29
CA ALA B 66 -12.87 -1.12 -14.77
C ALA B 66 -13.02 -0.27 -16.03
N ASP B 67 -12.21 0.78 -16.12
CA ASP B 67 -12.23 1.63 -17.30
C ASP B 67 -11.78 0.84 -18.52
N SER B 68 -12.56 0.92 -19.60
CA SER B 68 -12.27 0.12 -20.78
C SER B 68 -10.95 0.53 -21.43
N LEU B 69 -10.68 1.83 -21.46
CA LEU B 69 -9.49 2.31 -22.14
C LEU B 69 -8.22 1.92 -21.39
N TRP B 70 -8.08 2.38 -20.16
CA TRP B 70 -6.92 2.05 -19.35
C TRP B 70 -6.94 0.57 -19.01
N GLY B 71 -5.77 0.01 -18.74
CA GLY B 71 -5.67 -1.41 -18.49
C GLY B 71 -5.83 -1.86 -17.06
N ILE B 72 -6.20 -0.96 -16.16
CA ILE B 72 -6.31 -1.31 -14.74
C ILE B 72 -7.49 -2.24 -14.48
N PRO B 73 -7.23 -3.43 -13.91
CA PRO B 73 -8.36 -4.30 -13.58
C PRO B 73 -9.11 -3.82 -12.34
N ALA B 74 -10.25 -4.47 -12.10
CA ALA B 74 -11.12 -4.09 -11.01
C ALA B 74 -10.55 -4.51 -9.66
N GLU B 75 -11.15 -3.99 -8.58
CA GLU B 75 -10.80 -4.35 -7.22
C GLU B 75 -11.88 -3.81 -6.28
N SER B 76 -12.14 -4.55 -5.20
CA SER B 76 -13.16 -4.13 -4.23
C SER B 76 -12.86 -4.79 -2.89
N ARG B 77 -13.17 -4.09 -1.79
CA ARG B 77 -13.08 -4.64 -0.44
C ARG B 77 -13.76 -3.69 0.53
N PRO B 78 -14.62 -4.23 1.44
CA PRO B 78 -15.23 -3.34 2.42
C PRO B 78 -14.48 -3.24 3.74
N ILE B 79 -14.62 -2.11 4.42
CA ILE B 79 -13.94 -1.85 5.68
C ILE B 79 -14.82 -0.99 6.58
N SER B 80 -14.32 -0.78 7.81
CA SER B 80 -15.02 0.07 8.77
C SER B 80 -13.89 0.81 9.52
N VAL B 81 -14.16 2.00 10.07
CA VAL B 81 -13.17 2.83 10.72
C VAL B 81 -13.80 3.51 11.93
N ASP B 82 -12.96 3.85 12.90
CA ASP B 82 -13.37 4.46 14.16
C ASP B 82 -13.55 5.97 13.98
N ALA B 83 -13.63 6.69 15.11
CA ALA B 83 -13.82 8.13 15.05
C ALA B 83 -12.48 8.85 15.16
N PHE B 84 -12.44 10.08 14.64
CA PHE B 84 -11.21 10.88 14.64
C PHE B 84 -11.39 12.30 14.14
N TRP B 85 -10.66 13.25 14.72
CA TRP B 85 -10.73 14.65 14.31
C TRP B 85 -9.91 14.82 13.04
N MET B 86 -10.00 16.01 12.44
CA MET B 86 -9.24 16.28 11.22
C MET B 86 -9.08 17.76 10.98
N ASP B 87 -8.05 18.13 10.24
CA ASP B 87 -7.78 19.53 9.91
C ASP B 87 -8.70 20.01 8.80
N ARG B 88 -9.30 21.18 9.00
CA ARG B 88 -10.20 21.71 7.99
C ARG B 88 -9.45 22.04 6.69
N THR B 89 -8.37 22.80 6.80
CA THR B 89 -7.60 23.23 5.65
C THR B 89 -6.22 22.61 5.69
N GLU B 90 -5.56 22.57 4.54
CA GLU B 90 -4.19 22.08 4.50
C GLU B 90 -3.30 22.99 5.34
N ILE B 91 -2.12 22.49 5.69
CA ILE B 91 -1.23 23.27 6.53
C ILE B 91 -0.76 24.48 5.74
N THR B 92 -1.11 25.67 6.21
CA THR B 92 -0.82 26.90 5.50
C THR B 92 0.67 27.24 5.62
N ASN B 93 1.06 28.40 5.07
CA ASN B 93 2.44 28.84 5.20
C ASN B 93 2.74 29.45 6.56
N ALA B 94 1.77 30.11 7.18
CA ALA B 94 2.03 30.80 8.43
C ALA B 94 2.49 29.83 9.51
N GLN B 95 1.88 28.65 9.58
CA GLN B 95 2.22 27.71 10.64
C GLN B 95 3.61 27.13 10.44
N TYR B 96 3.96 26.78 9.20
CA TYR B 96 5.30 26.27 8.96
C TYR B 96 6.34 27.34 9.26
N ARG B 97 6.03 28.60 8.95
CA ARG B 97 6.96 29.67 9.29
C ARG B 97 7.13 29.79 10.79
N GLN B 98 6.04 29.64 11.56
CA GLN B 98 6.16 29.71 13.00
C GLN B 98 7.05 28.58 13.53
N PHE B 99 6.94 27.40 12.96
CA PHE B 99 7.79 26.29 13.37
C PHE B 99 9.25 26.58 13.04
N VAL B 100 9.50 27.20 11.89
CA VAL B 100 10.87 27.53 11.52
C VAL B 100 11.45 28.55 12.49
N TYR B 101 10.66 29.56 12.85
CA TYR B 101 11.15 30.55 13.81
C TYR B 101 11.46 29.92 15.16
N TYR B 102 10.62 28.98 15.62
CA TYR B 102 10.90 28.35 16.90
C TYR B 102 12.22 27.58 16.86
N VAL B 103 12.45 26.83 15.78
CA VAL B 103 13.71 26.07 15.70
C VAL B 103 14.90 27.02 15.66
N ARG B 104 14.78 28.12 14.90
CA ARG B 104 15.89 29.07 14.85
C ARG B 104 16.17 29.68 16.22
N ASP B 105 15.11 30.02 16.97
CA ASP B 105 15.33 30.59 18.29
C ASP B 105 16.01 29.59 19.22
N SER B 106 15.61 28.33 19.16
CA SER B 106 16.28 27.32 19.98
C SER B 106 17.76 27.24 19.65
N ILE B 107 18.10 27.19 18.37
CA ILE B 107 19.52 27.07 18.04
C ILE B 107 20.28 28.33 18.43
N ILE B 108 19.66 29.50 18.31
CA ILE B 108 20.35 30.73 18.69
C ILE B 108 20.67 30.71 20.18
N ARG B 109 19.69 30.38 21.01
CA ARG B 109 19.93 30.36 22.45
C ARG B 109 20.95 29.29 22.82
N GLU B 110 20.97 28.18 22.08
CA GLU B 110 22.05 27.22 22.28
C GLU B 110 23.41 27.86 22.00
N ARG B 111 23.52 28.58 20.87
CA ARG B 111 24.82 29.15 20.49
C ARG B 111 25.28 30.19 21.50
N LEU B 112 24.34 30.86 22.16
CA LEU B 112 24.73 31.95 23.04
C LEU B 112 25.63 31.45 24.16
N ALA B 113 25.28 30.31 24.77
CA ALA B 113 26.03 29.79 25.93
C ALA B 113 26.95 28.65 25.50
N ASP B 114 28.06 29.00 24.89
CA ASP B 114 29.09 28.05 24.50
C ASP B 114 30.45 28.66 24.79
N PRO B 115 31.45 27.83 25.10
CA PRO B 115 32.76 28.38 25.51
C PRO B 115 33.42 29.23 24.44
N ALA B 116 33.12 28.98 23.17
CA ALA B 116 33.75 29.75 22.10
C ALA B 116 33.26 31.19 22.10
N TYR B 117 31.94 31.39 22.17
CA TYR B 117 31.34 32.71 22.04
C TYR B 117 31.12 33.38 23.39
N GLY B 118 31.60 32.79 24.48
CA GLY B 118 31.37 33.31 25.81
C GLY B 118 30.14 32.71 26.42
N GLY B 119 30.30 31.97 27.52
CA GLY B 119 29.20 31.30 28.17
C GLY B 119 28.55 32.24 29.18
N ASN B 120 27.24 32.44 29.00
CA ASN B 120 26.43 33.22 29.93
C ASN B 120 25.69 32.24 30.83
N GLU B 121 25.90 32.35 32.13
CA GLU B 121 25.26 31.45 33.07
C GLU B 121 23.78 31.77 33.28
N GLU B 122 23.31 32.91 32.80
CA GLU B 122 21.93 33.34 33.04
C GLU B 122 20.94 32.69 32.10
N TYR B 123 21.36 32.28 30.90
CA TYR B 123 20.43 31.74 29.92
C TYR B 123 20.21 30.24 30.07
N LYS B 124 21.07 29.55 30.80
CA LYS B 124 20.92 28.12 31.07
C LYS B 124 20.95 27.90 32.57
N ILE B 125 19.96 27.18 33.09
CA ILE B 125 19.76 27.03 34.52
C ILE B 125 19.79 25.56 34.88
N THR B 126 20.57 25.22 35.92
CA THR B 126 20.55 23.87 36.47
C THR B 126 20.27 23.89 37.97
N GLU B 127 20.26 25.04 38.60
CA GLU B 127 20.03 25.16 40.04
C GLU B 127 18.55 25.42 40.28
N ASN B 128 17.92 24.58 41.09
CA ASN B 128 16.51 24.76 41.39
C ASN B 128 16.27 26.02 42.20
N LYS B 129 15.05 26.54 42.13
CA LYS B 129 14.72 27.73 42.91
C LYS B 129 14.93 27.46 44.38
N PHE B 130 14.54 26.27 44.86
CA PHE B 130 14.87 25.85 46.21
C PHE B 130 16.36 25.63 46.40
N GLY B 131 17.10 25.33 45.34
CA GLY B 131 18.56 25.26 45.42
C GLY B 131 19.25 23.97 45.05
N GLU B 132 18.53 23.01 44.49
CA GLU B 132 19.17 21.69 44.19
C GLU B 132 19.67 21.49 42.75
N PRO B 133 20.60 20.54 42.55
CA PRO B 133 21.08 20.28 41.18
C PRO B 133 20.27 19.20 40.47
N VAL B 134 19.85 19.52 39.24
CA VAL B 134 19.08 18.62 38.40
C VAL B 134 19.63 18.67 36.98
N THR B 135 19.01 17.92 36.08
CA THR B 135 19.43 17.88 34.68
C THR B 135 19.26 19.24 34.03
N PRO B 136 20.18 19.66 33.18
CA PRO B 136 20.10 21.00 32.58
C PRO B 136 19.01 21.07 31.52
N HIS B 137 18.69 22.31 31.16
CA HIS B 137 17.84 22.58 30.01
C HIS B 137 18.13 24.01 29.55
N LEU B 138 17.26 24.55 28.70
CA LEU B 138 17.38 25.91 28.22
C LEU B 138 16.17 26.72 28.69
N ASP B 139 16.42 27.96 29.10
CA ASP B 139 15.39 28.82 29.65
C ASP B 139 14.73 29.61 28.53
N TRP B 140 13.40 29.76 28.62
CA TRP B 140 12.62 30.46 27.60
C TRP B 140 12.01 31.76 28.11
N SER B 141 12.64 32.40 29.10
CA SER B 141 12.10 33.64 29.65
C SER B 141 13.14 34.75 29.68
N LYS B 142 14.02 34.78 28.67
CA LYS B 142 14.96 35.89 28.52
C LYS B 142 14.91 36.35 27.07
N PRO B 143 14.53 37.60 26.80
CA PRO B 143 14.40 38.05 25.42
C PRO B 143 15.74 38.05 24.68
N ILE B 144 15.69 37.68 23.41
CA ILE B 144 16.88 37.67 22.56
C ILE B 144 17.36 39.09 22.36
N PRO B 145 18.65 39.36 22.35
CA PRO B 145 19.13 40.72 22.04
C PRO B 145 18.79 41.12 20.61
N SER B 146 18.64 42.43 20.41
CA SER B 146 18.34 42.96 19.09
C SER B 146 19.60 42.94 18.22
N GLU B 147 19.41 43.31 16.95
CA GLU B 147 20.49 43.14 15.97
C GLU B 147 21.70 44.00 16.30
N LYS B 148 21.50 45.29 16.56
CA LYS B 148 22.61 46.20 16.82
C LYS B 148 22.70 46.64 18.27
N ARG B 149 21.64 46.42 19.06
CA ARG B 149 21.64 46.90 20.45
C ARG B 149 22.41 45.99 21.38
N ALA B 150 22.88 44.84 20.89
CA ALA B 150 23.62 43.91 21.72
C ALA B 150 25.09 44.31 21.79
N THR B 151 25.86 43.44 22.45
CA THR B 151 27.28 43.65 22.51
C THR B 151 27.88 43.09 21.25
N GLU B 152 29.17 43.31 21.04
CA GLU B 152 29.85 42.86 19.83
C GLU B 152 29.86 41.35 19.69
N GLU B 153 30.27 40.66 20.76
CA GLU B 153 30.33 39.21 20.73
C GLU B 153 28.95 38.60 20.52
N GLU B 154 27.92 39.20 21.13
CA GLU B 154 26.57 38.73 20.88
C GLU B 154 26.18 38.88 19.42
N ILE B 155 26.59 39.99 18.78
CA ILE B 155 26.27 40.16 17.37
C ILE B 155 26.97 39.09 16.55
N ALA B 156 28.23 38.80 16.86
CA ALA B 156 28.94 37.76 16.13
C ALA B 156 28.33 36.39 16.38
N ALA B 157 27.70 36.21 17.54
CA ALA B 157 27.00 34.95 17.80
C ALA B 157 25.70 34.86 17.02
N ILE B 158 24.93 35.94 16.99
CA ILE B 158 23.67 35.94 16.26
C ILE B 158 23.92 35.69 14.78
N ASN B 159 24.93 36.35 14.23
CA ASN B 159 25.20 36.23 12.80
C ASN B 159 25.68 34.84 12.40
N SER B 160 25.73 33.89 13.33
CA SER B 160 26.36 32.61 13.04
C SER B 160 25.50 31.71 12.18
N VAL B 161 24.17 31.82 12.32
CA VAL B 161 23.26 30.93 11.59
C VAL B 161 22.86 31.48 10.21
N TYR B 162 22.87 32.80 10.08
CA TYR B 162 22.47 33.41 8.80
C TYR B 162 23.42 33.05 7.66
N TYR B 163 23.02 33.39 6.43
CA TYR B 163 23.87 33.13 5.28
C TYR B 163 24.03 34.38 4.43
N THR B 164 25.19 34.52 3.81
CA THR B 164 25.43 35.68 2.94
C THR B 164 25.91 35.24 1.58
N ASN B 165 25.49 35.94 0.53
CA ASN B 165 25.88 35.58 -0.83
C ASN B 165 26.65 36.73 -1.45
N PRO B 166 27.92 36.55 -1.80
CA PRO B 166 28.71 37.69 -2.30
C PRO B 166 28.18 38.30 -3.60
N VAL B 167 27.58 37.50 -4.46
CA VAL B 167 27.15 38.00 -5.77
C VAL B 167 25.87 38.84 -5.75
N THR B 168 24.93 38.52 -4.88
CA THR B 168 23.63 39.18 -4.88
C THR B 168 23.35 39.94 -3.59
N HIS B 169 24.09 39.69 -2.51
CA HIS B 169 23.96 40.44 -1.26
C HIS B 169 22.55 40.30 -0.68
N ASP B 170 22.20 39.07 -0.32
CA ASP B 170 20.95 38.78 0.37
C ASP B 170 21.22 37.85 1.54
N ARG B 171 20.46 38.01 2.63
CA ARG B 171 20.65 37.14 3.78
C ARG B 171 19.52 36.12 3.91
N LYS B 172 19.88 34.86 4.11
CA LYS B 172 18.86 33.81 4.23
C LYS B 172 19.27 32.74 5.24
N LEU B 173 18.29 32.04 5.79
CA LEU B 173 18.59 30.98 6.75
C LEU B 173 19.36 29.84 6.11
N ASN B 174 20.58 29.61 6.58
CA ASN B 174 21.38 28.52 6.05
C ASN B 174 20.56 27.24 6.01
N PRO B 175 20.54 26.51 4.90
CA PRO B 175 19.68 25.33 4.83
C PRO B 175 20.16 24.18 5.68
N ASP B 176 21.48 24.01 5.80
CA ASP B 176 22.05 22.80 6.38
C ASP B 176 22.30 22.93 7.88
N GLN B 177 22.19 24.12 8.44
CA GLN B 177 22.48 24.33 9.84
C GLN B 177 21.24 24.26 10.73
N MET B 178 20.07 24.00 10.17
CA MET B 178 18.86 23.82 10.96
C MET B 178 18.53 22.33 10.99
N VAL B 179 18.64 21.72 12.16
CA VAL B 179 18.32 20.32 12.36
C VAL B 179 17.43 20.21 13.59
N TYR B 180 16.74 19.08 13.70
CA TYR B 180 15.78 18.88 14.77
C TYR B 180 15.73 17.40 15.13
N ARG B 181 16.02 17.09 16.39
CA ARG B 181 16.04 15.71 16.87
C ARG B 181 14.84 15.47 17.78
N TYR B 182 14.02 14.49 17.43
CA TYR B 182 12.82 14.16 18.18
C TYR B 182 12.81 12.67 18.47
N GLU B 183 12.49 12.31 19.71
CA GLU B 183 12.54 10.93 20.18
C GLU B 183 11.13 10.38 20.31
N VAL B 184 10.85 9.25 19.65
CA VAL B 184 9.55 8.61 19.72
C VAL B 184 9.72 7.15 20.08
N TYR B 185 8.74 6.62 20.82
CA TYR B 185 8.73 5.22 21.24
C TYR B 185 7.90 4.41 20.24
N ASP B 186 7.91 3.09 20.40
CA ASP B 186 7.20 2.19 19.49
C ASP B 186 6.43 1.17 20.32
N TYR B 187 5.19 1.52 20.67
CA TYR B 187 4.42 0.67 21.57
C TYR B 187 4.02 -0.64 20.91
N ARG B 188 3.55 -0.58 19.67
CA ARG B 188 2.99 -1.78 19.04
C ARG B 188 4.04 -2.86 18.86
N SER B 189 5.29 -2.48 18.67
CA SER B 189 6.36 -3.46 18.52
C SER B 189 6.85 -4.00 19.86
N ALA B 190 6.39 -3.45 20.97
CA ALA B 190 6.79 -3.91 22.29
C ALA B 190 5.71 -4.73 22.97
N ALA B 191 4.69 -5.20 22.23
CA ALA B 191 3.64 -6.01 22.81
C ALA B 191 3.37 -7.29 22.04
N LEU B 192 4.20 -7.62 21.05
CA LEU B 192 4.05 -8.89 20.35
C LEU B 192 4.47 -10.03 21.27
N ARG B 193 3.92 -11.22 21.06
CA ARG B 193 4.20 -12.32 21.97
C ARG B 193 5.67 -12.72 21.92
N GLU B 194 6.30 -12.55 20.77
CA GLU B 194 7.74 -12.80 20.71
C GLU B 194 8.63 -11.75 21.34
N HIS B 195 8.10 -10.53 21.55
CA HIS B 195 8.94 -9.44 22.07
C HIS B 195 9.08 -9.31 23.59
N GLN B 196 8.40 -10.15 24.36
CA GLN B 196 8.44 -10.07 25.82
C GLN B 196 9.83 -10.44 26.32
N LEU B 197 10.20 -9.99 27.51
CA LEU B 197 11.56 -10.26 27.96
C LEU B 197 11.70 -11.67 28.53
N LYS B 198 10.98 -11.98 29.61
CA LYS B 198 11.19 -13.23 30.31
C LYS B 198 10.85 -14.42 29.42
N ALA B 199 11.70 -15.44 29.45
CA ALA B 199 11.63 -16.53 28.47
C ALA B 199 10.43 -17.44 28.70
N ALA B 200 9.76 -17.33 29.84
CA ALA B 200 8.66 -18.23 30.13
C ALA B 200 7.40 -17.88 29.35
N LYS B 201 7.24 -16.62 28.95
CA LYS B 201 6.00 -16.17 28.32
C LYS B 201 6.04 -16.16 26.80
N ARG B 202 7.11 -16.67 26.18
CA ARG B 202 7.23 -16.57 24.73
C ARG B 202 6.30 -17.55 24.02
N ASN B 203 6.16 -18.75 24.55
CA ASN B 203 5.29 -19.76 23.94
C ASN B 203 4.45 -20.39 25.03
N LEU B 204 3.15 -20.53 24.77
CA LEU B 204 2.22 -21.02 25.77
C LEU B 204 1.99 -22.52 25.72
N ASN B 205 2.39 -23.20 24.64
CA ASN B 205 2.21 -24.64 24.58
C ASN B 205 3.11 -25.35 25.58
N THR B 206 2.64 -26.48 26.10
CA THR B 206 3.43 -27.25 27.04
C THR B 206 4.17 -28.39 26.37
N ASP B 207 3.78 -28.77 25.15
CA ASP B 207 4.51 -29.80 24.42
C ASP B 207 5.83 -29.28 23.85
N ILE B 208 5.91 -28.00 23.51
CA ILE B 208 7.13 -27.40 23.02
C ILE B 208 7.74 -26.59 24.16
N LYS B 209 8.83 -27.10 24.72
CA LYS B 209 9.57 -26.37 25.74
C LYS B 209 10.33 -25.22 25.09
N VAL B 210 10.90 -24.36 25.92
CA VAL B 210 11.73 -23.25 25.46
C VAL B 210 13.08 -23.37 26.14
N ASP B 211 14.14 -23.45 25.34
CA ASP B 211 15.48 -23.46 25.89
C ASP B 211 15.81 -22.11 26.51
N PRO B 212 16.60 -22.09 27.58
CA PRO B 212 16.94 -20.80 28.21
C PRO B 212 17.64 -19.84 27.26
N ASN B 213 18.50 -20.33 26.38
CA ASN B 213 19.25 -19.46 25.49
C ASN B 213 18.43 -19.12 24.25
N ALA B 214 17.50 -18.18 24.39
CA ALA B 214 16.75 -17.70 23.23
C ALA B 214 17.43 -16.48 22.63
N VAL B 215 17.45 -16.40 21.30
CA VAL B 215 18.05 -15.29 20.58
C VAL B 215 17.00 -14.69 19.66
N VAL B 216 16.68 -13.43 19.89
CA VAL B 216 15.76 -12.68 19.05
C VAL B 216 16.48 -11.43 18.57
N MET B 217 16.47 -11.20 17.26
CA MET B 217 17.20 -10.08 16.69
C MET B 217 16.28 -8.87 16.58
N ILE B 218 16.77 -7.72 17.03
CA ILE B 218 15.99 -6.49 17.04
C ILE B 218 16.85 -5.38 16.47
N SER B 219 16.19 -4.34 15.92
CA SER B 219 16.89 -3.25 15.28
C SER B 219 16.25 -1.91 15.63
N LYS B 220 17.10 -0.90 15.82
CA LYS B 220 16.69 0.44 16.21
C LYS B 220 17.39 1.46 15.32
N ASP B 221 17.08 2.73 15.54
CA ASP B 221 17.71 3.83 14.81
C ASP B 221 18.20 4.89 15.79
N THR B 222 19.45 5.31 15.63
CA THR B 222 20.02 6.40 16.40
C THR B 222 20.92 7.22 15.48
N ALA B 223 21.08 8.50 15.81
CA ALA B 223 21.87 9.41 15.00
C ALA B 223 22.88 10.12 15.89
N PHE B 224 24.12 10.14 15.44
CA PHE B 224 25.25 10.54 16.26
C PHE B 224 25.88 11.78 15.65
N VAL B 225 26.03 12.83 16.45
CA VAL B 225 26.70 14.04 15.99
C VAL B 225 28.13 13.86 16.43
N ASP B 226 29.08 14.01 15.51
CA ASP B 226 30.47 13.76 15.83
C ASP B 226 31.23 15.06 16.04
N GLU B 227 32.56 14.95 16.14
CA GLU B 227 33.40 16.05 16.59
C GLU B 227 33.37 17.22 15.61
N SER B 228 33.45 16.95 14.32
CA SER B 228 33.63 17.99 13.32
C SER B 228 32.33 18.64 12.87
N GLY B 229 31.17 18.06 13.22
CA GLY B 229 29.91 18.68 12.88
C GLY B 229 29.18 18.07 11.70
N ASN B 230 29.26 16.77 11.51
CA ASN B 230 28.52 16.08 10.46
C ASN B 230 27.51 15.12 11.09
N ILE B 231 26.33 15.02 10.47
CA ILE B 231 25.31 14.11 10.96
C ILE B 231 25.42 12.74 10.30
N ILE B 232 25.60 11.71 11.09
CA ILE B 232 25.74 10.36 10.59
C ILE B 232 24.63 9.52 11.20
N SER B 233 23.89 8.80 10.35
CA SER B 233 22.79 7.96 10.78
C SER B 233 23.10 6.51 10.47
N GLU B 234 22.93 5.64 11.46
CA GLU B 234 23.25 4.22 11.32
C GLU B 234 22.17 3.39 11.97
N THR B 235 22.03 2.15 11.49
CA THR B 235 21.10 1.17 12.05
C THR B 235 21.91 0.04 12.67
N ILE B 236 21.66 -0.24 13.94
CA ILE B 236 22.39 -1.25 14.69
C ILE B 236 21.44 -2.40 14.99
N THR B 237 21.94 -3.62 14.88
CA THR B 237 21.19 -4.83 15.21
C THR B 237 21.92 -5.56 16.33
N ARG B 238 21.24 -5.76 17.45
CA ARG B 238 21.86 -6.35 18.63
C ARG B 238 20.85 -7.24 19.36
N PRO B 239 21.33 -8.22 20.13
CA PRO B 239 20.42 -9.15 20.79
C PRO B 239 19.49 -8.46 21.77
N LEU B 240 18.30 -9.04 21.93
CA LEU B 240 17.26 -8.48 22.80
C LEU B 240 17.61 -8.78 24.25
N SER B 241 18.07 -7.75 24.96
CA SER B 241 18.43 -7.92 26.37
C SER B 241 17.62 -7.04 27.30
N SER B 242 17.57 -5.74 27.07
CA SER B 242 16.82 -4.82 27.90
C SER B 242 15.98 -3.94 27.00
N GLU B 243 15.10 -3.14 27.62
CA GLU B 243 14.04 -2.53 26.83
C GLU B 243 14.45 -1.23 26.14
N TYR B 244 15.66 -0.74 26.33
CA TYR B 244 16.05 0.47 25.61
C TYR B 244 15.99 0.29 24.10
N ASP B 245 16.00 -0.96 23.63
CA ASP B 245 16.17 -1.21 22.20
C ASP B 245 15.00 -0.68 21.38
N PHE B 246 13.84 -0.52 21.99
CA PHE B 246 12.69 -0.08 21.21
C PHE B 246 12.71 1.42 20.95
N LEU B 247 13.59 2.16 21.62
CA LEU B 247 13.64 3.62 21.45
C LEU B 247 14.19 4.00 20.10
N ASN B 248 13.63 5.04 19.49
CA ASN B 248 14.10 5.56 18.21
C ASN B 248 14.38 7.05 18.34
N THR B 249 15.36 7.53 17.58
CA THR B 249 15.67 8.95 17.52
C THR B 249 16.19 9.28 16.12
N TYR B 250 15.72 10.39 15.57
CA TYR B 250 16.05 10.78 14.20
C TYR B 250 16.68 12.15 14.20
N ILE B 251 17.22 12.53 13.04
CA ILE B 251 17.74 13.88 12.79
C ILE B 251 17.44 14.22 11.34
N VAL B 252 16.64 15.27 11.12
CA VAL B 252 16.20 15.62 9.77
C VAL B 252 16.26 17.13 9.56
N PRO B 253 16.84 17.61 8.47
CA PRO B 253 16.78 19.03 8.16
C PRO B 253 15.35 19.45 7.88
N ILE B 254 14.98 20.67 8.28
CA ILE B 254 13.59 21.08 8.16
C ILE B 254 13.25 22.12 7.11
N TYR B 255 14.25 22.79 6.53
CA TYR B 255 13.91 23.86 5.61
C TYR B 255 13.23 23.30 4.36
N PRO B 256 12.17 23.92 3.87
CA PRO B 256 11.44 23.37 2.73
C PRO B 256 12.30 23.36 1.48
N ASP B 257 11.98 22.42 0.59
CA ASP B 257 12.75 22.21 -0.63
C ASP B 257 12.18 23.12 -1.71
N GLU B 258 12.55 24.40 -1.63
CA GLU B 258 11.98 25.39 -2.54
C GLU B 258 12.55 25.33 -3.94
N THR B 259 13.65 24.63 -4.15
CA THR B 259 14.21 24.51 -5.49
C THR B 259 13.47 23.48 -6.33
N CYS B 260 12.27 23.08 -5.93
CA CYS B 260 11.54 22.06 -6.67
C CYS B 260 10.91 22.61 -7.94
N TRP B 261 10.45 23.87 -7.89
CA TRP B 261 9.72 24.44 -9.01
C TRP B 261 10.51 24.38 -10.31
N VAL B 262 11.77 24.80 -10.27
CA VAL B 262 12.56 24.81 -11.49
C VAL B 262 12.87 23.41 -11.95
N ASN B 263 13.20 22.53 -11.01
CA ASN B 263 13.64 21.18 -11.37
C ASN B 263 12.54 20.30 -11.96
N ASP B 264 11.32 20.43 -11.46
CA ASP B 264 10.26 19.54 -11.92
C ASP B 264 9.87 19.83 -13.37
N PHE B 265 9.78 21.11 -13.74
CA PHE B 265 9.34 21.50 -15.08
C PHE B 265 10.54 21.94 -15.90
N PRO B 266 10.87 21.25 -16.99
CA PRO B 266 11.97 21.71 -17.84
C PRO B 266 11.50 22.60 -18.98
N ASN B 267 12.37 23.52 -19.40
CA ASN B 267 12.05 24.44 -20.51
C ASN B 267 10.80 25.27 -20.26
N ALA B 268 10.64 25.76 -19.04
CA ALA B 268 9.50 26.61 -18.73
C ALA B 268 9.94 27.70 -17.77
N ARG B 269 9.35 28.88 -17.90
CA ARG B 269 9.72 29.98 -17.03
C ARG B 269 9.00 29.90 -15.69
N THR B 270 9.39 28.95 -14.76
CA THR B 270 8.83 28.86 -13.41
C THR B 270 9.63 29.60 -12.35
N GLU B 271 10.69 30.30 -12.76
CA GLU B 271 11.59 30.95 -11.80
C GLU B 271 10.90 32.05 -11.00
N ILE B 272 9.77 32.53 -11.49
CA ILE B 272 9.04 33.58 -10.81
C ILE B 272 8.56 33.14 -9.44
N TYR B 273 8.10 31.89 -9.32
CA TYR B 273 7.55 31.42 -8.06
C TYR B 273 8.57 30.99 -7.00
N THR B 274 9.74 30.50 -7.42
CA THR B 274 10.71 30.00 -6.44
C THR B 274 11.04 31.02 -5.39
N ARG B 275 11.53 32.16 -5.83
CA ARG B 275 11.93 33.18 -4.89
C ARG B 275 10.76 33.67 -4.08
N MET B 276 9.58 33.82 -4.66
CA MET B 276 8.45 34.41 -3.92
C MET B 276 7.60 33.46 -3.07
N TYR B 277 7.27 32.28 -3.61
CA TYR B 277 6.35 31.36 -2.91
C TYR B 277 6.44 31.26 -1.38
N PHE B 278 7.64 31.27 -0.81
CA PHE B 278 7.77 31.06 0.62
C PHE B 278 8.02 32.34 1.41
N ASN B 279 8.45 33.40 0.73
CA ASN B 279 8.80 34.63 1.44
C ASN B 279 7.77 35.76 1.41
N HIS B 280 7.26 36.11 0.23
CA HIS B 280 6.34 37.25 0.13
C HIS B 280 5.14 37.17 1.08
N PRO B 281 4.82 38.29 1.77
CA PRO B 281 3.71 38.18 2.74
C PRO B 281 2.31 38.00 2.18
N GLY B 282 2.12 38.19 0.88
CA GLY B 282 0.81 38.06 0.27
C GLY B 282 0.44 36.65 -0.13
N TYR B 283 1.28 35.68 0.21
CA TYR B 283 0.98 34.29 -0.10
C TYR B 283 0.98 33.48 1.18
N ASP B 284 0.94 34.18 2.32
CA ASP B 284 0.95 33.51 3.63
C ASP B 284 -0.14 32.43 3.76
N ASP B 285 -1.34 32.72 3.25
CA ASP B 285 -2.51 31.83 3.32
C ASP B 285 -2.69 30.99 2.03
N TYR B 286 -1.60 30.82 1.27
CA TYR B 286 -1.66 29.93 0.11
C TYR B 286 -1.04 28.61 0.55
N PRO B 287 -1.25 27.52 -0.22
CA PRO B 287 -0.76 26.20 0.21
C PRO B 287 0.75 26.04 0.27
N VAL B 288 1.24 25.12 1.10
CA VAL B 288 2.68 24.85 1.18
C VAL B 288 3.07 23.90 0.06
N VAL B 289 4.37 23.76 -0.21
CA VAL B 289 4.77 22.92 -1.33
C VAL B 289 6.20 22.45 -1.11
N GLY B 290 6.48 21.21 -1.48
CA GLY B 290 7.82 20.68 -1.46
C GLY B 290 8.22 19.91 -0.22
N ILE B 291 7.30 19.72 0.72
CA ILE B 291 7.65 19.03 1.96
C ILE B 291 7.75 17.54 1.69
N SER B 292 8.89 16.95 2.04
CA SER B 292 9.05 15.50 1.88
C SER B 292 8.37 14.76 3.04
N TRP B 293 8.40 13.44 3.00
CA TRP B 293 7.74 12.65 4.02
C TRP B 293 8.33 12.87 5.38
N GLU B 294 9.65 12.93 5.45
CA GLU B 294 10.31 13.03 6.74
C GLU B 294 9.91 14.31 7.44
N GLN B 295 10.17 15.45 6.83
CA GLN B 295 9.80 16.73 7.41
C GLN B 295 8.35 16.74 7.84
N ALA B 296 7.48 16.04 7.11
CA ALA B 296 6.09 15.96 7.52
C ALA B 296 5.97 15.27 8.87
N GLN B 297 6.65 14.14 9.05
CA GLN B 297 6.61 13.50 10.36
C GLN B 297 7.23 14.39 11.42
N ALA B 298 8.26 15.16 11.07
CA ALA B 298 8.91 16.02 12.06
C ALA B 298 7.93 17.09 12.55
N PHE B 299 7.18 17.69 11.65
CA PHE B 299 6.18 18.67 12.08
C PHE B 299 5.09 18.01 12.90
N CYS B 300 4.63 16.83 12.46
CA CYS B 300 3.58 16.15 13.20
C CYS B 300 4.03 15.79 14.61
N ALA B 301 5.32 15.48 14.77
CA ALA B 301 5.84 15.14 16.09
C ALA B 301 6.06 16.39 16.92
N TRP B 302 6.39 17.50 16.28
CA TRP B 302 6.65 18.72 17.01
C TRP B 302 5.37 19.27 17.60
N ARG B 303 4.26 19.11 16.90
CA ARG B 303 3.02 19.69 17.39
C ARG B 303 2.68 19.22 18.81
N SER B 304 3.03 17.98 19.13
CA SER B 304 2.64 17.40 20.41
C SER B 304 3.28 18.15 21.58
N GLU B 305 4.57 18.48 21.49
CA GLU B 305 5.24 19.14 22.60
C GLU B 305 4.65 20.52 22.86
N PHE B 306 4.40 21.29 21.79
CA PHE B 306 3.84 22.62 21.95
C PHE B 306 2.43 22.55 22.53
N PHE B 307 1.67 21.52 22.14
CA PHE B 307 0.35 21.33 22.74
C PHE B 307 0.47 20.99 24.23
N ARG B 308 1.22 19.96 24.57
CA ARG B 308 1.25 19.52 25.97
C ARG B 308 1.85 20.51 26.93
N LYS B 309 2.95 21.14 26.56
CA LYS B 309 3.61 22.03 27.53
C LYS B 309 2.66 23.07 28.06
N GLY B 310 1.54 23.31 27.40
CA GLY B 310 0.63 24.32 27.87
C GLY B 310 -0.54 23.88 28.74
N ILE B 311 -1.03 22.67 28.50
CA ILE B 311 -2.18 22.19 29.24
C ILE B 311 -1.77 21.18 30.29
N ARG B 312 -2.62 21.00 31.28
CA ARG B 312 -2.36 20.01 32.31
C ARG B 312 -3.50 19.00 32.36
N LEU B 313 -3.16 17.70 32.30
CA LEU B 313 -4.12 16.61 32.38
C LEU B 313 -3.64 15.62 33.42
N PRO B 314 -3.90 15.88 34.70
CA PRO B 314 -3.26 15.08 35.76
C PRO B 314 -3.68 13.63 35.80
N GLU B 315 -4.98 13.34 35.92
CA GLU B 315 -5.44 12.01 36.33
C GLU B 315 -6.11 11.30 35.17
N GLY B 316 -5.53 10.17 34.77
CA GLY B 316 -6.18 9.23 33.88
C GLY B 316 -6.68 9.79 32.56
N GLN B 317 -5.86 10.61 31.91
CA GLN B 317 -6.23 11.11 30.60
C GLN B 317 -5.02 10.99 29.69
N ILE B 318 -4.69 9.75 29.33
CA ILE B 318 -3.56 9.54 28.44
C ILE B 318 -3.89 10.15 27.10
N MET B 319 -3.11 11.14 26.70
CA MET B 319 -3.36 11.85 25.46
C MET B 319 -2.65 11.16 24.30
N ASP B 320 -3.31 11.20 23.13
CA ASP B 320 -2.75 10.58 21.93
C ASP B 320 -2.16 11.64 21.02
N ASP B 321 -0.96 11.41 20.51
CA ASP B 321 -0.23 12.37 19.69
C ASP B 321 -0.82 12.44 18.28
N PHE B 322 -0.47 13.52 17.59
CA PHE B 322 -0.90 13.72 16.22
C PHE B 322 -0.11 12.81 15.29
N ARG B 323 -0.69 12.53 14.12
CA ARG B 323 -0.01 11.70 13.14
C ARG B 323 -0.63 11.93 11.77
N LEU B 324 0.09 11.49 10.75
CA LEU B 324 -0.44 11.54 9.39
C LEU B 324 -1.58 10.53 9.24
N PRO B 325 -2.61 10.86 8.47
CA PRO B 325 -3.75 9.95 8.35
C PRO B 325 -3.38 8.68 7.62
N THR B 326 -4.07 7.60 7.94
CA THR B 326 -3.93 6.36 7.20
C THR B 326 -4.79 6.40 5.94
N GLU B 327 -4.64 5.37 5.11
CA GLU B 327 -5.35 5.33 3.84
C GLU B 327 -6.85 5.22 4.04
N ALA B 328 -7.27 4.30 4.91
CA ALA B 328 -8.70 4.06 5.09
C ALA B 328 -9.41 5.28 5.64
N GLU B 329 -8.78 5.98 6.60
CA GLU B 329 -9.40 7.18 7.15
C GLU B 329 -9.57 8.24 6.07
N TRP B 330 -8.59 8.38 5.19
CA TRP B 330 -8.72 9.34 4.11
C TRP B 330 -9.89 9.00 3.21
N GLU B 331 -9.93 7.77 2.71
CA GLU B 331 -11.03 7.37 1.86
C GLU B 331 -12.34 7.67 2.56
N TYR B 332 -12.50 7.21 3.78
CA TYR B 332 -13.77 7.41 4.47
C TYR B 332 -14.10 8.89 4.58
N ALA B 333 -13.08 9.74 4.72
CA ALA B 333 -13.35 11.17 4.86
C ALA B 333 -13.85 11.77 3.56
N ALA B 334 -13.29 11.30 2.43
CA ALA B 334 -13.66 11.91 1.15
C ALA B 334 -14.98 11.38 0.63
N ARG B 335 -15.17 10.06 0.62
CA ARG B 335 -16.32 9.42 -0.01
C ARG B 335 -17.64 9.75 0.68
N MET B 336 -17.64 10.68 1.64
CA MET B 336 -18.90 11.13 2.23
C MET B 336 -19.68 10.01 2.89
N GLY B 337 -18.99 8.94 3.24
CA GLY B 337 -19.65 7.84 3.94
C GLY B 337 -20.38 6.79 3.14
N ASP B 338 -21.26 7.20 2.25
CA ASP B 338 -22.06 6.22 1.51
C ASP B 338 -21.39 5.90 0.18
N SER B 339 -21.63 4.69 -0.30
CA SER B 339 -20.82 4.14 -1.39
C SER B 339 -21.24 4.64 -2.77
N ASN B 340 -22.38 5.33 -2.87
CA ASN B 340 -22.84 5.78 -4.19
C ASN B 340 -21.98 6.90 -4.73
N ASN B 341 -21.50 7.79 -3.87
CA ASN B 341 -20.76 8.95 -4.32
C ASN B 341 -19.37 8.53 -4.80
N LYS B 342 -19.11 8.70 -6.09
CA LYS B 342 -17.79 8.42 -6.65
C LYS B 342 -16.92 9.68 -6.73
N TYR B 343 -17.47 10.85 -6.45
CA TYR B 343 -16.75 12.11 -6.39
C TYR B 343 -17.10 12.78 -5.07
N PRO B 344 -16.21 13.62 -4.56
CA PRO B 344 -16.50 14.27 -3.27
C PRO B 344 -17.45 15.45 -3.35
N TRP B 345 -18.55 15.29 -4.07
CA TRP B 345 -19.65 16.24 -4.03
C TRP B 345 -20.97 15.49 -4.23
N SER B 346 -22.07 16.25 -4.22
CA SER B 346 -23.40 15.64 -4.19
C SER B 346 -23.67 14.82 -5.45
N THR B 347 -23.51 15.43 -6.62
CA THR B 347 -23.88 14.79 -7.87
C THR B 347 -22.72 13.99 -8.44
N GLU B 348 -22.87 13.55 -9.70
CA GLU B 348 -21.84 12.83 -10.41
C GLU B 348 -21.35 13.57 -11.65
N ASP B 349 -21.58 14.87 -11.73
CA ASP B 349 -21.10 15.69 -12.83
C ASP B 349 -20.01 16.64 -12.34
N LEU B 350 -19.02 16.89 -13.21
CA LEU B 350 -17.92 17.77 -12.82
C LEU B 350 -18.37 19.23 -12.75
N ARG B 351 -19.22 19.63 -13.68
CA ARG B 351 -19.65 21.01 -13.68
C ARG B 351 -20.75 21.27 -12.68
N THR B 352 -21.07 22.54 -12.46
CA THR B 352 -22.09 22.91 -11.50
C THR B 352 -23.37 23.33 -12.23
N GLY B 353 -24.33 23.88 -11.47
CA GLY B 353 -25.60 24.25 -12.06
C GLY B 353 -25.48 25.27 -13.17
N ARG B 354 -24.66 26.30 -12.97
CA ARG B 354 -24.47 27.35 -13.98
C ARG B 354 -22.98 27.58 -14.23
N GLY B 355 -22.42 26.75 -15.11
CA GLY B 355 -21.14 27.03 -15.76
C GLY B 355 -19.96 27.37 -14.87
N CYS B 356 -19.77 26.64 -13.77
CA CYS B 356 -18.59 26.81 -12.94
C CYS B 356 -18.03 25.45 -12.56
N PHE B 357 -16.74 25.43 -12.24
CA PHE B 357 -16.06 24.20 -11.87
C PHE B 357 -15.89 24.14 -10.36
N LEU B 358 -16.08 22.95 -9.79
CA LEU B 358 -15.99 22.81 -8.35
C LEU B 358 -14.55 22.83 -7.87
N GLY B 359 -13.65 22.14 -8.57
CA GLY B 359 -12.30 21.93 -8.08
C GLY B 359 -11.26 22.63 -8.94
N ASN B 360 -10.12 22.91 -8.28
CA ASN B 360 -8.98 23.55 -8.94
C ASN B 360 -8.15 22.48 -9.62
N PHE B 361 -8.56 22.04 -10.78
CA PHE B 361 -7.88 21.02 -11.56
C PHE B 361 -8.05 21.35 -13.03
N LYS B 362 -7.13 20.87 -13.86
CA LYS B 362 -7.15 21.17 -15.29
C LYS B 362 -8.22 20.41 -16.06
N PRO B 363 -9.18 21.13 -16.64
CA PRO B 363 -10.25 20.40 -17.33
C PRO B 363 -10.08 20.30 -18.84
N GLY B 364 -9.16 21.07 -19.42
CA GLY B 364 -8.94 21.03 -20.85
C GLY B 364 -7.48 20.92 -21.23
N GLU B 365 -7.19 20.34 -22.39
CA GLU B 365 -5.81 20.23 -22.85
C GLU B 365 -5.11 21.57 -22.80
N GLY B 366 -4.10 21.71 -21.93
CA GLY B 366 -3.38 22.96 -21.81
C GLY B 366 -4.28 24.09 -21.39
N ASP B 367 -5.49 23.77 -20.94
CA ASP B 367 -6.44 24.78 -20.50
C ASP B 367 -6.45 24.87 -18.99
N TYR B 368 -5.27 24.86 -18.39
CA TYR B 368 -5.18 24.92 -16.93
C TYR B 368 -6.03 26.04 -16.33
N THR B 369 -6.36 27.05 -17.10
CA THR B 369 -6.99 28.28 -16.60
C THR B 369 -8.52 28.30 -16.69
N ALA B 370 -9.10 27.19 -17.15
CA ALA B 370 -10.56 27.10 -17.21
C ALA B 370 -11.18 26.96 -15.82
N ASP B 371 -10.40 26.50 -14.85
CA ASP B 371 -10.92 26.29 -13.50
C ASP B 371 -10.84 27.55 -12.65
N GLY B 372 -10.19 28.59 -13.17
CA GLY B 372 -10.07 29.85 -12.45
C GLY B 372 -8.66 30.18 -12.02
N HIS B 373 -7.88 29.17 -11.63
CA HIS B 373 -6.56 29.38 -11.07
C HIS B 373 -5.54 28.44 -11.71
N LEU B 374 -4.31 28.95 -11.88
CA LEU B 374 -3.25 28.18 -12.52
C LEU B 374 -2.34 27.51 -11.49
N ILE B 375 -1.85 28.27 -10.52
CA ILE B 375 -1.03 27.74 -9.42
C ILE B 375 -1.97 27.23 -8.34
N PRO B 376 -1.49 26.57 -7.29
CA PRO B 376 -2.37 26.25 -6.17
C PRO B 376 -3.03 27.51 -5.64
N SER B 377 -4.32 27.39 -5.37
CA SER B 377 -5.07 28.58 -4.99
C SER B 377 -5.28 28.78 -3.51
N ARG B 378 -5.94 29.88 -3.20
CA ARG B 378 -6.24 30.20 -1.82
C ARG B 378 -7.23 29.19 -1.25
N VAL B 379 -7.00 28.78 -0.01
CA VAL B 379 -7.93 27.86 0.64
C VAL B 379 -9.24 28.58 0.96
N SER B 380 -10.30 27.79 1.10
CA SER B 380 -11.67 28.26 1.35
C SER B 380 -12.26 28.99 0.14
N SER B 381 -11.75 28.75 -1.06
CA SER B 381 -12.31 29.39 -2.25
C SER B 381 -13.53 28.65 -2.77
N PHE B 382 -13.50 27.33 -2.76
CA PHE B 382 -14.59 26.51 -3.29
C PHE B 382 -15.49 26.02 -2.16
N SER B 383 -16.68 25.55 -2.55
CA SER B 383 -17.68 25.16 -1.57
C SER B 383 -17.26 23.87 -0.84
N PRO B 384 -17.76 23.66 0.37
CA PRO B 384 -17.37 22.48 1.15
C PRO B 384 -18.26 21.29 0.84
N ASN B 385 -17.90 20.15 1.43
CA ASN B 385 -18.74 18.96 1.27
C ASN B 385 -19.64 18.88 2.49
N ASP B 386 -20.39 17.80 2.63
CA ASP B 386 -21.32 17.68 3.75
C ASP B 386 -20.64 17.82 5.10
N PHE B 387 -19.82 16.84 5.48
CA PHE B 387 -19.16 16.86 6.79
C PHE B 387 -18.75 18.27 7.16
N GLY B 388 -17.74 18.78 6.48
CA GLY B 388 -17.25 20.12 6.77
C GLY B 388 -15.84 20.30 6.25
N LEU B 389 -15.23 19.22 5.77
CA LEU B 389 -13.90 19.33 5.19
C LEU B 389 -13.90 20.30 4.01
N TYR B 390 -12.74 20.86 3.69
CA TYR B 390 -12.66 21.81 2.58
C TYR B 390 -11.60 21.46 1.56
N ASP B 391 -11.80 21.89 0.33
CA ASP B 391 -10.82 21.65 -0.73
C ASP B 391 -10.33 20.20 -0.72
N MET B 392 -11.27 19.26 -0.80
CA MET B 392 -10.96 17.87 -0.50
C MET B 392 -10.14 17.24 -1.62
N ALA B 393 -10.47 17.54 -2.86
CA ALA B 393 -9.74 17.05 -4.01
C ALA B 393 -9.25 18.22 -4.86
N GLY B 394 -8.11 18.04 -5.49
CA GLY B 394 -7.47 19.13 -6.19
C GLY B 394 -6.59 19.94 -5.27
N ASN B 395 -6.16 21.11 -5.77
CA ASN B 395 -5.15 21.93 -5.11
C ASN B 395 -3.92 21.06 -4.95
N VAL B 396 -3.53 20.68 -3.74
CA VAL B 396 -2.37 19.84 -3.53
C VAL B 396 -2.84 18.46 -3.10
N ALA B 397 -2.01 17.46 -3.40
CA ALA B 397 -2.30 16.09 -2.99
C ALA B 397 -1.99 15.97 -1.50
N GLU B 398 -2.03 14.76 -0.97
CA GLU B 398 -1.82 14.58 0.46
C GLU B 398 -0.99 13.33 0.71
N TRP B 399 -0.14 13.40 1.73
CA TRP B 399 0.69 12.26 2.11
C TRP B 399 -0.16 11.22 2.82
N THR B 400 0.39 10.02 2.94
CA THR B 400 -0.26 8.93 3.63
C THR B 400 0.81 8.04 4.27
N SER B 401 0.42 7.33 5.32
CA SER B 401 1.38 6.63 6.18
C SER B 401 1.47 5.13 5.89
N THR B 402 0.89 4.65 4.82
CA THR B 402 0.98 3.24 4.48
C THR B 402 2.22 3.01 3.60
N ALA B 403 2.32 1.82 3.01
CA ALA B 403 3.37 1.51 2.06
C ALA B 403 2.73 1.08 0.76
N PHE B 404 3.52 1.09 -0.32
CA PHE B 404 3.00 0.79 -1.65
C PHE B 404 3.24 -0.68 -1.99
N SER B 405 2.17 -1.34 -2.41
CA SER B 405 2.24 -2.67 -3.00
C SER B 405 0.97 -2.86 -3.82
N GLU B 406 1.11 -3.35 -5.04
CA GLU B 406 -0.06 -3.49 -5.91
C GLU B 406 -1.12 -4.41 -5.31
N SER B 407 -0.74 -5.29 -4.39
CA SER B 407 -1.67 -6.12 -3.64
C SER B 407 -2.00 -5.52 -2.29
N GLY B 408 -2.03 -4.19 -2.20
CA GLY B 408 -2.16 -3.55 -0.89
C GLY B 408 -3.50 -3.81 -0.24
N LEU B 409 -4.56 -3.89 -1.04
CA LEU B 409 -5.90 -3.98 -0.48
C LEU B 409 -6.14 -5.30 0.24
N LYS B 410 -5.58 -6.39 -0.29
CA LYS B 410 -5.89 -7.69 0.28
C LYS B 410 -5.09 -8.00 1.53
N GLN B 411 -4.01 -7.25 1.80
CA GLN B 411 -3.08 -7.66 2.84
C GLN B 411 -3.40 -7.08 4.21
N MET B 412 -4.40 -6.21 4.31
CA MET B 412 -4.72 -5.61 5.61
C MET B 412 -6.09 -6.10 6.10
N SER B 413 -6.22 -6.20 7.41
CA SER B 413 -7.49 -6.61 8.00
C SER B 413 -8.52 -5.50 7.83
N ASP B 414 -9.79 -5.83 8.04
CA ASP B 414 -10.85 -4.85 7.79
C ASP B 414 -10.96 -3.70 8.79
N ILE B 415 -10.78 -3.99 10.07
CA ILE B 415 -10.90 -2.97 11.09
C ILE B 415 -9.64 -2.11 11.15
N ASN B 416 -9.78 -0.80 10.94
CA ASN B 416 -8.64 0.12 11.03
C ASN B 416 -7.43 -0.38 10.18
N PRO B 417 -7.58 -0.51 8.82
CA PRO B 417 -6.45 -1.04 8.06
C PRO B 417 -5.25 -0.11 8.13
N GLU B 418 -4.07 -0.71 8.32
CA GLU B 418 -2.83 0.06 8.42
C GLU B 418 -1.61 -0.82 8.19
N LEU B 419 -0.96 -0.67 7.04
CA LEU B 419 0.26 -1.40 6.74
C LEU B 419 1.43 -0.45 6.95
N GLU B 420 2.29 -0.82 7.89
CA GLU B 420 3.39 0.05 8.22
C GLU B 420 4.72 -0.64 8.09
N TYR B 421 5.65 0.03 7.44
CA TYR B 421 6.99 -0.50 7.24
C TYR B 421 7.97 0.66 7.36
N LYS B 422 8.85 0.60 8.37
CA LYS B 422 9.93 1.56 8.50
C LYS B 422 11.16 1.02 7.78
N ALA B 423 11.61 1.72 6.74
CA ALA B 423 12.69 1.24 5.92
C ALA B 423 14.04 1.35 6.64
N ALA B 424 14.95 0.46 6.29
CA ALA B 424 16.33 0.53 6.74
C ALA B 424 17.22 1.04 5.63
N LEU B 425 18.35 1.63 6.01
CA LEU B 425 19.17 2.37 5.05
C LEU B 425 19.80 1.45 4.01
N THR B 426 20.11 0.21 4.39
CA THR B 426 20.77 -0.73 3.49
C THR B 426 19.88 -1.38 2.44
N ASP B 427 18.57 -1.16 2.52
CA ASP B 427 17.65 -1.81 1.59
C ASP B 427 17.67 -1.10 0.23
N PRO B 428 17.33 -1.79 -0.86
CA PRO B 428 17.32 -1.15 -2.17
C PRO B 428 16.32 -0.01 -2.23
N TYR B 429 16.41 0.77 -3.31
CA TYR B 429 15.60 1.98 -3.39
C TYR B 429 14.15 1.69 -3.76
N ILE B 430 13.84 0.43 -4.10
CA ILE B 430 12.47 0.10 -4.50
C ILE B 430 11.54 0.10 -3.30
N LEU B 431 12.02 -0.34 -2.15
CA LEU B 431 11.13 -0.67 -1.04
C LEU B 431 10.84 0.51 -0.12
N LYS B 432 10.91 1.76 -0.58
CA LYS B 432 10.60 2.89 0.29
C LYS B 432 9.69 3.88 -0.41
N GLN B 433 8.61 3.37 -1.02
CA GLN B 433 7.62 4.22 -1.67
C GLN B 433 6.37 4.30 -0.79
N LYS B 434 5.82 5.50 -0.65
CA LYS B 434 4.63 5.71 0.16
C LYS B 434 3.51 6.29 -0.69
N VAL B 435 2.28 5.87 -0.42
CA VAL B 435 1.16 6.20 -1.27
C VAL B 435 0.73 7.64 -1.06
N VAL B 436 0.41 8.32 -2.16
CA VAL B 436 -0.15 9.68 -2.14
C VAL B 436 -1.49 9.63 -2.86
N ARG B 437 -2.50 10.26 -2.25
CA ARG B 437 -3.89 10.07 -2.66
C ARG B 437 -4.64 11.38 -2.73
N GLY B 438 -5.31 11.61 -3.86
CA GLY B 438 -6.22 12.72 -4.01
C GLY B 438 -5.98 13.60 -5.23
N GLY B 439 -4.80 13.53 -5.76
CA GLY B 439 -4.54 14.33 -6.95
C GLY B 439 -4.30 15.79 -6.65
N SER B 440 -4.01 16.54 -7.71
CA SER B 440 -3.61 17.93 -7.55
C SER B 440 -3.87 18.68 -8.86
N TRP B 441 -3.39 19.92 -8.95
CA TRP B 441 -3.70 20.76 -10.12
C TRP B 441 -3.02 20.27 -11.39
N LYS B 442 -2.09 19.32 -11.26
CA LYS B 442 -1.44 18.79 -12.45
C LYS B 442 -2.20 17.63 -13.06
N ASP B 443 -3.23 17.13 -12.39
CA ASP B 443 -3.87 15.88 -12.78
C ASP B 443 -5.06 16.09 -13.71
N VAL B 444 -5.27 15.13 -14.60
CA VAL B 444 -6.40 15.11 -15.52
C VAL B 444 -7.65 14.67 -14.78
N ALA B 445 -8.80 14.76 -15.43
CA ALA B 445 -10.07 14.55 -14.74
C ALA B 445 -10.26 13.10 -14.31
N ARG B 446 -9.40 12.20 -14.78
CA ARG B 446 -9.52 10.80 -14.35
C ARG B 446 -8.92 10.60 -12.96
N PHE B 447 -7.88 11.37 -12.62
CA PHE B 447 -7.15 11.11 -11.39
C PHE B 447 -7.87 11.69 -10.17
N ILE B 448 -8.77 12.66 -10.37
CA ILE B 448 -9.46 13.25 -9.25
C ILE B 448 -10.56 12.36 -8.72
N ARG B 449 -10.77 11.19 -9.30
CA ARG B 449 -11.63 10.18 -8.69
C ARG B 449 -11.09 9.82 -7.31
N SER B 450 -11.98 9.68 -6.34
CA SER B 450 -11.54 9.54 -4.96
C SER B 450 -10.73 8.27 -4.74
N ALA B 451 -10.95 7.24 -5.54
CA ALA B 451 -10.27 5.96 -5.39
C ALA B 451 -9.32 5.76 -6.56
N THR B 452 -8.10 6.27 -6.42
CA THR B 452 -7.07 6.13 -7.44
C THR B 452 -5.72 6.30 -6.78
N ARG B 453 -4.79 5.40 -7.08
CA ARG B 453 -3.53 5.29 -6.34
C ARG B 453 -2.39 5.94 -7.11
N SER B 454 -1.57 6.69 -6.38
CA SER B 454 -0.34 7.27 -6.92
C SER B 454 0.76 7.12 -5.90
N HIS B 455 1.99 6.90 -6.37
CA HIS B 455 3.12 6.65 -5.48
C HIS B 455 4.23 7.65 -5.74
N GLU B 456 4.89 8.06 -4.66
CA GLU B 456 6.03 9.00 -4.75
C GLU B 456 7.03 8.58 -3.68
N TYR B 457 8.32 8.68 -3.97
CA TYR B 457 9.35 8.24 -3.04
C TYR B 457 9.31 9.05 -1.75
N GLN B 458 10.00 8.55 -0.73
CA GLN B 458 9.98 9.18 0.58
C GLN B 458 11.04 10.25 0.73
N ASN B 459 12.03 10.27 -0.16
CA ASN B 459 13.14 11.22 -0.02
C ASN B 459 13.04 12.45 -0.90
N VAL B 460 12.16 12.42 -1.89
CA VAL B 460 12.07 13.54 -2.84
C VAL B 460 10.73 14.25 -2.77
N GLY B 461 10.74 15.58 -2.66
CA GLY B 461 9.46 16.26 -2.73
C GLY B 461 9.24 16.84 -4.11
N ARG B 462 8.04 17.32 -4.39
CA ARG B 462 7.78 17.94 -5.68
C ARG B 462 7.01 19.24 -5.57
N SER B 463 6.33 19.63 -6.64
CA SER B 463 5.63 20.90 -6.63
C SER B 463 4.12 20.76 -6.50
N TYR B 464 3.59 19.56 -6.26
CA TYR B 464 2.15 19.36 -6.13
C TYR B 464 1.77 18.38 -5.02
N ILE B 465 2.44 18.41 -3.87
CA ILE B 465 2.10 17.57 -2.72
C ILE B 465 2.19 18.39 -1.45
N GLY B 466 1.13 18.35 -0.64
CA GLY B 466 1.11 19.00 0.65
C GLY B 466 0.86 17.98 1.74
N PHE B 467 0.24 18.37 2.85
CA PHE B 467 -0.14 17.40 3.87
C PHE B 467 -1.17 18.02 4.81
N ARG B 468 -1.74 17.17 5.65
CA ARG B 468 -2.70 17.57 6.67
C ARG B 468 -2.66 16.57 7.81
N CYS B 469 -3.06 17.03 9.00
CA CYS B 469 -2.89 16.26 10.23
C CYS B 469 -4.23 15.82 10.80
N VAL B 470 -4.23 14.65 11.44
CA VAL B 470 -5.40 14.08 12.08
C VAL B 470 -5.04 13.71 13.51
N ARG B 471 -6.05 13.24 14.25
CA ARG B 471 -5.89 12.97 15.67
C ARG B 471 -6.95 11.99 16.15
N THR B 472 -6.51 10.91 16.80
CA THR B 472 -7.45 9.95 17.35
C THR B 472 -8.21 10.57 18.52
N SER B 473 -9.49 10.24 18.63
CA SER B 473 -10.40 10.88 19.57
C SER B 473 -10.75 9.93 20.69
N ILE B 474 -11.32 10.49 21.75
CA ILE B 474 -11.88 9.72 22.85
C ILE B 474 -13.31 10.18 23.08
N ALA B 475 -14.26 9.32 22.76
CA ALA B 475 -15.67 9.62 22.91
C ALA B 475 -16.37 8.40 23.48
N PHE B 476 -17.63 8.57 23.81
CA PHE B 476 -18.43 7.52 24.43
C PHE B 476 -19.50 7.04 23.46
N SER B 477 -19.68 5.73 23.38
CA SER B 477 -20.52 5.14 22.35
C SER B 477 -21.97 5.58 22.50
N SER B 478 -22.46 5.66 23.74
CA SER B 478 -23.87 5.98 23.96
C SER B 478 -24.21 7.37 23.45
N GLY B 479 -23.22 8.26 23.37
CA GLY B 479 -23.44 9.61 22.88
C GLY B 479 -22.77 9.89 21.55
N GLU C 34 -45.15 -40.66 71.49
CA GLU C 34 -45.07 -41.87 70.69
C GLU C 34 -44.72 -41.55 69.24
N LEU C 35 -43.43 -41.31 69.00
CA LEU C 35 -42.92 -40.99 67.66
C LEU C 35 -43.66 -39.81 67.04
N THR C 36 -43.84 -38.76 67.84
CA THR C 36 -44.35 -37.50 67.30
C THR C 36 -43.33 -36.87 66.37
N GLY C 37 -42.05 -36.92 66.74
CA GLY C 37 -40.99 -36.39 65.90
C GLY C 37 -40.35 -35.14 66.49
N ALA C 38 -39.12 -34.89 66.06
CA ALA C 38 -38.36 -33.73 66.52
C ALA C 38 -37.83 -32.97 65.30
N LYS C 39 -37.55 -31.69 65.51
CA LYS C 39 -37.08 -30.82 64.44
C LYS C 39 -35.77 -30.15 64.87
N LEU C 40 -35.29 -29.24 64.02
CA LEU C 40 -34.06 -28.51 64.26
C LEU C 40 -34.29 -27.04 63.93
N SER C 41 -33.46 -26.17 64.51
CA SER C 41 -33.62 -24.74 64.30
C SER C 41 -33.56 -24.34 62.84
N SER C 42 -34.38 -23.38 62.45
CA SER C 42 -34.44 -22.97 61.05
C SER C 42 -33.69 -21.69 60.75
N TRP C 43 -33.02 -21.64 59.61
CA TRP C 43 -32.34 -20.42 59.20
C TRP C 43 -32.64 -20.11 57.74
N ASN C 44 -32.60 -18.82 57.40
CA ASN C 44 -33.13 -18.30 56.15
C ASN C 44 -32.10 -18.33 55.04
N GLU C 45 -32.51 -17.85 53.87
CA GLU C 45 -31.63 -17.76 52.72
C GLU C 45 -31.64 -16.34 52.17
N PRO C 46 -30.60 -15.55 52.46
CA PRO C 46 -30.59 -14.14 52.05
C PRO C 46 -30.57 -14.01 50.54
N SER C 47 -31.02 -12.85 50.06
CA SER C 47 -30.99 -12.54 48.64
C SER C 47 -29.76 -11.71 48.32
N PRO C 48 -28.77 -12.26 47.60
CA PRO C 48 -27.56 -11.48 47.31
C PRO C 48 -27.88 -10.28 46.43
N PHE C 49 -27.02 -9.27 46.49
CA PHE C 49 -27.25 -8.06 45.70
C PHE C 49 -27.19 -8.29 44.20
N GLY C 50 -27.85 -7.42 43.43
CA GLY C 50 -27.80 -7.52 41.99
C GLY C 50 -28.00 -8.92 41.46
N MET C 51 -29.00 -9.62 41.99
CA MET C 51 -29.29 -10.97 41.52
C MET C 51 -30.76 -11.19 41.15
N ILE C 52 -31.03 -12.15 40.28
CA ILE C 52 -32.39 -12.44 39.84
C ILE C 52 -32.63 -13.93 39.97
N GLN C 53 -33.87 -14.39 39.84
CA GLN C 53 -34.17 -15.81 40.06
C GLN C 53 -34.66 -16.59 38.84
N VAL C 54 -34.13 -17.79 38.64
CA VAL C 54 -34.53 -18.61 37.51
C VAL C 54 -35.33 -19.80 37.99
N PRO C 55 -36.55 -20.02 37.45
CA PRO C 55 -37.34 -21.12 37.99
C PRO C 55 -37.02 -22.46 37.35
N ARG C 56 -37.61 -23.54 37.85
CA ARG C 56 -37.35 -24.88 37.31
C ARG C 56 -38.03 -25.10 35.97
N GLY C 57 -37.67 -26.18 35.27
CA GLY C 57 -38.27 -26.48 33.98
C GLY C 57 -37.49 -27.48 33.16
N SER C 58 -37.79 -27.56 31.86
CA SER C 58 -37.06 -28.46 30.98
C SER C 58 -36.94 -27.89 29.57
N ILE C 59 -35.82 -28.16 28.90
CA ILE C 59 -35.62 -27.63 27.56
C ILE C 59 -35.03 -28.68 26.63
N VAL C 60 -35.24 -28.50 25.33
CA VAL C 60 -34.70 -29.44 24.36
C VAL C 60 -33.37 -28.91 23.83
N LEU C 61 -32.30 -29.67 24.07
CA LEU C 61 -30.98 -29.26 23.64
C LEU C 61 -30.68 -29.73 22.23
N GLY C 62 -30.17 -28.82 21.41
CA GLY C 62 -29.81 -29.15 20.04
C GLY C 62 -30.87 -28.72 19.04
N ASN C 63 -30.47 -28.70 17.77
CA ASN C 63 -31.34 -28.32 16.67
C ASN C 63 -31.50 -29.52 15.75
N LYS C 64 -32.72 -29.70 15.23
CA LYS C 64 -33.04 -30.93 14.52
C LYS C 64 -32.77 -30.84 13.01
N GLU C 65 -32.73 -29.64 12.43
CA GLU C 65 -32.50 -29.49 11.00
C GLU C 65 -31.10 -28.95 10.76
N ALA C 66 -30.24 -29.80 10.21
CA ALA C 66 -28.85 -29.40 9.95
C ALA C 66 -28.79 -28.41 8.80
N ASP C 67 -27.91 -27.42 8.93
CA ASP C 67 -27.72 -26.44 7.88
C ASP C 67 -27.17 -27.12 6.64
N SER C 68 -27.79 -26.85 5.49
CA SER C 68 -27.41 -27.54 4.27
C SER C 68 -25.99 -27.16 3.83
N LEU C 69 -25.62 -25.88 4.01
CA LEU C 69 -24.33 -25.42 3.53
C LEU C 69 -23.20 -26.00 4.38
N TRP C 70 -23.20 -25.69 5.67
CA TRP C 70 -22.18 -26.21 6.57
C TRP C 70 -22.34 -27.72 6.72
N GLY C 71 -21.25 -28.38 7.07
CA GLY C 71 -21.27 -29.83 7.14
C GLY C 71 -21.64 -30.43 8.47
N ILE C 72 -22.07 -29.61 9.43
CA ILE C 72 -22.39 -30.12 10.76
C ILE C 72 -23.65 -30.97 10.76
N PRO C 73 -23.55 -32.24 11.21
CA PRO C 73 -24.77 -33.04 11.28
C PRO C 73 -25.64 -32.66 12.47
N ALA C 74 -26.84 -33.23 12.49
CA ALA C 74 -27.82 -32.92 13.51
C ALA C 74 -27.46 -33.53 14.85
N GLU C 75 -28.17 -33.09 15.89
CA GLU C 75 -28.03 -33.64 17.24
C GLU C 75 -29.17 -33.13 18.10
N SER C 76 -29.63 -33.97 19.04
CA SER C 76 -30.73 -33.58 19.92
C SER C 76 -30.66 -34.41 21.20
N ARG C 77 -31.06 -33.82 22.33
CA ARG C 77 -31.19 -34.52 23.60
C ARG C 77 -31.93 -33.64 24.59
N PRO C 78 -32.93 -34.21 25.31
CA PRO C 78 -33.61 -33.40 26.31
C PRO C 78 -33.04 -33.50 27.71
N ILE C 79 -33.19 -32.46 28.51
CA ILE C 79 -32.68 -32.40 29.87
C ILE C 79 -33.61 -31.58 30.75
N SER C 80 -33.27 -31.55 32.04
CA SER C 80 -34.02 -30.76 33.02
C SER C 80 -32.97 -30.20 33.98
N VAL C 81 -33.23 -29.07 34.63
CA VAL C 81 -32.28 -28.40 35.50
C VAL C 81 -33.02 -27.81 36.70
N ASP C 82 -32.30 -27.65 37.80
CA ASP C 82 -32.82 -27.16 39.07
C ASP C 82 -32.89 -25.63 39.05
N ALA C 83 -33.07 -25.05 40.24
CA ALA C 83 -33.16 -23.60 40.35
C ALA C 83 -31.80 -22.99 40.71
N PHE C 84 -31.62 -21.71 40.35
CA PHE C 84 -30.34 -21.04 40.62
C PHE C 84 -30.37 -19.55 40.27
N TRP C 85 -29.67 -18.73 41.05
CA TRP C 85 -29.60 -17.30 40.80
C TRP C 85 -28.61 -17.04 39.67
N MET C 86 -28.55 -15.79 39.21
CA MET C 86 -27.62 -15.45 38.15
C MET C 86 -27.33 -13.97 38.11
N ASP C 87 -26.18 -13.60 37.56
CA ASP C 87 -25.78 -12.20 37.44
C ASP C 87 -26.53 -11.52 36.29
N ARG C 88 -27.07 -10.33 36.56
CA ARG C 88 -27.79 -9.62 35.51
C ARG C 88 -26.86 -9.21 34.39
N THR C 89 -25.76 -8.55 34.72
CA THR C 89 -24.82 -8.05 33.72
C THR C 89 -23.49 -8.77 33.86
N GLU C 90 -22.69 -8.74 32.80
CA GLU C 90 -21.36 -9.32 32.88
C GLU C 90 -20.54 -8.59 33.93
N ILE C 91 -19.45 -9.22 34.36
CA ILE C 91 -18.62 -8.62 35.39
C ILE C 91 -17.98 -7.36 34.83
N THR C 92 -18.32 -6.22 35.39
CA THR C 92 -17.85 -4.94 34.88
C THR C 92 -16.38 -4.73 35.22
N ASN C 93 -15.85 -3.55 34.87
CA ASN C 93 -14.46 -3.23 35.22
C ASN C 93 -14.31 -2.80 36.67
N ALA C 94 -15.31 -2.15 37.24
CA ALA C 94 -15.18 -1.63 38.60
C ALA C 94 -14.92 -2.75 39.59
N GLN C 95 -15.61 -3.88 39.44
CA GLN C 95 -15.47 -4.96 40.40
C GLN C 95 -14.10 -5.62 40.30
N TYR C 96 -13.62 -5.86 39.09
CA TYR C 96 -12.30 -6.44 38.96
C TYR C 96 -11.24 -5.49 39.52
N ARG C 97 -11.42 -4.18 39.32
CA ARG C 97 -10.48 -3.24 39.91
C ARG C 97 -10.51 -3.31 41.42
N GLN C 98 -11.70 -3.46 42.02
CA GLN C 98 -11.76 -3.57 43.47
C GLN C 98 -11.03 -4.80 43.97
N PHE C 99 -11.14 -5.91 43.24
CA PHE C 99 -10.42 -7.11 43.61
C PHE C 99 -8.90 -6.91 43.50
N VAL C 100 -8.47 -6.18 42.47
CA VAL C 100 -7.04 -5.92 42.32
C VAL C 100 -6.54 -5.07 43.47
N TYR C 101 -7.30 -4.05 43.86
CA TYR C 101 -6.88 -3.21 44.99
C TYR C 101 -6.79 -4.02 46.28
N TYR C 102 -7.74 -4.93 46.50
CA TYR C 102 -7.67 -5.73 47.73
C TYR C 102 -6.42 -6.59 47.75
N VAL C 103 -6.09 -7.22 46.63
CA VAL C 103 -4.88 -8.06 46.60
C VAL C 103 -3.64 -7.22 46.83
N ARG C 104 -3.59 -6.04 46.22
CA ARG C 104 -2.42 -5.17 46.41
C ARG C 104 -2.29 -4.75 47.87
N ASP C 105 -3.41 -4.41 48.52
CA ASP C 105 -3.33 -4.02 49.93
C ASP C 105 -2.85 -5.16 50.80
N SER C 106 -3.31 -6.38 50.53
CA SER C 106 -2.83 -7.53 51.29
C SER C 106 -1.33 -7.68 51.14
N ILE C 107 -0.82 -7.62 49.91
CA ILE C 107 0.63 -7.81 49.75
C ILE C 107 1.40 -6.67 50.39
N ILE C 108 0.88 -5.44 50.34
CA ILE C 108 1.58 -4.32 50.96
C ILE C 108 1.71 -4.53 52.46
N ARG C 109 0.60 -4.88 53.11
CA ARG C 109 0.65 -5.08 54.55
C ARG C 109 1.54 -6.27 54.91
N GLU C 110 1.59 -7.28 54.05
CA GLU C 110 2.58 -8.34 54.25
C GLU C 110 3.99 -7.77 54.23
N ARG C 111 4.30 -6.96 53.22
CA ARG C 111 5.66 -6.45 53.08
C ARG C 111 6.05 -5.56 54.25
N LEU C 112 5.09 -4.90 54.87
CA LEU C 112 5.42 -3.95 55.92
C LEU C 112 6.12 -4.65 57.08
N ALA C 113 5.64 -5.82 57.50
CA ALA C 113 6.18 -6.53 58.65
C ALA C 113 7.08 -7.69 58.21
N ASP C 114 8.29 -7.34 57.79
CA ASP C 114 9.30 -8.33 57.42
C ASP C 114 10.65 -7.86 57.94
N PRO C 115 11.54 -8.80 58.28
CA PRO C 115 12.81 -8.41 58.90
C PRO C 115 13.65 -7.50 58.04
N ALA C 116 13.51 -7.57 56.72
CA ALA C 116 14.33 -6.74 55.85
C ALA C 116 13.94 -5.27 55.96
N TYR C 117 12.64 -4.98 55.90
CA TYR C 117 12.15 -3.61 55.86
C TYR C 117 11.79 -3.08 57.24
N GLY C 118 12.09 -3.84 58.29
CA GLY C 118 11.71 -3.44 59.63
C GLY C 118 10.36 -4.02 60.02
N GLY C 119 10.34 -4.89 61.03
CA GLY C 119 9.12 -5.54 61.46
C GLY C 119 8.40 -4.68 62.48
N ASN C 120 7.14 -4.35 62.17
CA ASN C 120 6.27 -3.63 63.08
C ASN C 120 5.36 -4.64 63.75
N GLU C 121 5.41 -4.69 65.07
CA GLU C 121 4.58 -5.65 65.81
C GLU C 121 3.12 -5.24 65.87
N GLU C 122 2.79 -4.00 65.48
CA GLU C 122 1.41 -3.51 65.60
C GLU C 122 0.52 -3.97 64.46
N TYR C 123 1.08 -4.27 63.29
CA TYR C 123 0.24 -4.61 62.14
C TYR C 123 -0.09 -6.09 62.08
N LYS C 124 0.62 -6.94 62.83
CA LYS C 124 0.34 -8.36 62.89
C LYS C 124 0.17 -8.76 64.34
N ILE C 125 -0.93 -9.46 64.64
CA ILE C 125 -1.32 -9.75 66.01
C ILE C 125 -1.44 -11.26 66.19
N THR C 126 -0.82 -11.78 67.24
CA THR C 126 -0.99 -13.17 67.64
C THR C 126 -1.48 -13.31 69.07
N GLU C 127 -1.50 -12.23 69.84
CA GLU C 127 -1.90 -12.26 71.23
C GLU C 127 -3.39 -11.92 71.32
N ASN C 128 -4.17 -12.79 71.93
CA ASN C 128 -5.60 -12.54 72.08
C ASN C 128 -5.85 -11.37 73.00
N LYS C 129 -7.01 -10.74 72.85
CA LYS C 129 -7.37 -9.62 73.73
C LYS C 129 -7.38 -10.08 75.16
N PHE C 130 -7.90 -11.28 75.44
CA PHE C 130 -7.78 -11.88 76.76
C PHE C 130 -6.34 -12.24 77.10
N GLY C 131 -5.48 -12.47 76.11
CA GLY C 131 -4.06 -12.66 76.37
C GLY C 131 -3.40 -13.96 75.93
N GLU C 132 -4.11 -14.79 75.17
CA GLU C 132 -3.53 -16.10 74.78
C GLU C 132 -2.85 -16.17 73.41
N PRO C 133 -1.95 -17.18 73.21
CA PRO C 133 -1.32 -17.32 71.90
C PRO C 133 -2.10 -18.23 70.96
N VAL C 134 -2.33 -17.74 69.73
CA VAL C 134 -3.04 -18.48 68.69
C VAL C 134 -2.29 -18.31 67.37
N THR C 135 -2.85 -18.90 66.32
CA THR C 135 -2.25 -18.81 64.99
C THR C 135 -2.25 -17.37 64.51
N PRO C 136 -1.20 -16.93 63.83
CA PRO C 136 -1.11 -15.53 63.39
C PRO C 136 -2.04 -15.25 62.22
N HIS C 137 -2.24 -13.97 61.97
CA HIS C 137 -2.91 -13.49 60.77
C HIS C 137 -2.47 -12.05 60.54
N LEU C 138 -3.19 -11.35 59.66
CA LEU C 138 -2.92 -9.95 59.37
C LEU C 138 -4.12 -9.11 59.79
N ASP C 139 -3.85 -7.95 60.37
CA ASP C 139 -4.89 -7.08 60.89
C ASP C 139 -5.36 -6.12 59.81
N TRP C 140 -6.66 -5.87 59.75
CA TRP C 140 -7.25 -5.01 58.73
C TRP C 140 -7.83 -3.73 59.32
N SER C 141 -7.31 -3.25 60.44
CA SER C 141 -7.83 -2.05 61.08
C SER C 141 -6.74 -1.04 61.38
N LYS C 142 -5.74 -0.95 60.50
CA LYS C 142 -4.72 0.08 60.60
C LYS C 142 -4.54 0.70 59.22
N PRO C 143 -4.81 2.01 59.07
CA PRO C 143 -4.72 2.62 57.75
C PRO C 143 -3.30 2.60 57.19
N ILE C 144 -3.21 2.39 55.88
CA ILE C 144 -1.92 2.38 55.20
C ILE C 144 -1.33 3.78 55.22
N PRO C 145 -0.03 3.94 55.41
CA PRO C 145 0.57 5.28 55.33
C PRO C 145 0.44 5.87 53.94
N SER C 146 0.40 7.20 53.87
CA SER C 146 0.32 7.91 52.61
C SER C 146 1.67 7.89 51.90
N GLU C 147 1.69 8.41 50.68
CA GLU C 147 2.86 8.27 49.83
C GLU C 147 4.07 9.00 50.41
N LYS C 148 3.93 10.25 50.80
CA LYS C 148 5.04 11.04 51.30
C LYS C 148 4.96 11.30 52.80
N ARG C 149 3.81 11.07 53.43
CA ARG C 149 3.65 11.39 54.84
C ARG C 149 4.23 10.31 55.74
N ALA C 150 4.68 9.21 55.18
CA ALA C 150 5.26 8.13 55.97
C ALA C 150 6.72 8.39 56.27
N THR C 151 7.34 7.40 56.91
CA THR C 151 8.76 7.50 57.17
C THR C 151 9.48 7.04 55.93
N GLU C 152 10.79 7.17 55.92
CA GLU C 152 11.60 6.82 54.75
C GLU C 152 11.54 5.33 54.43
N GLU C 153 11.75 4.49 55.44
CA GLU C 153 11.72 3.06 55.24
C GLU C 153 10.34 2.58 54.79
N GLU C 154 9.29 3.20 55.33
CA GLU C 154 7.96 2.86 54.87
C GLU C 154 7.77 3.21 53.40
N ILE C 155 8.33 4.35 52.96
CA ILE C 155 8.21 4.71 51.55
C ILE C 155 8.94 3.69 50.69
N ALA C 156 10.14 3.27 51.13
CA ALA C 156 10.87 2.26 50.36
C ALA C 156 10.14 0.92 50.36
N ALA C 157 9.34 0.66 51.40
CA ALA C 157 8.55 -0.56 51.42
C ALA C 157 7.36 -0.46 50.47
N ILE C 158 6.67 0.68 50.49
CA ILE C 158 5.52 0.86 49.61
C ILE C 158 5.94 0.76 48.16
N ASN C 159 7.06 1.40 47.82
CA ASN C 159 7.51 1.43 46.43
C ASN C 159 7.95 0.06 45.93
N SER C 160 7.80 -1.00 46.73
CA SER C 160 8.40 -2.29 46.37
C SER C 160 7.59 -3.01 45.30
N VAL C 161 6.28 -2.80 45.28
CA VAL C 161 5.42 -3.53 44.33
C VAL C 161 5.23 -2.80 43.01
N TYR C 162 5.35 -1.47 43.03
CA TYR C 162 5.17 -0.69 41.81
C TYR C 162 6.22 -0.99 40.76
N TYR C 163 6.01 -0.49 39.55
CA TYR C 163 6.99 -0.69 38.48
C TYR C 163 7.34 0.63 37.82
N THR C 164 8.58 0.77 37.36
CA THR C 164 9.01 1.99 36.70
C THR C 164 9.64 1.67 35.34
N ASN C 165 9.40 2.52 34.35
CA ASN C 165 9.93 2.30 33.02
C ASN C 165 10.86 3.45 32.65
N PRO C 166 12.16 3.20 32.43
CA PRO C 166 13.07 4.33 32.18
C PRO C 166 12.76 5.12 30.92
N VAL C 167 12.22 4.47 29.89
CA VAL C 167 12.00 5.16 28.61
C VAL C 167 10.78 6.08 28.57
N THR C 168 9.72 5.74 29.28
CA THR C 168 8.48 6.50 29.20
C THR C 168 8.07 7.13 30.53
N HIS C 169 8.65 6.70 31.65
CA HIS C 169 8.41 7.29 32.95
C HIS C 169 6.93 7.20 33.34
N ASP C 170 6.45 5.97 33.50
CA ASP C 170 5.11 5.70 33.99
C ASP C 170 5.15 4.62 35.06
N ARG C 171 4.29 4.73 36.06
CA ARG C 171 4.25 3.71 37.11
C ARG C 171 3.06 2.78 36.97
N LYS C 172 3.30 1.48 37.05
CA LYS C 172 2.22 0.51 36.91
C LYS C 172 2.42 -0.70 37.82
N LEU C 173 1.34 -1.38 38.16
CA LEU C 173 1.44 -2.56 39.01
C LEU C 173 2.21 -3.68 38.34
N ASN C 174 3.35 -4.05 38.91
CA ASN C 174 4.14 -5.14 38.36
C ASN C 174 3.25 -6.33 38.07
N PRO C 175 3.33 -6.92 36.87
CA PRO C 175 2.42 -8.02 36.55
C PRO C 175 2.70 -9.30 37.31
N ASP C 176 3.98 -9.58 37.56
CA ASP C 176 4.39 -10.89 38.05
C ASP C 176 4.45 -10.95 39.58
N GLN C 177 4.34 -9.82 40.26
CA GLN C 177 4.45 -9.81 41.71
C GLN C 177 3.11 -9.88 42.42
N MET C 178 2.01 -9.99 41.69
CA MET C 178 0.69 -10.16 42.30
C MET C 178 0.28 -11.61 42.10
N VAL C 179 0.19 -12.35 43.19
CA VAL C 179 -0.24 -13.74 43.18
C VAL C 179 -1.29 -13.93 44.26
N TYR C 180 -2.05 -15.00 44.15
CA TYR C 180 -3.17 -15.25 45.05
C TYR C 180 -3.35 -16.75 45.23
N ARG C 181 -3.25 -17.23 46.46
CA ARG C 181 -3.38 -18.65 46.77
C ARG C 181 -4.70 -18.89 47.48
N TYR C 182 -5.53 -19.77 46.91
CA TYR C 182 -6.84 -20.08 47.46
C TYR C 182 -6.99 -21.59 47.56
N GLU C 183 -7.49 -22.06 48.70
CA GLU C 183 -7.59 -23.48 49.00
C GLU C 183 -9.04 -23.93 48.89
N VAL C 184 -9.29 -24.96 48.07
CA VAL C 184 -10.63 -25.49 47.89
C VAL C 184 -10.60 -27.00 48.08
N TYR C 185 -11.69 -27.53 48.63
CA TYR C 185 -11.87 -28.95 48.86
C TYR C 185 -12.59 -29.58 47.68
N ASP C 186 -12.69 -30.90 47.67
CA ASP C 186 -13.33 -31.64 46.57
C ASP C 186 -14.26 -32.68 47.17
N TYR C 187 -15.52 -32.28 47.40
CA TYR C 187 -16.46 -33.17 48.09
C TYR C 187 -16.84 -34.35 47.23
N ARG C 188 -17.13 -34.12 45.95
CA ARG C 188 -17.69 -35.18 45.12
C ARG C 188 -16.69 -36.32 44.93
N SER C 189 -15.39 -36.02 44.95
CA SER C 189 -14.39 -37.06 44.81
C SER C 189 -14.11 -37.78 46.12
N ALA C 190 -14.69 -37.34 47.23
CA ALA C 190 -14.50 -37.97 48.52
C ALA C 190 -15.71 -38.79 48.96
N ALA C 191 -16.63 -39.07 48.04
CA ALA C 191 -17.81 -39.86 48.38
C ALA C 191 -18.05 -41.03 47.44
N LEU C 192 -17.12 -41.30 46.53
CA LEU C 192 -17.26 -42.46 45.65
C LEU C 192 -17.04 -43.73 46.47
N ARG C 193 -17.63 -44.84 46.05
CA ARG C 193 -17.54 -46.06 46.85
C ARG C 193 -16.11 -46.55 46.93
N GLU C 194 -15.32 -46.32 45.90
CA GLU C 194 -13.91 -46.67 45.97
C GLU C 194 -13.03 -45.77 46.85
N HIS C 195 -13.51 -44.56 47.14
CA HIS C 195 -12.68 -43.59 47.89
C HIS C 195 -12.74 -43.65 49.42
N GLN C 196 -13.56 -44.52 49.99
CA GLN C 196 -13.71 -44.60 51.44
C GLN C 196 -12.43 -45.14 52.05
N LEU C 197 -12.19 -44.86 53.33
CA LEU C 197 -10.92 -45.29 53.91
C LEU C 197 -10.94 -46.76 54.31
N LYS C 198 -11.82 -47.13 55.25
CA LYS C 198 -11.79 -48.47 55.80
C LYS C 198 -12.08 -49.52 54.74
N ALA C 199 -11.29 -50.60 54.75
CA ALA C 199 -11.31 -51.56 53.64
C ALA C 199 -12.59 -52.39 53.60
N ALA C 200 -13.39 -52.36 54.67
CA ALA C 200 -14.58 -53.19 54.70
C ALA C 200 -15.70 -52.67 53.82
N LYS C 201 -15.73 -51.36 53.55
CA LYS C 201 -16.85 -50.74 52.85
C LYS C 201 -16.60 -50.56 51.35
N ARG C 202 -15.49 -51.08 50.82
CA ARG C 202 -15.18 -50.81 49.42
C ARG C 202 -16.07 -51.63 48.48
N ASN C 203 -16.35 -52.88 48.82
CA ASN C 203 -17.19 -53.74 47.99
C ASN C 203 -18.21 -54.42 48.89
N LEU C 204 -19.47 -54.42 48.45
CA LEU C 204 -20.55 -54.95 49.26
C LEU C 204 -20.86 -56.42 49.00
N ASN C 205 -20.36 -57.00 47.91
CA ASN C 205 -20.63 -58.40 47.64
C ASN C 205 -19.92 -59.29 48.65
N THR C 206 -20.54 -60.43 48.96
CA THR C 206 -19.91 -61.36 49.89
C THR C 206 -19.17 -62.48 49.18
N ASP C 207 -19.42 -62.68 47.88
CA ASP C 207 -18.66 -63.67 47.13
C ASP C 207 -17.25 -63.20 46.80
N ILE C 208 -17.05 -61.90 46.64
CA ILE C 208 -15.72 -61.34 46.37
C ILE C 208 -15.23 -60.72 47.67
N LYS C 209 -14.27 -61.38 48.30
CA LYS C 209 -13.62 -60.83 49.47
C LYS C 209 -12.70 -59.67 49.07
N VAL C 210 -12.20 -58.97 50.07
CA VAL C 210 -11.24 -57.88 49.86
C VAL C 210 -10.00 -58.18 50.68
N ASP C 211 -8.85 -58.25 50.01
CA ASP C 211 -7.60 -58.43 50.72
C ASP C 211 -7.28 -57.18 51.55
N PRO C 212 -6.63 -57.35 52.69
CA PRO C 212 -6.30 -56.17 53.50
C PRO C 212 -5.42 -55.16 52.79
N ASN C 213 -4.48 -55.62 51.96
CA ASN C 213 -3.57 -54.71 51.29
C ASN C 213 -4.19 -54.17 50.00
N ALA C 214 -5.07 -53.19 50.14
CA ALA C 214 -5.62 -52.53 48.97
C ALA C 214 -4.80 -51.29 48.62
N VAL C 215 -4.60 -51.07 47.32
CA VAL C 215 -3.84 -49.94 46.82
C VAL C 215 -4.72 -49.15 45.86
N VAL C 216 -5.00 -47.90 46.20
CA VAL C 216 -5.75 -46.98 45.35
C VAL C 216 -4.89 -45.75 45.12
N MET C 217 -4.72 -45.37 43.87
CA MET C 217 -3.85 -44.26 43.53
C MET C 217 -4.66 -42.98 43.46
N ILE C 218 -4.17 -41.92 44.11
CA ILE C 218 -4.86 -40.64 44.17
C ILE C 218 -3.86 -39.54 43.85
N SER C 219 -4.38 -38.41 43.36
CA SER C 219 -3.54 -37.29 42.95
C SER C 219 -4.12 -35.97 43.39
N LYS C 220 -3.25 -35.05 43.80
CA LYS C 220 -3.62 -33.74 44.30
C LYS C 220 -2.75 -32.68 43.64
N ASP C 221 -3.01 -31.43 43.98
CA ASP C 221 -2.20 -30.31 43.47
C ASP C 221 -1.78 -29.41 44.63
N THR C 222 -0.51 -29.07 44.67
CA THR C 222 0.04 -28.12 45.63
C THR C 222 1.09 -27.28 44.94
N ALA C 223 1.29 -26.06 45.44
CA ALA C 223 2.24 -25.13 44.86
C ALA C 223 3.16 -24.59 45.95
N PHE C 224 4.45 -24.63 45.66
CA PHE C 224 5.48 -24.41 46.66
C PHE C 224 6.26 -23.16 46.29
N VAL C 225 6.37 -22.23 47.23
CA VAL C 225 7.17 -21.03 47.01
C VAL C 225 8.52 -21.37 47.60
N ASP C 226 9.58 -21.20 46.83
CA ASP C 226 10.90 -21.59 47.27
C ASP C 226 11.71 -20.40 47.74
N GLU C 227 13.00 -20.62 48.00
CA GLU C 227 13.84 -19.64 48.67
C GLU C 227 14.02 -18.36 47.85
N SER C 228 14.26 -18.49 46.55
CA SER C 228 14.63 -17.36 45.72
C SER C 228 13.44 -16.56 45.20
N GLY C 229 12.22 -17.08 45.33
CA GLY C 229 11.05 -16.34 44.91
C GLY C 229 10.43 -16.75 43.60
N ASN C 230 10.46 -18.03 43.25
CA ASN C 230 9.83 -18.53 42.04
C ASN C 230 8.69 -19.47 42.42
N ILE C 231 7.60 -19.40 41.65
CA ILE C 231 6.46 -20.28 41.89
C ILE C 231 6.57 -21.56 41.08
N ILE C 232 6.59 -22.70 41.76
CA ILE C 232 6.71 -23.98 41.12
C ILE C 232 5.46 -24.80 41.47
N SER C 233 4.81 -25.37 40.46
CA SER C 233 3.60 -26.15 40.63
C SER C 233 3.87 -27.58 40.19
N GLU C 234 3.51 -28.54 41.04
CA GLU C 234 3.75 -29.95 40.76
C GLU C 234 2.54 -30.77 41.17
N THR C 235 2.39 -31.93 40.52
CA THR C 235 1.34 -32.88 40.84
C THR C 235 1.98 -34.14 41.41
N ILE C 236 1.54 -34.54 42.59
CA ILE C 236 2.11 -35.69 43.29
C ILE C 236 1.06 -36.79 43.33
N THR C 237 1.50 -38.03 43.14
CA THR C 237 0.63 -39.20 43.22
C THR C 237 1.15 -40.11 44.32
N ARG C 238 0.32 -40.39 45.31
CA ARG C 238 0.73 -41.15 46.48
C ARG C 238 -0.40 -42.04 46.96
N PRO C 239 -0.09 -43.12 47.66
CA PRO C 239 -1.14 -44.06 48.07
C PRO C 239 -2.14 -43.41 49.02
N LEU C 240 -3.37 -43.91 48.96
CA LEU C 240 -4.49 -43.38 49.75
C LEU C 240 -4.35 -43.86 51.19
N SER C 241 -3.93 -42.97 52.08
CA SER C 241 -3.77 -43.33 53.48
C SER C 241 -4.65 -42.50 54.40
N SER C 242 -4.57 -41.17 54.34
CA SER C 242 -5.37 -40.30 55.18
C SER C 242 -6.03 -39.26 54.29
N GLU C 243 -6.92 -38.48 54.90
CA GLU C 243 -7.83 -37.69 54.07
C GLU C 243 -7.26 -36.36 53.58
N TYR C 244 -6.05 -35.99 53.99
CA TYR C 244 -5.49 -34.74 53.48
C TYR C 244 -5.37 -34.75 51.96
N ASP C 245 -5.37 -35.92 51.34
CA ASP C 245 -5.02 -36.02 49.92
C ASP C 245 -6.04 -35.31 49.04
N PHE C 246 -7.27 -35.13 49.52
CA PHE C 246 -8.27 -34.51 48.67
C PHE C 246 -8.12 -33.00 48.60
N LEU C 247 -7.29 -32.42 49.46
CA LEU C 247 -7.13 -30.96 49.48
C LEU C 247 -6.38 -30.47 48.26
N ASN C 248 -6.79 -29.32 47.73
CA ASN C 248 -6.12 -28.70 46.60
C ASN C 248 -5.77 -27.25 46.93
N THR C 249 -4.67 -26.78 46.36
CA THR C 249 -4.26 -25.38 46.51
C THR C 249 -3.54 -24.94 45.25
N TYR C 250 -3.85 -23.74 44.78
CA TYR C 250 -3.34 -23.23 43.53
C TYR C 250 -2.63 -21.91 43.77
N ILE C 251 -1.91 -21.44 42.75
CA ILE C 251 -1.28 -20.12 42.73
C ILE C 251 -1.36 -19.59 41.30
N VAL C 252 -2.07 -18.48 41.12
CA VAL C 252 -2.29 -17.94 39.79
C VAL C 252 -2.11 -16.42 39.77
N PRO C 253 -1.36 -15.86 38.82
CA PRO C 253 -1.30 -14.41 38.70
C PRO C 253 -2.65 -13.85 38.29
N ILE C 254 -2.98 -12.67 38.79
CA ILE C 254 -4.33 -12.14 38.55
C ILE C 254 -4.45 -10.96 37.60
N TYR C 255 -3.34 -10.31 37.25
CA TYR C 255 -3.49 -9.11 36.42
C TYR C 255 -4.03 -9.47 35.04
N PRO C 256 -4.98 -8.71 34.51
CA PRO C 256 -5.58 -9.08 33.22
C PRO C 256 -4.57 -9.02 32.10
N ASP C 257 -4.83 -9.81 31.07
CA ASP C 257 -3.92 -9.94 29.94
C ASP C 257 -4.28 -8.87 28.92
N GLU C 258 -3.85 -7.63 29.19
CA GLU C 258 -4.23 -6.51 28.36
C GLU C 258 -3.49 -6.45 27.03
N THR C 259 -2.40 -7.21 26.88
CA THR C 259 -1.68 -7.22 25.61
C THR C 259 -2.36 -8.09 24.57
N CYS C 260 -3.63 -8.43 24.76
CA CYS C 260 -4.32 -9.31 23.82
C CYS C 260 -4.74 -8.56 22.56
N TRP C 261 -5.13 -7.28 22.71
CA TRP C 261 -5.66 -6.53 21.58
C TRP C 261 -4.71 -6.51 20.40
N VAL C 262 -3.44 -6.19 20.64
CA VAL C 262 -2.50 -6.10 19.54
C VAL C 262 -2.22 -7.47 18.95
N ASN C 263 -2.08 -8.47 19.81
CA ASN C 263 -1.69 -9.79 19.34
C ASN C 263 -2.74 -10.51 18.51
N ASP C 264 -4.02 -10.34 18.87
CA ASP C 264 -5.05 -11.09 18.18
C ASP C 264 -5.24 -10.61 16.74
N PHE C 265 -5.20 -9.29 16.52
CA PHE C 265 -5.43 -8.72 15.20
C PHE C 265 -4.10 -8.28 14.59
N PRO C 266 -3.68 -8.85 13.48
CA PRO C 266 -2.45 -8.40 12.83
C PRO C 266 -2.70 -7.35 11.76
N ASN C 267 -1.73 -6.45 11.57
CA ASN C 267 -1.84 -5.39 10.55
C ASN C 267 -3.06 -4.50 10.75
N ALA C 268 -3.34 -4.14 11.99
CA ALA C 268 -4.46 -3.25 12.26
C ALA C 268 -4.08 -2.32 13.40
N ARG C 269 -4.58 -1.08 13.33
CA ARG C 269 -4.26 -0.12 14.37
C ARG C 269 -5.15 -0.30 15.59
N THR C 270 -4.94 -1.38 16.44
CA THR C 270 -5.69 -1.58 17.69
C THR C 270 -4.98 -1.02 18.93
N GLU C 271 -3.85 -0.38 18.74
CA GLU C 271 -3.04 0.09 19.88
C GLU C 271 -3.75 1.14 20.71
N ILE C 272 -4.78 1.76 20.15
CA ILE C 272 -5.52 2.78 20.85
C ILE C 272 -6.21 2.22 22.09
N TYR C 273 -6.75 1.01 22.00
CA TYR C 273 -7.50 0.44 23.12
C TYR C 273 -6.66 -0.18 24.23
N THR C 274 -5.48 -0.71 23.91
CA THR C 274 -4.67 -1.40 24.93
C THR C 274 -4.41 -0.53 26.13
N ARG C 275 -3.81 0.61 25.90
CA ARG C 275 -3.48 1.48 26.99
C ARG C 275 -4.71 1.96 27.71
N MET C 276 -5.79 2.26 27.00
CA MET C 276 -6.96 2.85 27.68
C MET C 276 -7.98 1.88 28.28
N TYR C 277 -8.31 0.81 27.57
CA TYR C 277 -9.37 -0.12 28.04
C TYR C 277 -9.48 -0.39 29.54
N PHE C 278 -8.37 -0.56 30.25
CA PHE C 278 -8.45 -0.93 31.66
C PHE C 278 -8.22 0.24 32.61
N ASN C 279 -7.64 1.33 32.13
CA ASN C 279 -7.31 2.43 33.03
C ASN C 279 -8.26 3.63 33.00
N HIS C 280 -8.58 4.15 31.82
CA HIS C 280 -9.41 5.37 31.76
C HIS C 280 -10.73 5.28 32.53
N PRO C 281 -11.06 6.32 33.31
CA PRO C 281 -12.29 6.20 34.11
C PRO C 281 -13.61 6.19 33.37
N GLY C 282 -13.62 6.54 32.08
CA GLY C 282 -14.85 6.60 31.31
C GLY C 282 -15.26 5.27 30.69
N TYR C 283 -14.52 4.20 31.02
CA TYR C 283 -14.87 2.89 30.51
C TYR C 283 -15.09 1.94 31.67
N ASP C 284 -15.23 2.50 32.86
CA ASP C 284 -15.45 1.69 34.07
C ASP C 284 -16.61 0.69 33.93
N ASP C 285 -17.71 1.12 33.32
CA ASP C 285 -18.92 0.33 33.13
C ASP C 285 -18.98 -0.33 31.73
N TYR C 286 -17.83 -0.50 31.10
CA TYR C 286 -17.79 -1.25 29.84
C TYR C 286 -17.31 -2.66 30.18
N PRO C 287 -17.49 -3.62 29.26
CA PRO C 287 -17.15 -5.03 29.58
C PRO C 287 -15.66 -5.31 29.81
N VAL C 288 -15.35 -6.35 30.58
CA VAL C 288 -13.95 -6.74 30.80
C VAL C 288 -13.48 -7.58 29.63
N VAL C 289 -12.17 -7.80 29.50
CA VAL C 289 -11.67 -8.53 28.35
C VAL C 289 -10.31 -9.13 28.68
N GLY C 290 -10.08 -10.35 28.21
CA GLY C 290 -8.78 -10.97 28.31
C GLY C 290 -8.61 -11.90 29.49
N ILE C 291 -9.64 -12.14 30.29
CA ILE C 291 -9.51 -12.99 31.45
C ILE C 291 -9.47 -14.43 31.02
N SER C 292 -8.42 -15.16 31.43
CA SER C 292 -8.32 -16.58 31.12
C SER C 292 -9.20 -17.39 32.08
N TRP C 293 -9.25 -18.70 31.88
CA TRP C 293 -10.10 -19.55 32.71
C TRP C 293 -9.67 -19.53 34.14
N GLU C 294 -8.38 -19.59 34.38
CA GLU C 294 -7.89 -19.69 35.75
C GLU C 294 -8.29 -18.47 36.55
N GLN C 295 -7.89 -17.29 36.12
CA GLN C 295 -8.23 -16.06 36.80
C GLN C 295 -9.74 -15.98 37.05
N ALA C 296 -10.54 -16.52 36.14
CA ALA C 296 -11.98 -16.54 36.36
C ALA C 296 -12.33 -17.37 37.59
N GLN C 297 -11.74 -18.56 37.70
CA GLN C 297 -11.99 -19.34 38.91
C GLN C 297 -11.46 -18.64 40.15
N ALA C 298 -10.34 -17.92 40.03
CA ALA C 298 -9.79 -17.23 41.18
C ALA C 298 -10.75 -16.15 41.68
N PHE C 299 -11.33 -15.39 40.77
CA PHE C 299 -12.31 -14.39 41.19
C PHE C 299 -13.55 -15.05 41.78
N CYS C 300 -14.02 -16.13 41.16
CA CYS C 300 -15.20 -16.81 41.66
C CYS C 300 -14.95 -17.37 43.06
N ALA C 301 -13.72 -17.80 43.34
CA ALA C 301 -13.42 -18.31 44.66
C ALA C 301 -13.22 -17.19 45.67
N TRP C 302 -12.74 -16.05 45.21
CA TRP C 302 -12.50 -14.95 46.11
C TRP C 302 -13.82 -14.37 46.61
N ARG C 303 -14.83 -14.36 45.76
CA ARG C 303 -16.08 -13.72 46.17
C ARG C 303 -16.64 -14.34 47.45
N SER C 304 -16.41 -15.64 47.67
CA SER C 304 -16.99 -16.32 48.81
C SER C 304 -16.47 -15.78 50.13
N GLU C 305 -15.17 -15.53 50.23
CA GLU C 305 -14.61 -15.06 51.50
C GLU C 305 -15.15 -13.68 51.84
N PHE C 306 -15.20 -12.78 50.86
CA PHE C 306 -15.70 -11.43 51.11
C PHE C 306 -17.16 -11.46 51.50
N PHE C 307 -17.94 -12.36 50.90
CA PHE C 307 -19.32 -12.52 51.31
C PHE C 307 -19.43 -13.03 52.73
N ARG C 308 -18.80 -14.16 53.04
CA ARG C 308 -18.98 -14.77 54.37
C ARG C 308 -18.45 -13.93 55.51
N LYS C 309 -17.27 -13.35 55.36
CA LYS C 309 -16.69 -12.63 56.50
C LYS C 309 -17.63 -11.59 57.05
N GLY C 310 -18.64 -11.20 56.28
CA GLY C 310 -19.54 -10.18 56.75
C GLY C 310 -20.85 -10.62 57.41
N ILE C 311 -21.37 -11.75 56.96
CA ILE C 311 -22.63 -12.22 57.49
C ILE C 311 -22.43 -13.36 58.45
N ARG C 312 -23.42 -13.60 59.30
CA ARG C 312 -23.35 -14.72 60.23
C ARG C 312 -24.55 -15.63 60.01
N LEU C 313 -24.29 -16.93 59.83
CA LEU C 313 -25.32 -17.95 59.64
C LEU C 313 -25.04 -19.09 60.62
N PRO C 314 -25.46 -18.96 61.88
CA PRO C 314 -25.01 -19.92 62.90
C PRO C 314 -25.53 -21.33 62.70
N GLU C 315 -26.84 -21.54 62.63
CA GLU C 315 -27.44 -22.85 62.81
C GLU C 315 -27.99 -23.38 61.50
N GLY C 316 -27.44 -24.49 61.03
CA GLY C 316 -28.02 -25.27 59.96
C GLY C 316 -28.30 -24.53 58.67
N GLN C 317 -27.36 -23.71 58.24
CA GLN C 317 -27.52 -23.04 56.96
C GLN C 317 -26.22 -23.14 56.20
N ILE C 318 -25.91 -24.34 55.73
CA ILE C 318 -24.69 -24.55 54.97
C ILE C 318 -24.80 -23.76 53.68
N MET C 319 -23.92 -22.80 53.51
CA MET C 319 -23.96 -21.93 52.34
C MET C 319 -23.15 -22.54 51.20
N ASP C 320 -23.63 -22.32 49.97
CA ASP C 320 -22.96 -22.83 48.78
C ASP C 320 -22.19 -21.72 48.08
N ASP C 321 -20.96 -21.98 47.71
CA ASP C 321 -20.07 -21.01 47.11
C ASP C 321 -20.45 -20.72 45.67
N PHE C 322 -19.95 -19.60 45.16
CA PHE C 322 -20.19 -19.21 43.78
C PHE C 322 -19.34 -20.07 42.85
N ARG C 323 -19.77 -20.16 41.60
CA ARG C 323 -19.02 -20.93 40.61
C ARG C 323 -19.44 -20.50 39.21
N LEU C 324 -18.62 -20.86 38.24
CA LEU C 324 -18.96 -20.62 36.85
C LEU C 324 -20.13 -21.51 36.42
N PRO C 325 -21.04 -21.02 35.59
CA PRO C 325 -22.21 -21.82 35.21
C PRO C 325 -21.81 -23.02 34.38
N THR C 326 -22.62 -24.06 34.48
CA THR C 326 -22.46 -25.22 33.61
C THR C 326 -23.14 -24.98 32.28
N GLU C 327 -22.94 -25.91 31.35
CA GLU C 327 -23.48 -25.74 30.00
C GLU C 327 -25.00 -25.76 30.01
N ALA C 328 -25.59 -26.74 30.69
CA ALA C 328 -27.04 -26.89 30.66
C ALA C 328 -27.73 -25.68 31.27
N GLU C 329 -27.20 -25.15 32.37
CA GLU C 329 -27.81 -23.99 32.99
C GLU C 329 -27.77 -22.79 32.04
N TRP C 330 -26.67 -22.63 31.31
CA TRP C 330 -26.60 -21.54 30.35
C TRP C 330 -27.65 -21.69 29.26
N GLU C 331 -27.71 -22.85 28.63
CA GLU C 331 -28.70 -23.05 27.61
C GLU C 331 -30.07 -22.73 28.16
N TYR C 332 -30.42 -23.32 29.30
CA TYR C 332 -31.75 -23.10 29.85
C TYR C 332 -32.00 -21.62 30.10
N ALA C 333 -30.97 -20.88 30.47
CA ALA C 333 -31.15 -19.45 30.75
C ALA C 333 -31.44 -18.68 29.48
N ALA C 334 -30.78 -19.04 28.38
CA ALA C 334 -30.92 -18.28 27.15
C ALA C 334 -32.20 -18.64 26.40
N ARG C 335 -32.47 -19.93 26.20
CA ARG C 335 -33.57 -20.39 25.37
C ARG C 335 -34.94 -20.05 25.92
N MET C 336 -35.00 -19.23 26.97
CA MET C 336 -36.30 -18.76 27.47
C MET C 336 -37.24 -19.88 27.89
N GLY C 337 -36.66 -21.04 28.17
CA GLY C 337 -37.48 -22.14 28.66
C GLY C 337 -38.16 -23.04 27.65
N ASP C 338 -38.89 -22.47 26.70
CA ASP C 338 -39.64 -23.28 25.77
C ASP C 338 -38.83 -23.50 24.49
N SER C 339 -39.08 -24.63 23.83
CA SER C 339 -38.17 -25.11 22.79
C SER C 339 -38.37 -24.42 21.45
N ASN C 340 -39.44 -23.64 21.29
CA ASN C 340 -39.70 -23.01 20.00
C ASN C 340 -38.70 -21.90 19.70
N ASN C 341 -38.29 -21.15 20.72
CA ASN C 341 -37.41 -20.02 20.51
C ASN C 341 -36.01 -20.48 20.17
N LYS C 342 -35.57 -20.18 18.94
CA LYS C 342 -34.21 -20.50 18.53
C LYS C 342 -33.25 -19.33 18.71
N TYR C 343 -33.76 -18.15 19.05
CA TYR C 343 -32.98 -16.97 19.37
C TYR C 343 -33.45 -16.42 20.70
N PRO C 344 -32.59 -15.73 21.43
CA PRO C 344 -33.00 -15.21 22.74
C PRO C 344 -33.87 -13.96 22.68
N TRP C 345 -34.86 -13.94 21.82
CA TRP C 345 -35.90 -12.91 21.85
C TRP C 345 -37.23 -13.53 21.40
N SER C 346 -38.26 -12.70 21.36
CA SER C 346 -39.62 -13.19 21.14
C SER C 346 -39.78 -13.83 19.77
N THR C 347 -39.42 -13.12 18.71
CA THR C 347 -39.67 -13.58 17.36
C THR C 347 -38.49 -14.40 16.84
N GLU C 348 -38.51 -14.68 15.53
CA GLU C 348 -37.43 -15.39 14.86
C GLU C 348 -36.74 -14.56 13.78
N ASP C 349 -36.86 -13.23 13.85
CA ASP C 349 -36.21 -12.33 12.92
C ASP C 349 -35.13 -11.54 13.66
N LEU C 350 -34.02 -11.26 12.97
CA LEU C 350 -32.93 -10.52 13.59
C LEU C 350 -33.30 -9.06 13.79
N ARG C 351 -33.99 -8.49 12.82
CA ARG C 351 -34.32 -7.08 12.93
C ARG C 351 -35.53 -6.86 13.81
N THR C 352 -35.79 -5.61 14.15
CA THR C 352 -36.91 -5.26 15.01
C THR C 352 -38.05 -4.67 14.18
N GLY C 353 -39.06 -4.13 14.88
CA GLY C 353 -40.22 -3.60 14.19
C GLY C 353 -39.89 -2.46 13.24
N ARG C 354 -39.03 -1.54 13.66
CA ARG C 354 -38.65 -0.38 12.83
C ARG C 354 -37.13 -0.26 12.78
N GLY C 355 -36.51 -1.02 11.90
CA GLY C 355 -35.14 -0.76 11.45
C GLY C 355 -34.06 -0.63 12.50
N CYS C 356 -34.07 -1.49 13.52
CA CYS C 356 -33.00 -1.51 14.52
C CYS C 356 -32.58 -2.94 14.78
N PHE C 357 -31.35 -3.10 15.25
CA PHE C 357 -30.80 -4.40 15.56
C PHE C 357 -30.84 -4.66 17.06
N LEU C 358 -31.18 -5.89 17.44
CA LEU C 358 -31.30 -6.21 18.86
C LEU C 358 -29.93 -6.36 19.51
N GLY C 359 -28.99 -7.03 18.84
CA GLY C 359 -27.73 -7.39 19.46
C GLY C 359 -26.53 -6.68 18.84
N ASN C 360 -25.48 -6.58 19.66
CA ASN C 360 -24.23 -5.95 19.22
C ASN C 360 -23.38 -7.00 18.54
N PHE C 361 -23.67 -7.26 17.28
CA PHE C 361 -22.96 -8.24 16.47
C PHE C 361 -22.91 -7.73 15.04
N LYS C 362 -21.92 -8.19 14.28
CA LYS C 362 -21.74 -7.73 12.91
C LYS C 362 -22.74 -8.31 11.93
N PRO C 363 -23.57 -7.45 11.32
CA PRO C 363 -24.57 -8.00 10.42
C PRO C 363 -24.22 -7.94 8.94
N GLY C 364 -23.18 -7.20 8.59
CA GLY C 364 -22.77 -7.08 7.20
C GLY C 364 -21.29 -7.26 6.99
N GLU C 365 -20.89 -7.72 5.82
CA GLU C 365 -19.47 -7.89 5.52
C GLU C 365 -18.69 -6.62 5.82
N GLY C 366 -17.81 -6.67 6.82
CA GLY C 366 -17.03 -5.50 7.18
C GLY C 366 -17.91 -4.35 7.63
N ASP C 367 -19.18 -4.64 7.87
CA ASP C 367 -20.11 -3.61 8.31
C ASP C 367 -20.31 -3.70 9.81
N TYR C 368 -19.23 -3.87 10.56
CA TYR C 368 -19.32 -3.98 12.01
C TYR C 368 -20.18 -2.87 12.63
N THR C 369 -20.34 -1.75 11.96
CA THR C 369 -20.95 -0.53 12.53
C THR C 369 -22.45 -0.40 12.24
N ALA C 370 -23.04 -1.39 11.58
CA ALA C 370 -24.47 -1.36 11.33
C ALA C 370 -25.28 -1.61 12.61
N ASP C 371 -24.67 -2.25 13.60
CA ASP C 371 -25.37 -2.56 14.85
C ASP C 371 -25.33 -1.41 15.85
N GLY C 372 -24.56 -0.37 15.54
CA GLY C 372 -24.45 0.77 16.42
C GLY C 372 -23.09 0.94 17.06
N HIS C 373 -22.43 -0.16 17.42
CA HIS C 373 -21.18 -0.12 18.15
C HIS C 373 -20.15 -1.05 17.53
N LEU C 374 -18.88 -0.64 17.58
CA LEU C 374 -17.79 -1.41 17.00
C LEU C 374 -17.08 -2.26 18.04
N ILE C 375 -16.67 -1.66 19.14
CA ILE C 375 -16.05 -2.37 20.25
C ILE C 375 -17.14 -2.93 21.15
N PRO C 376 -16.84 -3.73 22.16
CA PRO C 376 -17.88 -4.11 23.11
C PRO C 376 -18.53 -2.88 23.72
N SER C 377 -19.85 -2.92 23.80
CA SER C 377 -20.56 -1.74 24.24
C SER C 377 -20.95 -1.68 25.68
N ARG C 378 -21.59 -0.58 26.05
CA ARG C 378 -22.05 -0.40 27.41
C ARG C 378 -23.17 -1.39 27.72
N VAL C 379 -23.13 -1.96 28.92
CA VAL C 379 -24.19 -2.87 29.34
C VAL C 379 -25.47 -2.08 29.56
N SER C 380 -26.60 -2.80 29.48
CA SER C 380 -27.95 -2.26 29.61
C SER C 380 -28.33 -1.34 28.45
N SER C 381 -27.69 -1.48 27.29
CA SER C 381 -28.04 -0.67 26.13
C SER C 381 -29.22 -1.24 25.38
N PHE C 382 -29.29 -2.56 25.23
CA PHE C 382 -30.33 -3.22 24.47
C PHE C 382 -31.41 -3.77 25.40
N SER C 383 -32.55 -4.10 24.82
CA SER C 383 -33.70 -4.53 25.62
C SER C 383 -33.47 -5.91 26.22
N PRO C 384 -34.13 -6.22 27.33
CA PRO C 384 -33.93 -7.51 28.00
C PRO C 384 -34.84 -8.58 27.44
N ASN C 385 -34.64 -9.81 27.91
CA ASN C 385 -35.53 -10.90 27.51
C ASN C 385 -36.58 -11.05 28.58
N ASP C 386 -37.41 -12.08 28.50
CA ASP C 386 -38.50 -12.26 29.47
C ASP C 386 -37.98 -12.32 30.91
N PHE C 387 -37.28 -13.40 31.26
CA PHE C 387 -36.80 -13.58 32.63
C PHE C 387 -36.36 -12.27 33.22
N GLY C 388 -35.24 -11.75 32.74
CA GLY C 388 -34.70 -10.50 33.26
C GLY C 388 -33.23 -10.38 32.94
N LEU C 389 -32.63 -11.44 32.41
CA LEU C 389 -31.22 -11.37 32.01
C LEU C 389 -31.02 -10.27 30.96
N TYR C 390 -29.79 -9.78 30.86
CA TYR C 390 -29.51 -8.71 29.91
C TYR C 390 -28.35 -9.03 28.99
N ASP C 391 -28.35 -8.44 27.80
CA ASP C 391 -27.26 -8.64 26.85
C ASP C 391 -26.87 -10.11 26.74
N MET C 392 -27.85 -10.95 26.43
CA MET C 392 -27.66 -12.39 26.60
C MET C 392 -26.74 -12.96 25.52
N ALA C 393 -26.90 -12.48 24.28
CA ALA C 393 -26.05 -12.89 23.18
C ALA C 393 -25.38 -11.68 22.55
N GLY C 394 -24.17 -11.87 22.06
CA GLY C 394 -23.38 -10.77 21.57
C GLY C 394 -22.58 -10.13 22.70
N ASN C 395 -22.01 -8.96 22.40
CA ASN C 395 -21.05 -8.29 23.27
C ASN C 395 -19.91 -9.27 23.48
N VAL C 396 -19.71 -9.82 24.67
CA VAL C 396 -18.64 -10.77 24.91
C VAL C 396 -19.25 -12.14 25.11
N ALA C 397 -18.46 -13.17 24.80
CA ALA C 397 -18.88 -14.54 24.99
C ALA C 397 -18.77 -14.86 26.48
N GLU C 398 -18.96 -16.12 26.85
CA GLU C 398 -18.96 -16.47 28.25
C GLU C 398 -18.25 -17.81 28.46
N TRP C 399 -17.54 -17.92 29.57
CA TRP C 399 -16.84 -19.15 29.90
C TRP C 399 -17.84 -20.20 30.37
N THR C 400 -17.38 -21.45 30.41
CA THR C 400 -18.19 -22.57 30.88
C THR C 400 -17.28 -23.61 31.52
N SER C 401 -17.84 -24.39 32.43
CA SER C 401 -17.04 -25.25 33.30
C SER C 401 -17.02 -26.71 32.84
N THR C 402 -17.48 -27.02 31.64
CA THR C 402 -17.42 -28.39 31.15
C THR C 402 -16.11 -28.61 30.42
N ALA C 403 -16.00 -29.73 29.71
CA ALA C 403 -14.85 -30.01 28.85
C ALA C 403 -15.35 -30.23 27.43
N PHE C 404 -14.42 -30.16 26.48
CA PHE C 404 -14.78 -30.27 25.07
C PHE C 404 -14.59 -31.70 24.58
N SER C 405 -15.63 -32.23 23.95
CA SER C 405 -15.56 -33.48 23.21
C SER C 405 -16.73 -33.47 22.23
N GLU C 406 -16.47 -33.83 20.98
CA GLU C 406 -17.51 -33.78 19.96
C GLU C 406 -18.70 -34.67 20.31
N SER C 407 -18.50 -35.67 21.16
CA SER C 407 -19.57 -36.51 21.67
C SER C 407 -20.04 -36.05 23.04
N GLY C 408 -20.01 -34.74 23.29
CA GLY C 408 -20.25 -34.24 24.63
C GLY C 408 -21.69 -34.47 25.08
N LEU C 409 -22.63 -34.38 24.15
CA LEU C 409 -24.04 -34.42 24.53
C LEU C 409 -24.46 -35.80 25.03
N LYS C 410 -23.90 -36.86 24.46
CA LYS C 410 -24.37 -38.20 24.81
C LYS C 410 -23.76 -38.70 26.11
N GLN C 411 -22.68 -38.08 26.59
CA GLN C 411 -21.92 -38.67 27.69
C GLN C 411 -22.38 -38.23 29.07
N MET C 412 -23.34 -37.30 29.16
CA MET C 412 -23.79 -36.83 30.47
C MET C 412 -25.23 -37.26 30.72
N SER C 413 -25.54 -37.51 31.98
CA SER C 413 -26.90 -37.88 32.36
C SER C 413 -27.83 -36.67 32.19
N ASP C 414 -29.13 -36.93 32.21
CA ASP C 414 -30.09 -35.85 31.95
C ASP C 414 -30.25 -34.82 33.07
N ILE C 415 -30.26 -35.27 34.31
CA ILE C 415 -30.46 -34.36 35.43
C ILE C 415 -29.16 -33.62 35.74
N ASN C 416 -29.19 -32.28 35.69
CA ASN C 416 -28.01 -31.47 36.03
C ASN C 416 -26.74 -31.96 35.28
N PRO C 417 -26.72 -31.93 33.91
CA PRO C 417 -25.53 -32.45 33.24
C PRO C 417 -24.30 -31.63 33.57
N GLU C 418 -23.19 -32.34 33.82
CA GLU C 418 -21.93 -31.69 34.17
C GLU C 418 -20.74 -32.64 33.98
N LEU C 419 -19.94 -32.40 32.96
CA LEU C 419 -18.74 -33.19 32.71
C LEU C 419 -17.56 -32.37 33.18
N GLU C 420 -16.85 -32.90 34.17
CA GLU C 420 -15.75 -32.16 34.75
C GLU C 420 -14.45 -32.94 34.68
N TYR C 421 -13.41 -32.27 34.24
CA TYR C 421 -12.09 -32.88 34.15
C TYR C 421 -11.07 -31.83 34.54
N LYS C 422 -10.34 -32.07 35.63
CA LYS C 422 -9.21 -31.21 36.01
C LYS C 422 -7.94 -31.77 35.38
N ALA C 423 -7.32 -30.98 34.51
CA ALA C 423 -6.16 -31.46 33.77
C ALA C 423 -4.93 -31.52 34.66
N ALA C 424 -4.03 -32.45 34.32
CA ALA C 424 -2.73 -32.53 34.95
C ALA C 424 -1.65 -31.97 34.02
N LEU C 425 -0.55 -31.53 34.62
CA LEU C 425 0.43 -30.75 33.86
C LEU C 425 1.13 -31.59 32.80
N THR C 426 1.30 -32.88 33.06
CA THR C 426 2.02 -33.75 32.13
C THR C 426 1.24 -34.22 30.91
N ASP C 427 -0.06 -33.91 30.86
CA ASP C 427 -0.88 -34.36 29.74
C ASP C 427 -0.64 -33.50 28.50
N PRO C 428 -0.88 -34.04 27.30
CA PRO C 428 -0.66 -33.25 26.08
C PRO C 428 -1.57 -32.04 26.05
N TYR C 429 -1.31 -31.15 25.09
CA TYR C 429 -2.02 -29.88 25.06
C TYR C 429 -3.41 -30.02 24.48
N ILE C 430 -3.76 -31.19 23.94
CA ILE C 430 -5.07 -31.37 23.34
C ILE C 430 -6.16 -31.43 24.41
N LEU C 431 -5.87 -32.05 25.55
CA LEU C 431 -6.91 -32.42 26.50
C LEU C 431 -7.25 -31.34 27.51
N LYS C 432 -7.03 -30.06 27.22
CA LYS C 432 -7.39 -29.01 28.17
C LYS C 432 -8.13 -27.88 27.49
N GLN C 433 -9.14 -28.22 26.71
CA GLN C 433 -9.99 -27.24 26.05
C GLN C 433 -11.33 -27.16 26.77
N LYS C 434 -11.83 -25.95 26.98
CA LYS C 434 -13.10 -25.73 27.67
C LYS C 434 -14.05 -24.98 26.76
N VAL C 435 -15.33 -25.33 26.82
CA VAL C 435 -16.32 -24.81 25.88
C VAL C 435 -16.67 -23.38 26.22
N VAL C 436 -16.79 -22.54 25.18
CA VAL C 436 -17.27 -21.17 25.29
C VAL C 436 -18.51 -21.02 24.43
N ARG C 437 -19.55 -20.40 24.98
CA ARG C 437 -20.87 -20.43 24.38
C ARG C 437 -21.52 -19.06 24.37
N GLY C 438 -22.02 -18.65 23.21
CA GLY C 438 -22.83 -17.46 23.09
C GLY C 438 -22.38 -16.47 22.03
N GLY C 439 -21.15 -16.56 21.63
CA GLY C 439 -20.69 -15.67 20.59
C GLY C 439 -20.39 -14.27 21.10
N SER C 440 -19.92 -13.42 20.19
CA SER C 440 -19.46 -12.09 20.57
C SER C 440 -19.49 -11.18 19.33
N TRP C 441 -18.92 -9.98 19.46
CA TRP C 441 -19.04 -9.00 18.38
C TRP C 441 -18.23 -9.39 17.16
N LYS C 442 -17.38 -10.41 17.27
CA LYS C 442 -16.60 -10.85 16.12
C LYS C 442 -17.35 -11.87 15.28
N ASP C 443 -18.50 -12.36 15.74
CA ASP C 443 -19.14 -13.51 15.13
C ASP C 443 -20.19 -13.10 14.10
N VAL C 444 -20.34 -13.94 13.08
CA VAL C 444 -21.34 -13.76 12.03
C VAL C 444 -22.70 -14.19 12.55
N ALA C 445 -23.75 -13.92 11.77
CA ALA C 445 -25.11 -14.11 12.27
C ALA C 445 -25.44 -15.58 12.49
N ARG C 446 -24.59 -16.50 12.02
CA ARG C 446 -24.85 -17.91 12.26
C ARG C 446 -24.46 -18.31 13.67
N PHE C 447 -23.42 -17.68 14.24
CA PHE C 447 -22.88 -18.13 15.51
C PHE C 447 -23.72 -17.65 16.69
N ILE C 448 -24.51 -16.60 16.50
CA ILE C 448 -25.31 -16.07 17.59
C ILE C 448 -26.54 -16.94 17.87
N ARG C 449 -26.73 -18.01 17.12
CA ARG C 449 -27.73 -19.02 17.49
C ARG C 449 -27.39 -19.57 18.86
N SER C 450 -28.42 -19.75 19.70
CA SER C 450 -28.17 -20.07 21.09
C SER C 450 -27.49 -21.43 21.26
N ALA C 451 -27.66 -22.34 20.30
CA ALA C 451 -27.08 -23.68 20.39
C ALA C 451 -26.00 -23.82 19.33
N THR C 452 -24.79 -23.41 19.67
CA THR C 452 -23.64 -23.53 18.78
C THR C 452 -22.38 -23.54 19.62
N ARG C 453 -21.48 -24.47 19.33
CA ARG C 453 -20.34 -24.75 20.20
C ARG C 453 -19.07 -24.12 19.67
N SER C 454 -18.30 -23.52 20.57
CA SER C 454 -16.98 -22.98 20.27
C SER C 454 -16.03 -23.34 21.41
N HIS C 455 -14.77 -23.60 21.06
CA HIS C 455 -13.79 -24.03 22.04
C HIS C 455 -12.59 -23.10 22.05
N GLU C 456 -12.04 -22.87 23.24
CA GLU C 456 -10.86 -22.03 23.41
C GLU C 456 -10.04 -22.63 24.53
N TYR C 457 -8.72 -22.60 24.42
CA TYR C 457 -7.84 -23.23 25.40
C TYR C 457 -8.01 -22.56 26.77
N GLN C 458 -7.49 -23.24 27.80
CA GLN C 458 -7.65 -22.77 29.16
C GLN C 458 -6.54 -21.81 29.58
N ASN C 459 -5.44 -21.76 28.82
CA ASN C 459 -4.30 -20.93 29.21
C ASN C 459 -4.21 -19.59 28.49
N VAL C 460 -4.95 -19.44 27.40
CA VAL C 460 -4.84 -18.22 26.61
C VAL C 460 -6.12 -17.42 26.59
N GLY C 461 -6.06 -16.12 26.86
CA GLY C 461 -7.27 -15.34 26.71
C GLY C 461 -7.26 -14.58 25.41
N ARG C 462 -8.40 -13.99 25.04
CA ARG C 462 -8.44 -13.20 23.81
C ARG C 462 -9.13 -11.87 23.99
N SER C 463 -9.64 -11.31 22.91
CA SER C 463 -10.26 -9.99 22.98
C SER C 463 -11.77 -10.03 22.90
N TYR C 464 -12.40 -11.20 22.94
CA TYR C 464 -13.85 -11.29 22.86
C TYR C 464 -14.44 -12.36 23.78
N ILE C 465 -13.92 -12.52 25.00
CA ILE C 465 -14.46 -13.46 25.98
C ILE C 465 -14.50 -12.79 27.36
N GLY C 466 -15.65 -12.85 28.01
CA GLY C 466 -15.81 -12.35 29.36
C GLY C 466 -16.26 -13.47 30.28
N PHE C 467 -16.99 -13.16 31.34
CA PHE C 467 -17.57 -14.21 32.17
C PHE C 467 -18.66 -13.63 33.05
N ARG C 468 -19.40 -14.52 33.70
CA ARG C 468 -20.46 -14.15 34.64
C ARG C 468 -20.63 -15.28 35.64
N CYS C 469 -21.16 -14.93 36.82
CA CYS C 469 -21.20 -15.85 37.95
C CYS C 469 -22.63 -16.25 38.29
N VAL C 470 -22.78 -17.48 38.78
CA VAL C 470 -24.07 -18.02 39.19
C VAL C 470 -23.92 -18.59 40.60
N ARG C 471 -25.04 -19.05 41.15
CA ARG C 471 -25.10 -19.50 42.54
C ARG C 471 -26.27 -20.44 42.75
N THR C 472 -25.98 -21.61 43.32
CA THR C 472 -27.05 -22.55 43.63
C THR C 472 -27.92 -22.02 44.76
N SER C 473 -29.21 -22.26 44.65
CA SER C 473 -30.19 -21.66 45.55
C SER C 473 -30.75 -22.71 46.50
N ILE C 474 -31.43 -22.23 47.54
CA ILE C 474 -32.17 -23.08 48.46
C ILE C 474 -33.59 -22.53 48.57
N ALA C 475 -34.54 -23.27 48.02
CA ALA C 475 -35.93 -22.88 48.04
C ALA C 475 -36.78 -24.11 48.36
N PHE C 476 -38.07 -23.87 48.56
CA PHE C 476 -39.00 -24.92 48.94
C PHE C 476 -39.96 -25.20 47.79
N SER C 477 -40.20 -26.48 47.53
CA SER C 477 -40.94 -26.87 46.33
C SER C 477 -42.37 -26.34 46.36
N SER C 478 -43.01 -26.37 47.52
CA SER C 478 -44.42 -25.96 47.60
C SER C 478 -44.60 -24.49 47.24
N GLY C 479 -43.55 -23.70 47.38
CA GLY C 479 -43.62 -22.28 47.04
C GLY C 479 -42.76 -21.91 45.86
N THR D 46 33.81 19.58 -35.86
CA THR D 46 34.58 19.00 -34.78
C THR D 46 33.76 18.92 -33.50
N THR D 47 34.44 19.10 -32.36
CA THR D 47 33.77 19.01 -31.07
C THR D 47 32.80 20.17 -30.87
N LEU D 48 31.68 19.88 -30.23
CA LEU D 48 30.73 20.92 -29.90
C LEU D 48 31.20 21.74 -28.71
N SER D 49 30.65 22.94 -28.56
CA SER D 49 31.05 23.79 -27.45
C SER D 49 30.35 23.35 -26.17
N ASN D 50 30.82 23.91 -25.05
CA ASN D 50 30.29 23.52 -23.76
C ASN D 50 28.81 23.81 -23.63
N ARG D 51 28.38 25.01 -24.04
CA ARG D 51 26.96 25.33 -23.94
C ARG D 51 26.14 24.60 -24.99
N ALA D 52 26.79 24.10 -26.04
CA ALA D 52 26.10 23.25 -26.99
C ALA D 52 25.69 21.93 -26.37
N GLN D 53 26.59 21.32 -25.59
CA GLN D 53 26.27 20.05 -24.95
C GLN D 53 25.22 20.22 -23.86
N GLU D 54 25.09 21.43 -23.32
CA GLU D 54 24.03 21.68 -22.35
C GLU D 54 22.67 21.62 -23.01
N PHE D 55 22.55 22.14 -24.23
CA PHE D 55 21.26 22.17 -24.92
C PHE D 55 20.75 20.77 -25.23
N ASN D 56 21.65 19.86 -25.60
CA ASN D 56 21.22 18.53 -26.01
C ASN D 56 20.57 17.76 -24.86
N ARG D 57 21.24 17.74 -23.70
CA ARG D 57 20.71 16.94 -22.59
C ARG D 57 19.36 17.46 -22.11
N ARG D 58 19.07 18.74 -22.34
CA ARG D 58 17.79 19.27 -21.89
C ARG D 58 16.64 18.81 -22.77
N LEU D 59 16.91 18.55 -24.05
CA LEU D 59 15.85 18.27 -25.01
C LEU D 59 15.52 16.79 -25.13
N THR D 60 16.37 15.90 -24.62
CA THR D 60 16.16 14.47 -24.74
C THR D 60 14.93 14.04 -23.94
N GLN D 61 14.13 13.15 -24.53
CA GLN D 61 12.90 12.69 -23.91
C GLN D 61 13.15 11.48 -23.04
N LYS D 62 12.65 11.53 -21.81
CA LYS D 62 12.84 10.44 -20.85
C LYS D 62 11.50 9.81 -20.50
N THR D 63 11.46 8.48 -20.55
CA THR D 63 10.25 7.70 -20.32
C THR D 63 10.42 6.78 -19.11
N ASP D 64 11.11 7.27 -18.08
CA ASP D 64 11.41 6.43 -16.92
C ASP D 64 10.14 5.97 -16.23
N ASN D 65 9.17 6.86 -16.04
CA ASN D 65 7.90 6.52 -15.42
C ASN D 65 6.76 6.93 -16.35
N ALA D 66 5.76 6.06 -16.45
CA ALA D 66 4.59 6.35 -17.26
C ALA D 66 3.49 5.39 -16.88
N PRO D 67 2.27 5.87 -16.64
CA PRO D 67 1.16 4.96 -16.34
C PRO D 67 0.34 4.51 -17.55
N TRP D 68 0.79 4.77 -18.77
CA TRP D 68 0.16 4.23 -19.98
C TRP D 68 1.16 4.33 -21.13
N ARG D 69 1.52 3.20 -21.70
CA ARG D 69 2.51 3.18 -22.77
C ARG D 69 2.19 2.05 -23.71
N ARG D 70 2.11 2.32 -25.01
CA ARG D 70 1.80 1.30 -26.00
C ARG D 70 2.78 1.41 -27.16
N VAL D 71 3.06 0.28 -27.80
CA VAL D 71 4.04 0.19 -28.87
C VAL D 71 3.33 -0.24 -30.15
N VAL D 72 3.63 0.45 -31.25
CA VAL D 72 2.98 0.23 -32.53
C VAL D 72 4.03 0.22 -33.62
N TYR D 73 3.88 -0.70 -34.59
CA TYR D 73 4.77 -0.75 -35.74
C TYR D 73 4.02 -0.26 -36.96
N ARG D 74 4.67 0.52 -37.83
CA ARG D 74 4.05 1.08 -39.02
C ARG D 74 4.90 0.81 -40.25
N ARG D 75 4.25 0.83 -41.41
CA ARG D 75 4.91 0.62 -42.70
C ARG D 75 4.73 1.87 -43.54
N VAL D 76 5.80 2.65 -43.69
CA VAL D 76 5.77 3.92 -44.41
C VAL D 76 6.11 3.64 -45.86
N ASP D 77 5.26 4.09 -46.77
CA ASP D 77 5.40 3.83 -48.19
C ASP D 77 5.99 5.07 -48.87
N LEU D 78 7.04 4.86 -49.67
CA LEU D 78 7.77 5.97 -50.26
C LEU D 78 7.25 6.40 -51.62
N MET D 79 6.26 5.72 -52.19
CA MET D 79 5.75 6.10 -53.50
C MET D 79 4.58 7.07 -53.42
N GLU D 80 4.12 7.40 -52.21
CA GLU D 80 3.08 8.40 -52.05
C GLU D 80 3.78 9.74 -51.90
N GLU D 81 3.14 10.80 -52.36
CA GLU D 81 3.78 12.12 -52.33
C GLU D 81 4.25 12.50 -50.95
N SER D 82 3.46 12.21 -49.94
CA SER D 82 3.78 12.61 -48.57
C SER D 82 5.12 12.08 -48.10
N ASN D 83 5.41 10.82 -48.39
CA ASN D 83 6.64 10.21 -47.91
C ASN D 83 7.76 10.28 -48.93
N ALA D 84 7.52 10.97 -50.05
CA ALA D 84 8.53 11.08 -51.08
C ALA D 84 9.80 11.76 -50.57
N VAL D 85 9.72 12.50 -49.46
CA VAL D 85 10.88 13.27 -48.97
C VAL D 85 12.21 12.52 -48.90
N LEU D 86 12.15 11.22 -48.62
CA LEU D 86 13.37 10.43 -48.48
C LEU D 86 13.88 9.92 -49.82
N TYR D 87 13.04 9.97 -50.84
CA TYR D 87 13.43 9.50 -52.16
C TYR D 87 13.48 10.64 -53.14
N TYR D 88 14.27 11.65 -52.84
CA TYR D 88 14.40 12.80 -53.75
C TYR D 88 15.49 12.58 -54.78
N PRO D 89 16.72 12.23 -54.42
CA PRO D 89 17.72 11.87 -55.42
C PRO D 89 17.70 10.38 -55.68
N PRO D 90 17.29 9.95 -56.89
CA PRO D 90 17.36 8.50 -57.09
C PRO D 90 18.80 8.03 -57.17
N ARG D 91 19.74 8.97 -57.31
CA ARG D 91 21.13 8.60 -57.43
C ARG D 91 21.94 9.70 -56.82
N PRO D 92 23.22 9.43 -56.58
CA PRO D 92 24.08 10.43 -55.93
C PRO D 92 24.48 11.59 -56.85
N ILE D 93 24.00 12.78 -56.54
CA ILE D 93 24.35 13.95 -57.34
C ILE D 93 24.88 15.07 -56.43
N GLY D 94 26.16 15.39 -56.56
CA GLY D 94 26.75 16.45 -55.77
C GLY D 94 26.72 16.14 -54.29
N ASP D 95 26.10 17.04 -53.53
CA ASP D 95 25.99 16.85 -52.09
C ASP D 95 24.61 16.36 -51.67
N ARG D 96 23.61 16.58 -52.50
CA ARG D 96 22.30 16.06 -52.20
C ARG D 96 22.41 14.56 -51.99
N LYS D 97 21.94 14.06 -50.86
CA LYS D 97 21.92 12.63 -50.64
C LYS D 97 20.65 12.24 -49.90
N ASN D 98 20.02 11.15 -50.35
CA ASN D 98 18.84 10.66 -49.65
C ASN D 98 19.26 9.93 -48.38
N LEU D 99 18.28 9.34 -47.70
CA LEU D 99 18.57 8.70 -46.42
C LEU D 99 19.42 7.45 -46.59
N PHE D 100 19.01 6.53 -47.46
CA PHE D 100 19.74 5.28 -47.60
C PHE D 100 21.17 5.53 -48.06
N SER D 101 21.37 6.55 -48.89
CA SER D 101 22.71 6.88 -49.34
C SER D 101 23.59 7.31 -48.17
N THR D 102 23.04 8.06 -47.22
CA THR D 102 23.82 8.46 -46.06
C THR D 102 24.10 7.26 -45.16
N ILE D 103 23.13 6.38 -45.00
CA ILE D 103 23.32 5.23 -44.12
C ILE D 103 24.47 4.36 -44.62
N PHE D 104 24.48 4.01 -45.90
CA PHE D 104 25.60 3.24 -46.44
C PHE D 104 26.89 4.01 -46.34
N GLY D 105 26.83 5.34 -46.35
CA GLY D 105 28.03 6.14 -46.22
C GLY D 105 28.70 5.99 -44.86
N LEU D 106 27.90 6.04 -43.80
CA LEU D 106 28.48 5.97 -42.46
C LEU D 106 29.14 4.62 -42.21
N ILE D 107 28.49 3.53 -42.61
CA ILE D 107 28.96 2.20 -42.24
C ILE D 107 30.25 1.85 -42.96
N ASN D 108 30.53 2.46 -44.12
CA ASN D 108 31.81 2.23 -44.78
C ASN D 108 32.96 2.78 -43.97
N SER D 109 32.70 3.76 -43.11
CA SER D 109 33.76 4.34 -42.29
C SER D 109 33.91 3.66 -40.94
N ASN D 110 33.10 2.63 -40.66
CA ASN D 110 33.11 1.94 -39.37
C ASN D 110 32.91 2.90 -38.21
N SER D 111 32.01 3.86 -38.38
CA SER D 111 31.62 4.78 -37.32
C SER D 111 30.16 4.60 -36.91
N LEU D 112 29.56 3.45 -37.24
CA LEU D 112 28.15 3.23 -36.95
C LEU D 112 27.83 1.74 -36.74
N ASP D 113 26.76 1.45 -36.02
CA ASP D 113 26.42 0.06 -35.72
C ASP D 113 24.99 -0.33 -36.08
N VAL D 114 24.82 -1.52 -36.67
CA VAL D 114 23.49 -2.00 -37.02
C VAL D 114 23.44 -3.49 -36.69
N TYR D 115 22.22 -4.04 -36.72
CA TYR D 115 21.99 -5.42 -36.30
C TYR D 115 21.10 -6.13 -37.31
N GLU D 116 21.28 -7.45 -37.38
CA GLU D 116 20.52 -8.28 -38.31
C GLU D 116 19.08 -8.41 -37.85
N TYR D 117 18.21 -8.80 -38.80
CA TYR D 117 16.80 -8.96 -38.52
C TYR D 117 16.32 -10.40 -38.52
N LEU D 118 16.25 -10.98 -37.34
CA LEU D 118 15.69 -12.31 -37.17
C LEU D 118 14.18 -12.20 -37.00
N ASP D 119 13.46 -13.09 -37.67
CA ASP D 119 12.00 -13.00 -37.66
C ASP D 119 11.44 -13.09 -36.24
N GLY D 120 10.49 -12.22 -35.95
CA GLY D 120 9.79 -12.24 -34.69
C GLY D 120 10.39 -11.37 -33.58
N PHE D 121 11.51 -11.78 -33.00
CA PHE D 121 12.09 -11.07 -31.88
C PHE D 121 13.22 -10.17 -32.35
N GLU D 122 13.44 -9.07 -31.64
CA GLU D 122 14.47 -8.10 -31.97
C GLU D 122 15.12 -7.61 -30.69
N ALA D 123 16.45 -7.69 -30.64
CA ALA D 123 17.20 -7.21 -29.49
C ALA D 123 18.60 -6.88 -29.96
N PHE D 124 19.14 -5.79 -29.40
CA PHE D 124 20.38 -5.20 -29.88
C PHE D 124 21.47 -5.55 -28.86
N THR D 125 22.15 -6.67 -29.08
CA THR D 125 23.25 -7.12 -28.24
C THR D 125 24.52 -7.26 -29.08
N ASP D 126 25.61 -7.62 -28.41
CA ASP D 126 26.88 -7.77 -29.10
C ASP D 126 26.84 -8.92 -30.10
N GLN D 127 26.09 -9.98 -29.79
CA GLN D 127 26.13 -11.16 -30.64
C GLN D 127 25.52 -10.89 -32.01
N TYR D 128 24.37 -10.22 -32.05
CA TYR D 128 23.68 -9.98 -33.33
C TYR D 128 24.31 -8.91 -34.18
N LYS D 129 25.49 -8.37 -33.89
CA LYS D 129 26.05 -7.35 -34.77
C LYS D 129 26.37 -7.96 -36.11
N ILE D 130 26.27 -7.15 -37.16
CA ILE D 130 26.37 -7.66 -38.53
C ILE D 130 27.74 -7.33 -39.12
N LYS D 131 28.42 -8.37 -39.59
CA LYS D 131 29.70 -8.25 -40.27
C LYS D 131 29.46 -7.83 -41.71
N PHE D 132 30.35 -6.99 -42.23
CA PHE D 132 30.12 -6.41 -43.55
C PHE D 132 30.16 -7.48 -44.65
N GLN D 133 31.09 -8.43 -44.56
CA GLN D 133 31.30 -9.36 -45.67
C GLN D 133 30.08 -10.24 -45.91
N GLU D 134 29.46 -10.76 -44.85
CA GLU D 134 28.26 -11.55 -45.03
C GLU D 134 27.14 -10.71 -45.64
N PHE D 135 27.02 -9.46 -45.21
CA PHE D 135 25.98 -8.58 -45.74
C PHE D 135 26.19 -8.28 -47.22
N LEU D 136 27.43 -7.98 -47.61
CA LEU D 136 27.69 -7.58 -48.98
C LEU D 136 27.42 -8.73 -49.96
N ASP D 137 27.85 -9.93 -49.59
CA ASP D 137 27.78 -11.06 -50.52
C ASP D 137 26.34 -11.45 -50.79
N ARG D 138 25.49 -11.47 -49.76
CA ARG D 138 24.12 -11.97 -49.94
C ARG D 138 23.27 -11.20 -50.94
N PHE D 139 23.44 -9.89 -51.04
CA PHE D 139 22.56 -9.08 -51.88
C PHE D 139 23.11 -8.86 -53.28
N GLY D 140 24.37 -9.22 -53.52
CA GLY D 140 24.90 -9.11 -54.86
C GLY D 140 25.38 -7.75 -55.33
N ILE D 141 26.49 -7.27 -54.79
CA ILE D 141 27.14 -6.04 -55.25
C ILE D 141 28.62 -6.32 -55.43
N TYR D 142 29.17 -5.86 -56.55
CA TYR D 142 30.60 -6.01 -56.80
C TYR D 142 31.40 -5.15 -55.83
N TYR D 143 32.52 -5.69 -55.34
CA TYR D 143 33.37 -4.99 -54.39
C TYR D 143 34.84 -5.30 -54.66
N GLN D 144 35.70 -4.34 -54.35
CA GLN D 144 37.14 -4.50 -54.53
C GLN D 144 37.88 -3.91 -53.34
N PRO D 145 39.02 -4.48 -52.95
CA PRO D 145 39.82 -3.86 -51.88
C PRO D 145 40.24 -2.45 -52.25
N SER D 146 40.32 -1.60 -51.23
CA SER D 146 40.49 -0.17 -51.46
C SER D 146 41.97 0.22 -51.46
N THR D 147 42.20 1.52 -51.61
CA THR D 147 43.55 2.06 -51.71
C THR D 147 44.04 2.68 -50.41
N ASN D 148 43.14 3.08 -49.52
CA ASN D 148 43.51 3.59 -48.21
C ASN D 148 43.06 2.60 -47.15
N LYS D 149 43.92 2.34 -46.17
CA LYS D 149 43.64 1.31 -45.18
C LYS D 149 42.44 1.68 -44.33
N ASN D 150 42.34 2.93 -43.91
CA ASN D 150 41.30 3.33 -42.97
C ASN D 150 40.27 4.30 -43.54
N ALA D 151 40.52 4.89 -44.71
CA ALA D 151 39.58 5.87 -45.25
C ALA D 151 38.31 5.21 -45.75
N GLU D 152 38.42 4.06 -46.41
CA GLU D 152 37.28 3.34 -46.96
C GLU D 152 37.49 1.85 -46.80
N LEU D 153 36.47 1.15 -46.31
CA LEU D 153 36.62 -0.28 -46.05
C LEU D 153 36.64 -1.08 -47.36
N PHE D 154 35.72 -0.76 -48.27
CA PHE D 154 35.53 -1.53 -49.49
C PHE D 154 35.02 -0.60 -50.59
N LYS D 155 35.66 -0.63 -51.75
CA LYS D 155 35.27 0.26 -52.83
C LYS D 155 33.89 -0.08 -53.33
N VAL D 156 33.03 0.93 -53.40
CA VAL D 156 31.69 0.72 -53.92
C VAL D 156 31.52 1.54 -55.18
N ALA D 157 30.73 1.04 -56.11
CA ALA D 157 30.52 1.73 -57.38
C ALA D 157 29.55 2.89 -57.19
N ASP D 158 29.41 3.68 -58.25
CA ASP D 158 28.56 4.86 -58.19
C ASP D 158 27.09 4.48 -58.23
N SER D 159 26.75 3.42 -58.97
CA SER D 159 25.37 3.02 -59.13
C SER D 159 25.09 1.58 -58.70
N ASP D 160 26.10 0.84 -58.22
CA ASP D 160 25.85 -0.52 -57.78
C ASP D 160 25.01 -0.55 -56.51
N ILE D 161 25.17 0.45 -55.67
CA ILE D 161 24.37 0.55 -54.44
C ILE D 161 22.92 0.84 -54.82
N PRO D 162 21.97 0.03 -54.40
CA PRO D 162 20.56 0.32 -54.72
C PRO D 162 20.08 1.51 -53.91
N SER D 163 19.91 2.65 -54.58
CA SER D 163 19.32 3.82 -53.95
C SER D 163 17.94 4.13 -54.49
N ALA D 164 17.62 3.60 -55.67
CA ALA D 164 16.30 3.83 -56.25
C ALA D 164 15.37 2.65 -56.01
N GLU D 165 15.89 1.54 -55.50
CA GLU D 165 15.06 0.35 -55.35
C GLU D 165 14.43 0.27 -53.96
N VAL D 166 15.04 0.92 -52.97
CA VAL D 166 14.46 0.94 -51.63
C VAL D 166 13.18 1.77 -51.68
N LYS D 167 12.08 1.22 -51.18
CA LYS D 167 10.77 1.82 -51.38
C LYS D 167 9.90 1.87 -50.13
N ALA D 168 10.26 1.17 -49.05
CA ALA D 168 9.40 1.14 -47.88
C ALA D 168 10.24 1.05 -46.62
N TYR D 169 9.75 1.72 -45.57
CA TYR D 169 10.51 1.90 -44.34
C TYR D 169 9.67 1.42 -43.17
N TYR D 170 10.30 0.72 -42.22
CA TYR D 170 9.66 0.33 -40.99
C TYR D 170 10.03 1.31 -39.88
N VAL D 171 9.04 1.83 -39.18
CA VAL D 171 9.25 2.77 -38.09
C VAL D 171 8.57 2.22 -36.85
N LYS D 172 9.32 2.14 -35.75
CA LYS D 172 8.86 1.56 -34.49
C LYS D 172 8.72 2.67 -33.45
N GLU D 173 7.49 2.93 -33.02
CA GLU D 173 7.21 4.09 -32.19
C GLU D 173 6.42 3.70 -30.94
N GLU D 174 6.39 4.59 -29.96
CA GLU D 174 5.63 4.37 -28.74
C GLU D 174 4.90 5.64 -28.37
N TRP D 175 3.71 5.50 -27.81
CA TRP D 175 2.93 6.62 -27.30
C TRP D 175 2.97 6.55 -25.78
N TYR D 176 3.36 7.65 -25.13
CA TYR D 176 3.54 7.60 -23.69
C TYR D 176 2.91 8.82 -23.03
N PHE D 177 2.58 8.66 -21.76
CA PHE D 177 1.90 9.67 -20.96
C PHE D 177 2.89 10.30 -20.00
N THR D 178 3.17 11.59 -20.27
CA THR D 178 4.09 12.34 -19.42
C THR D 178 3.50 12.46 -18.00
N PRO D 179 4.29 12.10 -16.96
CA PRO D 179 3.67 12.25 -15.63
C PRO D 179 3.63 13.68 -15.13
N THR D 180 4.70 14.44 -15.34
CA THR D 180 4.81 15.75 -14.72
C THR D 180 3.96 16.79 -15.45
N ASN D 181 3.62 16.54 -16.71
CA ASN D 181 2.90 17.52 -17.51
C ASN D 181 1.54 17.00 -17.99
N SER D 182 1.32 15.69 -17.96
CA SER D 182 0.07 15.08 -18.38
C SER D 182 -0.37 15.53 -19.76
N ASP D 183 0.44 15.17 -20.76
CA ASP D 183 0.10 15.31 -22.17
C ASP D 183 0.69 14.12 -22.90
N VAL D 184 0.09 13.75 -24.03
CA VAL D 184 0.59 12.62 -24.81
C VAL D 184 1.69 13.07 -25.76
N ASP D 185 2.59 12.15 -26.11
CA ASP D 185 3.72 12.46 -26.97
C ASP D 185 4.22 11.17 -27.61
N ILE D 186 5.04 11.31 -28.65
CA ILE D 186 5.53 10.19 -29.43
C ILE D 186 7.05 10.20 -29.44
N LYS D 187 7.65 9.01 -29.45
CA LYS D 187 9.10 8.85 -29.52
C LYS D 187 9.42 7.73 -30.51
N ILE D 188 10.52 7.91 -31.24
CA ILE D 188 10.95 6.95 -32.25
C ILE D 188 12.13 6.16 -31.71
N GLN D 189 12.12 4.84 -31.93
CA GLN D 189 13.20 3.97 -31.49
C GLN D 189 14.07 3.46 -32.63
N ALA D 190 13.48 2.96 -33.71
CA ALA D 190 14.25 2.22 -34.69
C ALA D 190 13.69 2.45 -36.09
N ILE D 191 14.52 2.15 -37.08
CA ILE D 191 14.19 2.33 -38.49
C ILE D 191 14.87 1.23 -39.30
N CYS D 192 14.11 0.54 -40.14
CA CYS D 192 14.66 -0.53 -40.97
C CYS D 192 14.20 -0.40 -42.40
N PRO D 193 15.14 -0.48 -43.37
CA PRO D 193 14.75 -0.30 -44.77
C PRO D 193 14.60 -1.63 -45.49
N ILE D 194 13.54 -1.76 -46.29
CA ILE D 194 13.32 -2.97 -47.06
C ILE D 194 13.39 -2.66 -48.54
N MET D 195 13.78 -3.63 -49.35
CA MET D 195 13.94 -3.39 -50.79
C MET D 195 13.18 -4.39 -51.63
N THR D 196 13.09 -4.15 -52.94
CA THR D 196 12.40 -5.07 -53.83
C THR D 196 13.32 -5.58 -54.93
N GLY D 197 13.15 -6.84 -55.33
CA GLY D 197 13.99 -7.44 -56.34
C GLY D 197 13.19 -8.28 -57.31
N GLN D 198 13.79 -8.54 -58.47
CA GLN D 198 13.15 -9.32 -59.53
C GLN D 198 13.42 -10.80 -59.29
N ASP D 199 12.51 -11.65 -59.79
CA ASP D 199 12.50 -13.09 -59.52
C ASP D 199 11.92 -13.76 -60.76
N GLU D 200 12.19 -15.06 -60.93
CA GLU D 200 11.83 -15.76 -62.18
C GLU D 200 10.32 -15.78 -62.38
N PHE D 201 9.56 -16.04 -61.32
CA PHE D 201 8.10 -16.05 -61.43
C PHE D 201 7.50 -14.67 -61.34
N GLY D 202 8.33 -13.63 -61.39
CA GLY D 202 7.83 -12.28 -61.20
C GLY D 202 7.17 -12.10 -59.87
N GLU D 203 7.73 -12.68 -58.81
CA GLU D 203 7.23 -12.51 -57.44
C GLU D 203 7.86 -11.25 -56.87
N VAL D 204 7.05 -10.21 -56.67
CA VAL D 204 7.54 -9.00 -56.04
C VAL D 204 7.86 -9.31 -54.59
N ARG D 205 9.15 -9.43 -54.28
CA ARG D 205 9.61 -9.87 -52.99
C ARG D 205 9.94 -8.66 -52.13
N ASN D 206 9.64 -8.73 -50.84
CA ASN D 206 10.01 -7.63 -49.95
C ASN D 206 10.92 -8.19 -48.89
N GLN D 207 12.17 -7.74 -48.87
CA GLN D 207 13.13 -8.26 -47.92
C GLN D 207 13.75 -7.16 -47.07
N PRO D 208 13.75 -7.34 -45.75
CA PRO D 208 14.39 -6.35 -44.87
C PRO D 208 15.90 -6.45 -44.97
N LEU D 209 16.62 -5.42 -44.55
CA LEU D 209 18.07 -5.43 -44.63
C LEU D 209 18.72 -5.44 -43.25
N PHE D 210 18.35 -4.49 -42.39
CA PHE D 210 18.93 -4.41 -41.06
C PHE D 210 18.23 -3.40 -40.18
N TRP D 211 18.30 -3.59 -38.86
CA TRP D 211 17.72 -2.63 -37.94
C TRP D 211 18.68 -1.49 -37.67
N ILE D 212 18.17 -0.43 -37.05
CA ILE D 212 18.97 0.74 -36.72
C ILE D 212 18.50 1.32 -35.40
N PRO D 213 19.40 1.66 -34.47
CA PRO D 213 18.99 2.43 -33.30
C PRO D 213 18.92 3.92 -33.61
N TYR D 214 17.94 4.59 -33.05
CA TYR D 214 17.73 6.02 -33.34
C TYR D 214 18.87 6.88 -32.80
N GLU D 215 19.36 6.57 -31.61
CA GLU D 215 20.40 7.40 -31.03
C GLU D 215 21.68 7.44 -31.85
N ASN D 216 22.08 6.30 -32.40
CA ASN D 216 23.33 6.24 -33.14
C ASN D 216 23.25 7.15 -34.34
N ILE D 217 22.06 7.27 -34.91
CA ILE D 217 21.90 8.11 -36.11
C ILE D 217 21.61 9.59 -35.84
N ARG D 218 21.11 9.91 -34.65
CA ARG D 218 20.73 11.29 -34.34
C ARG D 218 21.72 12.38 -34.80
N PRO D 219 23.04 12.18 -34.58
CA PRO D 219 23.94 13.29 -34.92
C PRO D 219 24.36 13.43 -36.39
N TYR D 220 24.33 12.37 -37.18
CA TYR D 220 24.80 12.41 -38.55
C TYR D 220 23.78 13.10 -39.41
N ILE D 221 22.52 12.84 -39.14
CA ILE D 221 21.44 13.42 -39.96
C ILE D 221 20.94 14.81 -39.55
N ALA D 222 21.37 15.32 -38.40
CA ALA D 222 20.83 16.59 -37.88
C ALA D 222 21.26 17.90 -38.59
N ARG D 223 22.02 17.81 -39.68
CA ARG D 223 22.48 19.01 -40.35
C ARG D 223 22.31 19.01 -41.87
N GLU D 224 21.94 17.87 -42.45
CA GLU D 224 21.70 17.84 -43.89
C GLU D 224 20.29 18.32 -44.21
N ARG D 225 20.18 19.16 -45.22
CA ARG D 225 18.95 19.89 -45.51
C ARG D 225 18.26 19.30 -46.74
N VAL D 226 16.94 19.16 -46.67
CA VAL D 226 16.12 18.73 -47.79
C VAL D 226 14.82 19.53 -47.78
N MET D 227 14.18 19.58 -48.94
CA MET D 227 12.93 20.31 -49.11
C MET D 227 11.81 19.66 -48.31
N LEU D 228 10.64 20.30 -48.34
CA LEU D 228 9.49 19.82 -47.58
C LEU D 228 8.21 19.69 -48.39
N SER D 229 8.24 19.99 -49.68
CA SER D 229 7.03 19.93 -50.49
C SER D 229 7.43 19.76 -51.95
N SER D 230 6.43 19.45 -52.78
CA SER D 230 6.62 19.41 -54.22
C SER D 230 6.34 20.72 -54.91
N LEU D 231 5.68 21.66 -54.25
CA LEU D 231 5.37 22.97 -54.83
C LEU D 231 6.15 24.11 -54.20
N ASN D 232 7.21 23.79 -53.47
CA ASN D 232 8.06 24.81 -52.84
C ASN D 232 9.37 24.08 -52.69
N ASN D 233 10.48 24.67 -53.12
CA ASN D 233 11.73 23.92 -53.11
C ASN D 233 12.85 24.60 -52.32
N THR D 234 12.56 25.21 -51.18
CA THR D 234 13.63 25.73 -50.34
C THR D 234 14.00 24.67 -49.30
N ARG D 235 15.29 24.53 -49.05
CA ARG D 235 15.74 23.55 -48.10
C ARG D 235 15.65 24.11 -46.70
N ASN D 236 14.43 24.24 -46.20
CA ASN D 236 14.23 24.83 -44.88
C ASN D 236 14.53 23.83 -43.75
N SER D 237 14.04 22.60 -43.89
CA SER D 237 14.01 21.66 -42.78
C SER D 237 15.06 20.57 -42.96
N THR D 238 15.34 19.88 -41.86
CA THR D 238 16.28 18.77 -41.84
C THR D 238 15.53 17.48 -41.53
N ILE D 239 16.12 16.36 -41.98
CA ILE D 239 15.46 15.08 -41.85
C ILE D 239 15.18 14.75 -40.39
N ASP D 240 16.03 15.24 -39.48
CA ASP D 240 15.82 14.99 -38.06
C ASP D 240 14.47 15.54 -37.62
N ASP D 241 14.07 16.69 -38.15
CA ASP D 241 12.80 17.29 -37.74
C ASP D 241 11.59 16.65 -38.42
N PHE D 242 11.82 15.90 -39.49
CA PHE D 242 10.70 15.33 -40.24
C PHE D 242 10.14 14.10 -39.53
N PHE D 243 10.97 13.42 -38.74
CA PHE D 243 10.46 12.34 -37.91
C PHE D 243 9.78 12.88 -36.65
N ARG D 244 10.33 13.95 -36.07
CA ARG D 244 9.86 14.42 -34.78
C ARG D 244 8.44 14.95 -34.86
N LEU D 245 8.09 15.66 -35.93
CA LEU D 245 6.78 16.29 -36.04
C LEU D 245 5.69 15.33 -36.51
N ASN D 246 6.02 14.08 -36.76
CA ASN D 246 5.03 13.05 -37.16
C ASN D 246 4.31 13.46 -38.44
N LEU D 247 5.07 13.53 -39.53
CA LEU D 247 4.52 13.88 -40.83
C LEU D 247 4.46 12.72 -41.81
N TYR D 248 4.81 11.51 -41.39
CA TYR D 248 4.68 10.37 -42.30
C TYR D 248 3.34 9.67 -42.10
N LYS D 249 2.92 8.94 -43.12
CA LYS D 249 1.64 8.23 -43.13
C LYS D 249 1.89 6.76 -43.41
N GLY D 250 1.01 5.90 -42.95
CA GLY D 250 1.20 4.49 -43.22
C GLY D 250 0.10 3.62 -42.67
N ASP D 251 0.29 2.31 -42.83
CA ASP D 251 -0.65 1.29 -42.41
C ASP D 251 -0.08 0.52 -41.24
N ILE D 252 -0.87 0.34 -40.19
CA ILE D 252 -0.39 -0.29 -38.95
C ILE D 252 -0.18 -1.78 -39.25
N VAL D 253 1.01 -2.29 -38.95
CA VAL D 253 1.33 -3.66 -39.31
C VAL D 253 1.23 -4.59 -38.12
N LYS D 254 1.80 -4.18 -36.98
CA LYS D 254 1.82 -5.05 -35.81
C LYS D 254 1.64 -4.23 -34.55
N THR D 255 1.06 -4.85 -33.53
CA THR D 255 0.94 -4.27 -32.20
C THR D 255 1.32 -5.31 -31.17
N GLU D 256 1.85 -4.82 -30.04
CA GLU D 256 2.29 -5.71 -28.98
C GLU D 256 1.14 -6.40 -28.29
N ASN D 257 0.86 -7.60 -28.73
CA ASN D 257 -0.19 -8.40 -28.13
C ASN D 257 0.42 -9.55 -27.35
N LEU D 258 -0.28 -9.97 -26.30
CA LEU D 258 0.28 -10.96 -25.38
C LEU D 258 0.46 -12.31 -26.05
N HIS D 259 -0.30 -12.59 -27.11
CA HIS D 259 -0.07 -13.82 -27.86
C HIS D 259 1.09 -13.70 -28.83
N ASN D 260 1.61 -12.50 -29.03
CA ASN D 260 2.72 -12.28 -29.95
C ASN D 260 2.43 -12.84 -31.32
N ARG D 261 1.52 -12.19 -32.04
CA ARG D 261 1.22 -12.61 -33.38
C ARG D 261 1.24 -11.39 -34.27
N ALA D 262 1.58 -11.56 -35.54
CA ALA D 262 1.52 -10.42 -36.45
C ALA D 262 0.15 -10.30 -37.08
N LEU D 263 -0.19 -9.10 -37.55
CA LEU D 263 -1.51 -8.88 -38.11
C LEU D 263 -1.84 -9.83 -39.24
N ALA D 264 -0.91 -10.03 -40.17
CA ALA D 264 -1.22 -10.84 -41.33
C ALA D 264 -1.79 -12.19 -40.94
N GLU D 265 -1.19 -12.83 -39.97
CA GLU D 265 -1.64 -14.18 -39.62
C GLU D 265 -3.14 -14.24 -39.37
N TYR D 266 -3.73 -13.22 -38.76
CA TYR D 266 -5.19 -13.22 -38.62
C TYR D 266 -5.91 -12.50 -39.76
N CYS D 267 -5.17 -12.03 -40.75
CA CYS D 267 -5.78 -11.36 -41.90
C CYS D 267 -5.66 -12.19 -43.18
N PRO D 268 -6.80 -12.45 -43.86
CA PRO D 268 -6.76 -13.27 -45.07
C PRO D 268 -6.22 -12.62 -46.34
N THR D 269 -6.74 -11.45 -46.74
CA THR D 269 -6.34 -10.86 -48.01
C THR D 269 -5.88 -9.41 -47.89
N PRO D 270 -5.12 -8.94 -48.88
CA PRO D 270 -4.80 -7.50 -48.77
C PRO D 270 -6.03 -6.63 -48.64
N ASP D 271 -7.17 -7.07 -49.17
CA ASP D 271 -8.40 -6.31 -48.99
C ASP D 271 -8.81 -6.29 -47.52
N SER D 272 -8.85 -7.47 -46.88
CA SER D 272 -9.33 -7.54 -45.51
C SER D 272 -8.32 -6.97 -44.52
N MET D 273 -7.03 -7.00 -44.87
CA MET D 273 -6.02 -6.47 -43.96
C MET D 273 -6.21 -4.99 -43.70
N LYS D 274 -6.48 -4.22 -44.76
CA LYS D 274 -6.56 -2.77 -44.61
C LYS D 274 -7.73 -2.38 -43.71
N MET D 275 -8.77 -3.21 -43.63
CA MET D 275 -9.92 -2.87 -42.80
C MET D 275 -9.56 -2.81 -41.32
N GLU D 276 -8.61 -3.63 -40.88
CA GLU D 276 -8.29 -3.67 -39.46
C GLU D 276 -7.66 -2.39 -38.96
N SER D 277 -6.91 -1.69 -39.81
CA SER D 277 -6.16 -0.53 -39.36
C SER D 277 -7.08 0.60 -38.90
N LYS D 278 -8.22 0.78 -39.57
CA LYS D 278 -9.08 1.91 -39.26
C LYS D 278 -9.60 1.84 -37.83
N ARG D 279 -9.97 0.65 -37.36
CA ARG D 279 -10.50 0.53 -36.00
C ARG D 279 -9.41 0.76 -34.96
N ILE D 280 -8.18 0.30 -35.22
CA ILE D 280 -7.09 0.53 -34.28
C ILE D 280 -6.86 2.02 -34.10
N ASP D 281 -6.83 2.78 -35.20
CA ASP D 281 -6.64 4.21 -35.11
C ASP D 281 -7.79 4.88 -34.38
N LYS D 282 -8.94 4.22 -34.29
CA LYS D 282 -10.04 4.77 -33.50
C LYS D 282 -9.78 4.60 -32.02
N GLU D 283 -9.05 3.56 -31.62
CA GLU D 283 -8.78 3.34 -30.20
C GLU D 283 -7.80 4.38 -29.67
N LEU D 284 -6.69 4.61 -30.39
CA LEU D 284 -5.72 5.60 -29.94
C LEU D 284 -6.33 7.00 -29.93
N GLN D 285 -7.10 7.34 -30.97
CA GLN D 285 -7.69 8.68 -31.02
C GLN D 285 -8.86 8.80 -30.06
N GLY D 286 -9.58 7.71 -29.80
CA GLY D 286 -10.66 7.77 -28.83
C GLY D 286 -10.16 8.00 -27.41
N PHE D 287 -8.90 7.66 -27.15
CA PHE D 287 -8.32 7.89 -25.84
C PHE D 287 -8.13 9.38 -25.61
N ARG D 288 -7.54 10.08 -26.57
CA ARG D 288 -7.14 11.47 -26.35
C ARG D 288 -8.37 12.36 -26.17
N ASP D 289 -9.48 12.00 -26.81
CA ASP D 289 -10.70 12.76 -26.60
C ASP D 289 -11.31 12.48 -25.23
N GLY D 290 -11.27 11.22 -24.79
CA GLY D 290 -11.97 10.85 -23.57
C GLY D 290 -11.25 11.27 -22.30
N LEU D 291 -9.94 11.49 -22.40
CA LEU D 291 -9.17 11.82 -21.21
C LEU D 291 -9.53 13.21 -20.68
N PHE D 292 -9.72 14.16 -21.58
CA PHE D 292 -10.06 15.52 -21.17
C PHE D 292 -11.55 15.80 -21.33
N VAL D 293 -12.11 16.57 -20.39
CA VAL D 293 -13.52 16.95 -20.48
C VAL D 293 -13.58 18.45 -20.65
N THR D 294 -13.75 18.90 -21.90
CA THR D 294 -13.71 20.35 -22.15
C THR D 294 -15.12 20.94 -22.15
N GLN D 295 -16.02 20.38 -22.95
CA GLN D 295 -17.39 20.90 -23.02
C GLN D 295 -18.34 19.78 -23.43
N ASP D 296 -19.43 19.64 -22.68
CA ASP D 296 -20.52 18.75 -23.00
C ASP D 296 -21.82 19.54 -23.08
N THR D 297 -22.77 19.06 -23.88
CA THR D 297 -24.05 19.74 -23.98
C THR D 297 -24.91 19.56 -22.74
N THR D 298 -24.50 18.70 -21.81
CA THR D 298 -25.35 18.37 -20.67
C THR D 298 -25.44 19.53 -19.68
N TRP D 299 -24.32 20.17 -19.38
CA TRP D 299 -24.32 21.20 -18.35
C TRP D 299 -25.09 22.45 -18.72
N MET D 300 -25.05 22.83 -19.99
CA MET D 300 -25.69 24.08 -20.41
C MET D 300 -27.19 24.04 -20.17
N LYS D 301 -27.86 23.00 -20.66
CA LYS D 301 -29.31 22.92 -20.62
C LYS D 301 -29.86 22.88 -19.19
N GLN D 302 -29.51 21.83 -18.46
CA GLN D 302 -30.08 21.52 -17.14
C GLN D 302 -31.58 21.82 -17.05
N THR E 46 21.46 -10.25 -2.36
CA THR E 46 22.05 -11.02 -1.27
C THR E 46 21.06 -11.17 -0.12
N THR E 47 21.57 -11.18 1.11
CA THR E 47 20.74 -11.37 2.28
C THR E 47 19.84 -10.16 2.49
N LEU E 48 18.61 -10.42 2.94
CA LEU E 48 17.69 -9.35 3.27
C LEU E 48 18.06 -8.72 4.60
N SER E 49 17.57 -7.51 4.83
CA SER E 49 17.86 -6.82 6.08
C SER E 49 16.97 -7.34 7.20
N ASN E 50 17.31 -6.94 8.42
CA ASN E 50 16.60 -7.45 9.58
C ASN E 50 15.13 -7.06 9.55
N ARG E 51 14.84 -5.79 9.24
CA ARG E 51 13.45 -5.37 9.21
C ARG E 51 12.73 -5.91 7.97
N ALA E 52 13.49 -6.34 6.96
CA ALA E 52 12.87 -7.01 5.83
C ALA E 52 12.30 -8.36 6.24
N GLN E 53 13.05 -9.12 7.05
CA GLN E 53 12.56 -10.43 7.48
C GLN E 53 11.39 -10.30 8.43
N GLU E 54 11.26 -9.15 9.10
CA GLU E 54 10.10 -8.93 9.95
C GLU E 54 8.83 -8.81 9.12
N PHE E 55 8.92 -8.15 7.96
CA PHE E 55 7.74 -7.93 7.13
C PHE E 55 7.19 -9.25 6.59
N ASN E 56 8.07 -10.18 6.24
CA ASN E 56 7.62 -11.42 5.61
C ASN E 56 6.78 -12.26 6.56
N ARG E 57 7.26 -12.46 7.79
CA ARG E 57 6.55 -13.33 8.71
C ARG E 57 5.17 -12.78 9.07
N ARG E 58 5.00 -11.46 8.96
CA ARG E 58 3.71 -10.87 9.32
C ARG E 58 2.66 -11.13 8.24
N LEU E 59 3.09 -11.27 6.99
CA LEU E 59 2.15 -11.36 5.88
C LEU E 59 1.75 -12.79 5.53
N THR E 60 2.46 -13.79 6.04
CA THR E 60 2.17 -15.18 5.71
C THR E 60 0.83 -15.60 6.29
N GLN E 61 0.07 -16.35 5.50
CA GLN E 61 -1.27 -16.78 5.90
C GLN E 61 -1.21 -18.10 6.64
N LYS E 62 -1.87 -18.15 7.80
CA LYS E 62 -1.87 -19.35 8.63
C LYS E 62 -3.29 -19.90 8.72
N THR E 63 -3.42 -21.21 8.51
CA THR E 63 -4.68 -21.93 8.49
C THR E 63 -4.74 -22.97 9.59
N ASP E 64 -4.17 -22.66 10.75
CA ASP E 64 -4.09 -23.65 11.82
C ASP E 64 -5.47 -24.09 12.29
N ASN E 65 -6.39 -23.15 12.45
CA ASN E 65 -7.75 -23.45 12.86
C ASN E 65 -8.72 -22.86 11.86
N ALA E 66 -9.77 -23.62 11.52
CA ALA E 66 -10.78 -23.14 10.61
C ALA E 66 -11.99 -24.06 10.74
N PRO E 67 -13.19 -23.52 10.87
CA PRO E 67 -14.40 -24.36 10.91
C PRO E 67 -15.07 -24.61 9.56
N TRP E 68 -14.43 -24.24 8.45
CA TRP E 68 -14.93 -24.60 7.12
C TRP E 68 -13.78 -24.44 6.13
N ARG E 69 -13.41 -25.54 5.46
CA ARG E 69 -12.29 -25.51 4.53
C ARG E 69 -12.55 -26.50 3.43
N ARG E 70 -12.44 -26.07 2.18
CA ARG E 70 -12.68 -26.95 1.04
C ARG E 70 -11.54 -26.79 0.04
N VAL E 71 -11.25 -27.86 -0.69
CA VAL E 71 -10.14 -27.91 -1.64
C VAL E 71 -10.69 -28.13 -3.03
N VAL E 72 -10.21 -27.35 -4.00
CA VAL E 72 -10.70 -27.38 -5.37
C VAL E 72 -9.50 -27.35 -6.31
N TYR E 73 -9.59 -28.13 -7.39
CA TYR E 73 -8.55 -28.12 -8.42
C TYR E 73 -9.10 -27.43 -9.66
N ARG E 74 -8.28 -26.63 -10.34
CA ARG E 74 -8.70 -25.89 -11.52
C ARG E 74 -7.71 -26.08 -12.65
N ARG E 75 -8.19 -25.88 -13.87
CA ARG E 75 -7.38 -25.99 -15.08
C ARG E 75 -7.37 -24.64 -15.79
N VAL E 76 -6.24 -23.94 -15.71
CA VAL E 76 -6.09 -22.60 -16.25
C VAL E 76 -5.57 -22.73 -17.68
N ASP E 77 -6.26 -22.12 -18.62
CA ASP E 77 -5.94 -22.22 -20.04
C ASP E 77 -5.18 -20.98 -20.48
N LEU E 78 -4.06 -21.17 -21.16
CA LEU E 78 -3.19 -20.06 -21.52
C LEU E 78 -3.49 -19.44 -22.87
N MET E 79 -4.43 -19.98 -23.64
CA MET E 79 -4.74 -19.40 -24.94
C MET E 79 -5.84 -18.37 -24.89
N GLU E 80 -6.43 -18.15 -23.71
CA GLU E 80 -7.42 -17.09 -23.57
C GLU E 80 -6.68 -15.85 -23.17
N GLU E 81 -7.17 -14.68 -23.58
CA GLU E 81 -6.47 -13.44 -23.30
C GLU E 81 -6.16 -13.24 -21.84
N SER E 82 -7.10 -13.58 -20.98
CA SER E 82 -6.95 -13.37 -19.55
C SER E 82 -5.72 -14.05 -18.97
N ASN E 83 -5.47 -15.29 -19.39
CA ASN E 83 -4.36 -16.04 -18.82
C ASN E 83 -3.10 -15.95 -19.68
N ALA E 84 -3.16 -15.12 -20.72
CA ALA E 84 -2.00 -14.96 -21.60
C ALA E 84 -0.77 -14.45 -20.85
N VAL E 85 -0.96 -13.84 -19.68
CA VAL E 85 0.17 -13.23 -18.96
C VAL E 85 1.43 -14.09 -18.80
N LEU E 86 1.25 -15.39 -18.70
CA LEU E 86 2.38 -16.29 -18.50
C LEU E 86 3.04 -16.68 -19.82
N TYR E 87 2.35 -16.46 -20.93
CA TYR E 87 2.89 -16.80 -22.23
C TYR E 87 3.14 -15.56 -23.05
N TYR E 88 3.95 -14.66 -22.53
CA TYR E 88 4.27 -13.44 -23.26
C TYR E 88 5.49 -13.62 -24.17
N PRO E 89 6.62 -14.11 -23.71
CA PRO E 89 7.72 -14.43 -24.61
C PRO E 89 7.64 -15.88 -25.05
N PRO E 90 7.38 -16.13 -26.34
CA PRO E 90 7.38 -17.55 -26.71
C PRO E 90 8.79 -18.11 -26.65
N ARG E 91 9.79 -17.25 -26.56
CA ARG E 91 11.16 -17.71 -26.55
C ARG E 91 11.95 -16.75 -25.71
N PRO E 92 13.17 -17.14 -25.34
CA PRO E 92 13.98 -16.29 -24.47
C PRO E 92 14.58 -15.09 -25.19
N ILE E 93 14.13 -13.90 -24.79
CA ILE E 93 14.67 -12.68 -25.39
C ILE E 93 15.14 -11.70 -24.30
N GLY E 94 16.45 -11.48 -24.22
CA GLY E 94 16.99 -10.56 -23.24
C GLY E 94 16.73 -11.03 -21.83
N ASP E 95 16.08 -10.18 -21.05
CA ASP E 95 15.76 -10.51 -19.67
C ASP E 95 14.31 -10.95 -19.49
N ARG E 96 13.45 -10.56 -20.41
CA ARG E 96 12.08 -11.00 -20.33
C ARG E 96 12.06 -12.52 -20.31
N LYS E 97 11.42 -13.11 -19.31
CA LYS E 97 11.28 -14.55 -19.28
C LYS E 97 9.90 -14.91 -18.76
N ASN E 98 9.27 -15.89 -19.40
CA ASN E 98 7.97 -16.36 -18.93
C ASN E 98 8.16 -17.26 -17.72
N LEU E 99 7.06 -17.85 -17.24
CA LEU E 99 7.13 -18.65 -16.03
C LEU E 99 7.92 -19.93 -16.24
N PHE E 100 7.57 -20.71 -17.26
CA PHE E 100 8.24 -22.00 -17.45
C PHE E 100 9.74 -21.81 -17.70
N SER E 101 10.10 -20.71 -18.36
CA SER E 101 11.51 -20.44 -18.60
C SER E 101 12.26 -20.21 -17.28
N THR E 102 11.63 -19.54 -16.33
CA THR E 102 12.27 -19.34 -15.03
C THR E 102 12.35 -20.64 -14.26
N ILE E 103 11.30 -21.47 -14.33
CA ILE E 103 11.30 -22.72 -13.58
C ILE E 103 12.46 -23.61 -14.02
N PHE E 104 12.62 -23.81 -15.33
CA PHE E 104 13.73 -24.60 -15.82
C PHE E 104 15.06 -23.95 -15.45
N GLY E 105 15.08 -22.63 -15.30
CA GLY E 105 16.31 -21.95 -14.94
C GLY E 105 16.77 -22.30 -13.54
N LEU E 106 15.85 -22.31 -12.58
CA LEU E 106 16.23 -22.58 -11.20
C LEU E 106 16.76 -24.00 -11.03
N ILE E 107 16.10 -24.98 -11.65
CA ILE E 107 16.44 -26.37 -11.38
C ILE E 107 17.79 -26.74 -11.98
N ASN E 108 18.25 -26.03 -13.00
CA ASN E 108 19.59 -26.28 -13.51
C ASN E 108 20.66 -25.92 -12.50
N SER E 109 20.35 -25.03 -11.57
CA SER E 109 21.32 -24.63 -10.56
C SER E 109 21.23 -25.46 -9.29
N ASN E 110 20.34 -26.46 -9.25
CA ASN E 110 20.13 -27.28 -8.06
C ASN E 110 19.84 -26.44 -6.82
N SER E 111 19.03 -25.41 -6.99
CA SER E 111 18.55 -24.59 -5.89
C SER E 111 17.04 -24.69 -5.70
N LEU E 112 16.43 -25.75 -6.23
CA LEU E 112 14.98 -25.89 -6.15
C LEU E 112 14.55 -27.35 -6.16
N ASP E 113 13.37 -27.64 -5.63
CA ASP E 113 12.90 -29.03 -5.54
C ASP E 113 11.52 -29.26 -6.13
N VAL E 114 11.35 -30.36 -6.88
CA VAL E 114 10.06 -30.69 -7.44
C VAL E 114 9.86 -32.20 -7.32
N TYR E 115 8.62 -32.64 -7.56
CA TYR E 115 8.26 -34.04 -7.35
C TYR E 115 7.47 -34.57 -8.54
N GLU E 116 7.56 -35.88 -8.75
CA GLU E 116 6.90 -36.53 -9.87
C GLU E 116 5.40 -36.61 -9.61
N TYR E 117 4.65 -36.80 -10.71
CA TYR E 117 3.20 -36.89 -10.62
C TYR E 117 2.64 -38.27 -10.86
N LEU E 118 2.37 -38.98 -9.79
CA LEU E 118 1.71 -40.28 -9.86
C LEU E 118 0.21 -40.06 -9.86
N ASP E 119 -0.49 -40.82 -10.72
CA ASP E 119 -1.91 -40.60 -10.89
C ASP E 119 -2.66 -40.81 -9.57
N GLY E 120 -3.60 -39.91 -9.30
CA GLY E 120 -4.45 -40.02 -8.14
C GLY E 120 -3.96 -39.33 -6.88
N PHE E 121 -2.96 -39.89 -6.21
CA PHE E 121 -2.49 -39.35 -4.94
C PHE E 121 -1.26 -38.50 -5.16
N GLU E 122 -1.06 -37.51 -4.30
CA GLU E 122 0.06 -36.59 -4.38
C GLU E 122 0.57 -36.30 -2.97
N ALA E 123 1.86 -36.50 -2.76
CA ALA E 123 2.48 -36.21 -1.48
C ALA E 123 3.95 -35.93 -1.71
N PHE E 124 4.48 -34.96 -0.97
CA PHE E 124 5.81 -34.42 -1.21
C PHE E 124 6.73 -34.97 -0.11
N THR E 125 7.36 -36.10 -0.38
CA THR E 125 8.30 -36.74 0.53
C THR E 125 9.66 -36.88 -0.14
N ASP E 126 10.63 -37.40 0.61
CA ASP E 126 11.97 -37.56 0.07
C ASP E 126 11.99 -38.58 -1.06
N GLN E 127 11.14 -39.61 -0.98
CA GLN E 127 11.21 -40.70 -1.96
C GLN E 127 10.82 -40.22 -3.35
N TYR E 128 9.73 -39.46 -3.46
CA TYR E 128 9.24 -39.03 -4.76
C TYR E 128 10.04 -37.92 -5.39
N LYS E 129 11.20 -37.51 -4.90
CA LYS E 129 11.94 -36.45 -5.55
C LYS E 129 12.40 -36.93 -6.92
N ILE E 130 12.51 -36.01 -7.86
CA ILE E 130 12.75 -36.36 -9.25
C ILE E 130 14.20 -36.07 -9.62
N LYS E 131 14.87 -37.10 -10.13
CA LYS E 131 16.24 -37.00 -10.62
C LYS E 131 16.22 -36.41 -12.02
N PHE E 132 17.23 -35.59 -12.31
CA PHE E 132 17.22 -34.85 -13.57
C PHE E 132 17.33 -35.78 -14.78
N GLN E 133 18.18 -36.81 -14.69
CA GLN E 133 18.48 -37.62 -15.87
C GLN E 133 17.25 -38.37 -16.36
N GLU E 134 16.46 -38.96 -15.46
CA GLU E 134 15.25 -39.63 -15.90
C GLU E 134 14.28 -38.64 -16.53
N PHE E 135 14.18 -37.43 -15.97
CA PHE E 135 13.29 -36.43 -16.52
C PHE E 135 13.71 -35.98 -17.91
N LEU E 136 15.00 -35.73 -18.10
CA LEU E 136 15.48 -35.20 -19.38
C LEU E 136 15.26 -36.20 -20.50
N ASP E 137 15.56 -37.48 -20.24
CA ASP E 137 15.55 -38.47 -21.30
C ASP E 137 14.13 -38.73 -21.79
N ARG E 138 13.16 -38.79 -20.89
CA ARG E 138 11.80 -39.16 -21.31
C ARG E 138 11.14 -38.22 -22.30
N PHE E 139 11.41 -36.92 -22.22
CA PHE E 139 10.70 -35.96 -23.07
C PHE E 139 11.45 -35.62 -24.34
N GLY E 140 12.70 -36.06 -24.46
CA GLY E 140 13.42 -35.84 -25.70
C GLY E 140 14.04 -34.48 -25.94
N ILE E 141 15.09 -34.14 -25.20
CA ILE E 141 15.87 -32.93 -25.43
C ILE E 141 17.35 -33.30 -25.45
N TYR E 142 18.08 -32.77 -26.42
CA TYR E 142 19.51 -32.99 -26.50
C TYR E 142 20.23 -32.32 -25.34
N TYR E 143 21.23 -33.00 -24.79
CA TYR E 143 21.99 -32.48 -23.65
C TYR E 143 23.45 -32.87 -23.77
N GLN E 144 24.33 -32.03 -23.24
CA GLN E 144 25.77 -32.26 -23.26
C GLN E 144 26.37 -31.88 -21.91
N PRO E 145 27.42 -32.58 -21.45
CA PRO E 145 28.10 -32.16 -20.23
C PRO E 145 28.66 -30.74 -20.36
N SER E 146 28.65 -30.02 -19.25
CA SER E 146 28.93 -28.59 -19.28
C SER E 146 30.43 -28.32 -19.05
N THR E 147 30.75 -27.03 -19.00
CA THR E 147 32.13 -26.60 -18.86
C THR E 147 32.49 -26.17 -17.45
N ASN E 148 31.50 -25.80 -16.63
CA ASN E 148 31.72 -25.47 -15.23
C ASN E 148 31.07 -26.53 -14.37
N LYS E 149 31.77 -26.97 -13.32
CA LYS E 149 31.29 -28.08 -12.51
C LYS E 149 30.01 -27.73 -11.78
N ASN E 150 29.93 -26.51 -11.23
CA ASN E 150 28.80 -26.14 -10.38
C ASN E 150 27.93 -25.04 -10.97
N ALA E 151 28.37 -24.35 -12.01
CA ALA E 151 27.58 -23.24 -12.54
C ALA E 151 26.34 -23.73 -13.28
N GLU E 152 26.48 -24.81 -14.05
CA GLU E 152 25.37 -25.36 -14.84
C GLU E 152 25.46 -26.88 -14.83
N LEU E 153 24.34 -27.55 -14.56
CA LEU E 153 24.37 -29.01 -14.47
C LEU E 153 24.51 -29.65 -15.84
N PHE E 154 23.75 -29.16 -16.82
CA PHE E 154 23.67 -29.77 -18.14
C PHE E 154 23.39 -28.68 -19.16
N LYS E 155 24.18 -28.64 -20.23
CA LYS E 155 23.99 -27.60 -21.23
C LYS E 155 22.67 -27.77 -21.95
N VAL E 156 21.89 -26.70 -22.01
CA VAL E 156 20.63 -26.74 -22.71
C VAL E 156 20.69 -25.77 -23.87
N ALA E 157 19.99 -26.10 -24.95
CA ALA E 157 19.99 -25.26 -26.13
C ALA E 157 19.10 -24.06 -25.93
N ASP E 158 19.15 -23.13 -26.90
CA ASP E 158 18.37 -21.90 -26.81
C ASP E 158 16.90 -22.17 -27.08
N SER E 159 16.60 -23.11 -27.98
CA SER E 159 15.22 -23.37 -28.36
C SER E 159 14.80 -24.83 -28.15
N ASP E 160 15.69 -25.69 -27.64
CA ASP E 160 15.30 -27.08 -27.41
C ASP E 160 14.29 -27.18 -26.26
N ILE E 161 14.41 -26.30 -25.29
CA ILE E 161 13.45 -26.27 -24.17
C ILE E 161 12.08 -25.83 -24.70
N PRO E 162 11.04 -26.60 -24.50
CA PRO E 162 9.70 -26.17 -24.96
C PRO E 162 9.20 -25.05 -24.08
N SER E 163 9.19 -23.84 -24.62
CA SER E 163 8.60 -22.69 -23.94
C SER E 163 7.34 -22.22 -24.61
N ALA E 164 7.13 -22.59 -25.88
CA ALA E 164 5.92 -22.18 -26.57
C ALA E 164 4.89 -23.29 -26.61
N GLU E 165 5.27 -24.50 -26.17
CA GLU E 165 4.36 -25.64 -26.28
C GLU E 165 3.54 -25.82 -25.00
N VAL E 166 4.05 -25.35 -23.87
CA VAL E 166 3.30 -25.42 -22.62
C VAL E 166 2.09 -24.49 -22.73
N LYS E 167 0.89 -25.02 -22.45
CA LYS E 167 -0.33 -24.29 -22.74
C LYS E 167 -1.37 -24.32 -21.61
N ALA E 168 -1.20 -25.15 -20.60
CA ALA E 168 -2.21 -25.25 -19.56
C ALA E 168 -1.56 -25.54 -18.21
N TYR E 169 -2.14 -24.95 -17.17
CA TYR E 169 -1.54 -24.98 -15.83
C TYR E 169 -2.56 -25.52 -14.85
N TYR E 170 -2.11 -26.37 -13.92
CA TYR E 170 -2.93 -26.85 -12.82
C TYR E 170 -2.66 -26.03 -11.58
N VAL E 171 -3.71 -25.51 -10.95
CA VAL E 171 -3.57 -24.73 -9.73
C VAL E 171 -4.45 -25.36 -8.66
N LYS E 172 -3.86 -25.62 -7.50
CA LYS E 172 -4.53 -26.29 -6.39
C LYS E 172 -4.74 -25.30 -5.25
N GLU E 173 -5.99 -24.99 -4.94
CA GLU E 173 -6.31 -23.92 -4.02
C GLU E 173 -7.28 -24.39 -2.94
N GLU E 174 -7.38 -23.61 -1.87
CA GLU E 174 -8.33 -23.91 -0.80
C GLU E 174 -9.01 -22.63 -0.37
N TRP E 175 -10.28 -22.74 0.02
CA TRP E 175 -11.04 -21.62 0.56
C TRP E 175 -11.22 -21.86 2.05
N TYR E 176 -10.85 -20.89 2.87
CA TYR E 176 -10.87 -21.11 4.31
C TYR E 176 -11.52 -19.93 5.02
N PHE E 177 -12.03 -20.20 6.22
CA PHE E 177 -12.74 -19.24 7.03
C PHE E 177 -11.84 -18.80 8.18
N THR E 178 -11.45 -17.52 8.12
CA THR E 178 -10.61 -16.94 9.15
C THR E 178 -11.37 -16.93 10.49
N PRO E 179 -10.76 -17.46 11.58
CA PRO E 179 -11.54 -17.43 12.82
C PRO E 179 -11.56 -16.06 13.48
N THR E 180 -10.42 -15.37 13.51
CA THR E 180 -10.31 -14.14 14.29
C THR E 180 -10.99 -12.96 13.59
N ASN E 181 -11.17 -13.05 12.28
CA ASN E 181 -11.72 -11.93 11.52
C ASN E 181 -13.03 -12.28 10.80
N SER E 182 -13.33 -13.56 10.65
CA SER E 182 -14.56 -14.03 10.01
C SER E 182 -14.78 -13.39 8.64
N ASP E 183 -13.86 -13.69 7.71
CA ASP E 183 -13.98 -13.37 6.30
C ASP E 183 -13.38 -14.51 5.51
N VAL E 184 -13.84 -14.71 4.28
CA VAL E 184 -13.32 -15.79 3.44
C VAL E 184 -12.08 -15.31 2.70
N ASP E 185 -11.20 -16.25 2.35
CA ASP E 185 -9.94 -15.94 1.70
C ASP E 185 -9.44 -17.19 0.97
N ILE E 186 -8.47 -16.99 0.07
CA ILE E 186 -7.95 -18.06 -0.78
C ILE E 186 -6.46 -18.17 -0.59
N LYS E 187 -5.94 -19.39 -0.67
CA LYS E 187 -4.51 -19.66 -0.58
C LYS E 187 -4.12 -20.67 -1.64
N ILE E 188 -2.93 -20.50 -2.20
CA ILE E 188 -2.43 -21.38 -3.26
C ILE E 188 -1.38 -22.32 -2.67
N GLN E 189 -1.44 -23.59 -3.06
CA GLN E 189 -0.49 -24.59 -2.59
C GLN E 189 0.49 -25.04 -3.66
N ALA E 190 0.01 -25.37 -4.85
CA ALA E 190 0.87 -26.04 -5.82
C ALA E 190 0.52 -25.61 -7.24
N ILE E 191 1.46 -25.87 -8.16
CA ILE E 191 1.34 -25.51 -9.55
C ILE E 191 2.04 -26.56 -10.40
N CYS E 192 1.36 -27.09 -11.40
CA CYS E 192 1.96 -28.09 -12.28
C CYS E 192 1.70 -27.75 -13.74
N PRO E 193 2.75 -27.81 -14.58
CA PRO E 193 2.58 -27.45 -15.98
C PRO E 193 2.42 -28.67 -16.87
N ILE E 194 1.49 -28.62 -17.81
CA ILE E 194 1.31 -29.72 -18.75
C ILE E 194 1.60 -29.25 -20.16
N MET E 195 2.02 -30.16 -21.03
CA MET E 195 2.39 -29.76 -22.38
C MET E 195 1.68 -30.60 -23.43
N THR E 196 1.79 -30.20 -24.70
CA THR E 196 1.17 -30.96 -25.78
C THR E 196 2.20 -31.42 -26.82
N GLY E 197 2.01 -32.61 -27.38
CA GLY E 197 2.94 -33.16 -28.34
C GLY E 197 2.22 -33.82 -29.50
N GLN E 198 2.96 -33.99 -30.59
CA GLN E 198 2.42 -34.60 -31.81
C GLN E 198 2.56 -36.11 -31.72
N ASP E 199 1.68 -36.82 -32.44
CA ASP E 199 1.53 -38.28 -32.35
C ASP E 199 1.10 -38.76 -33.73
N GLU E 200 1.30 -40.04 -34.02
CA GLU E 200 1.07 -40.57 -35.37
C GLU E 200 -0.40 -40.45 -35.77
N PHE E 201 -1.32 -40.76 -34.85
CA PHE E 201 -2.75 -40.65 -35.14
C PHE E 201 -3.26 -39.24 -34.98
N GLY E 202 -2.37 -38.27 -34.78
CA GLY E 202 -2.80 -36.93 -34.50
C GLY E 202 -3.63 -36.83 -33.25
N GLU E 203 -3.25 -37.57 -32.20
CA GLU E 203 -3.93 -37.51 -30.90
C GLU E 203 -3.29 -36.38 -30.10
N VAL E 204 -4.05 -35.31 -29.89
CA VAL E 204 -3.58 -34.22 -29.05
C VAL E 204 -3.48 -34.72 -27.63
N ARG E 205 -2.25 -34.97 -27.17
CA ARG E 205 -2.01 -35.60 -25.89
C ARG E 205 -1.71 -34.52 -24.86
N ASN E 206 -2.19 -34.71 -23.64
CA ASN E 206 -1.88 -33.75 -22.59
C ASN E 206 -1.15 -34.50 -21.49
N GLN E 207 0.11 -34.14 -21.25
CA GLN E 207 0.89 -34.85 -20.25
C GLN E 207 1.46 -33.90 -19.22
N PRO E 208 1.27 -34.22 -17.94
CA PRO E 208 1.85 -33.40 -16.88
C PRO E 208 3.35 -33.61 -16.78
N LEU E 209 4.06 -32.68 -16.15
CA LEU E 209 5.51 -32.80 -16.05
C LEU E 209 5.97 -33.02 -14.61
N PHE E 210 5.54 -32.15 -13.70
CA PHE E 210 5.94 -32.27 -12.30
C PHE E 210 5.20 -31.31 -11.40
N TRP E 211 5.08 -31.65 -10.11
CA TRP E 211 4.42 -30.76 -9.16
C TRP E 211 5.42 -29.73 -8.64
N ILE E 212 4.90 -28.71 -7.97
CA ILE E 212 5.72 -27.65 -7.41
C ILE E 212 5.11 -27.19 -6.08
N PRO E 213 5.89 -27.03 -5.02
CA PRO E 213 5.38 -26.36 -3.82
C PRO E 213 5.45 -24.85 -3.96
N TYR E 214 4.44 -24.17 -3.44
CA TYR E 214 4.37 -22.71 -3.57
C TYR E 214 5.47 -22.01 -2.80
N GLU E 215 5.77 -22.49 -1.61
CA GLU E 215 6.78 -21.81 -0.79
C GLU E 215 8.16 -21.78 -1.43
N ASN E 216 8.56 -22.87 -2.08
CA ASN E 216 9.90 -22.96 -2.65
C ASN E 216 10.03 -21.91 -3.73
N ILE E 217 8.94 -21.63 -4.43
CA ILE E 217 9.00 -20.66 -5.52
C ILE E 217 8.75 -19.20 -5.12
N ARG E 218 8.13 -18.97 -3.96
CA ARG E 218 7.81 -17.62 -3.54
C ARG E 218 8.91 -16.56 -3.74
N PRO E 219 10.17 -16.89 -3.38
CA PRO E 219 11.19 -15.82 -3.46
C PRO E 219 11.80 -15.54 -4.84
N TYR E 220 11.81 -16.50 -5.75
CA TYR E 220 12.46 -16.34 -7.04
C TYR E 220 11.62 -15.49 -7.93
N ILE E 221 10.31 -15.67 -7.85
CA ILE E 221 9.40 -14.92 -8.72
C ILE E 221 8.93 -13.55 -8.21
N ALA E 222 9.24 -13.22 -6.96
CA ALA E 222 8.73 -11.97 -6.37
C ALA E 222 9.33 -10.63 -6.85
N ARG E 223 10.20 -10.66 -7.84
CA ARG E 223 10.85 -9.43 -8.29
C ARG E 223 10.87 -9.24 -9.81
N GLU E 224 10.52 -10.28 -10.57
CA GLU E 224 10.47 -10.13 -12.01
C GLU E 224 9.15 -9.50 -12.45
N ARG E 225 9.23 -8.55 -13.36
CA ARG E 225 8.11 -7.70 -13.72
C ARG E 225 7.55 -8.08 -15.09
N VAL E 226 6.22 -8.14 -15.19
CA VAL E 226 5.54 -8.36 -16.45
C VAL E 226 4.31 -7.47 -16.52
N MET E 227 3.83 -7.24 -17.74
CA MET E 227 2.67 -6.40 -17.98
C MET E 227 1.41 -7.04 -17.41
N LEU E 228 0.29 -6.32 -17.50
CA LEU E 228 -0.98 -6.78 -16.96
C LEU E 228 -2.14 -6.73 -17.94
N SER E 229 -1.92 -6.28 -19.18
CA SER E 229 -3.01 -6.16 -20.13
C SER E 229 -2.43 -6.19 -21.54
N SER E 230 -3.32 -6.33 -22.52
CA SER E 230 -2.94 -6.23 -23.92
C SER E 230 -3.04 -4.81 -24.47
N LEU E 231 -3.72 -3.90 -23.78
CA LEU E 231 -3.87 -2.53 -24.25
C LEU E 231 -3.11 -1.53 -23.39
N ASN E 232 -2.18 -2.01 -22.56
CA ASN E 232 -1.35 -1.13 -21.72
C ASN E 232 -0.12 -1.98 -21.49
N ASN E 233 1.07 -1.44 -21.70
CA ASN E 233 2.26 -2.28 -21.62
C ASN E 233 3.29 -1.78 -20.62
N THR E 234 2.89 -1.27 -19.45
CA THR E 234 3.87 -0.96 -18.42
C THR E 234 4.02 -2.15 -17.49
N ARG E 235 5.25 -2.41 -17.10
CA ARG E 235 5.52 -3.53 -16.22
C ARG E 235 5.26 -3.13 -14.79
N ASN E 236 4.00 -2.95 -14.44
CA ASN E 236 3.67 -2.50 -13.08
C ASN E 236 3.74 -3.64 -12.08
N SER E 237 3.20 -4.81 -12.42
CA SER E 237 2.96 -5.86 -11.44
C SER E 237 3.96 -7.01 -11.61
N THR E 238 4.04 -7.83 -10.58
CA THR E 238 4.90 -9.00 -10.57
C THR E 238 4.04 -10.26 -10.52
N ILE E 239 4.59 -11.35 -11.03
CA ILE E 239 3.85 -12.60 -11.14
C ILE E 239 3.36 -13.06 -9.79
N ASP E 240 4.10 -12.76 -8.72
CA ASP E 240 3.68 -13.13 -7.37
C ASP E 240 2.32 -12.54 -7.04
N ASP E 241 2.07 -11.31 -7.47
CA ASP E 241 0.80 -10.66 -7.17
C ASP E 241 -0.34 -11.12 -8.07
N PHE E 242 -0.01 -11.77 -9.18
CA PHE E 242 -1.06 -12.15 -10.12
C PHE E 242 -1.79 -13.41 -9.66
N PHE E 243 -1.11 -14.24 -8.85
CA PHE E 243 -1.81 -15.36 -8.23
C PHE E 243 -2.60 -14.92 -7.01
N ARG E 244 -2.07 -13.97 -6.24
CA ARG E 244 -2.68 -13.60 -4.98
C ARG E 244 -4.05 -12.96 -5.17
N LEU E 245 -4.21 -12.11 -6.18
CA LEU E 245 -5.45 -11.37 -6.38
C LEU E 245 -6.51 -12.17 -7.09
N ASN E 246 -6.25 -13.42 -7.45
CA ASN E 246 -7.22 -14.31 -8.09
C ASN E 246 -7.74 -13.70 -9.40
N LEU E 247 -6.83 -13.57 -10.37
CA LEU E 247 -7.18 -13.04 -11.67
C LEU E 247 -7.18 -14.07 -12.79
N TYR E 248 -6.96 -15.35 -12.48
CA TYR E 248 -7.04 -16.36 -13.53
C TYR E 248 -8.44 -16.97 -13.59
N LYS E 249 -8.77 -17.55 -14.75
CA LYS E 249 -10.07 -18.15 -15.00
C LYS E 249 -9.88 -19.59 -15.42
N GLY E 250 -10.87 -20.43 -15.18
CA GLY E 250 -10.73 -21.81 -15.60
C GLY E 250 -11.96 -22.64 -15.30
N ASP E 251 -11.83 -23.94 -15.59
CA ASP E 251 -12.88 -24.91 -15.42
C ASP E 251 -12.51 -25.87 -14.29
N ILE E 252 -13.45 -26.09 -13.38
CA ILE E 252 -13.19 -26.90 -12.19
C ILE E 252 -13.04 -28.35 -12.63
N VAL E 253 -11.93 -28.99 -12.25
CA VAL E 253 -11.65 -30.33 -12.74
C VAL E 253 -11.97 -31.37 -11.68
N LYS E 254 -11.54 -31.15 -10.43
CA LYS E 254 -11.74 -32.14 -9.40
C LYS E 254 -12.03 -31.45 -8.07
N THR E 255 -12.79 -32.15 -7.22
CA THR E 255 -13.04 -31.70 -5.86
C THR E 255 -12.87 -32.89 -4.92
N GLU E 256 -12.47 -32.56 -3.68
CA GLU E 256 -12.23 -33.60 -2.68
C GLU E 256 -13.50 -34.27 -2.24
N ASN E 257 -13.80 -35.40 -2.86
CA ASN E 257 -14.98 -36.17 -2.49
C ASN E 257 -14.55 -37.44 -1.79
N LEU E 258 -15.41 -37.92 -0.89
CA LEU E 258 -15.04 -39.05 -0.04
C LEU E 258 -14.86 -40.32 -0.84
N HIS E 259 -15.48 -40.42 -2.02
CA HIS E 259 -15.23 -41.57 -2.87
C HIS E 259 -13.95 -41.44 -3.68
N ASN E 260 -13.33 -40.26 -3.65
CA ASN E 260 -12.08 -40.03 -4.38
C ASN E 260 -12.22 -40.40 -5.84
N ARG E 261 -12.98 -39.61 -6.59
CA ARG E 261 -13.12 -39.85 -8.00
C ARG E 261 -12.91 -38.55 -8.72
N ALA E 262 -12.42 -38.59 -9.95
CA ALA E 262 -12.27 -37.36 -10.71
C ALA E 262 -13.54 -37.06 -11.50
N LEU E 263 -13.73 -35.80 -11.85
CA LEU E 263 -14.96 -35.41 -12.55
C LEU E 263 -15.19 -36.20 -13.82
N ALA E 264 -14.15 -36.37 -14.63
CA ALA E 264 -14.35 -37.02 -15.91
C ALA E 264 -15.05 -38.35 -15.78
N GLU E 265 -14.64 -39.15 -14.82
CA GLU E 265 -15.21 -40.48 -14.70
C GLU E 265 -16.74 -40.45 -14.64
N TYR E 266 -17.33 -39.45 -14.00
CA TYR E 266 -18.80 -39.36 -14.03
C TYR E 266 -19.31 -38.46 -15.17
N CYS E 267 -18.40 -37.95 -15.99
CA CYS E 267 -18.82 -37.10 -17.12
C CYS E 267 -18.57 -37.79 -18.48
N PRO E 268 -19.62 -37.88 -19.31
CA PRO E 268 -19.47 -38.56 -20.60
C PRO E 268 -18.73 -37.81 -21.70
N THR E 269 -19.12 -36.58 -22.01
CA THR E 269 -18.50 -35.88 -23.14
C THR E 269 -17.98 -34.49 -22.79
N PRO E 270 -17.06 -33.97 -23.61
CA PRO E 270 -16.68 -32.59 -23.29
C PRO E 270 -17.85 -31.64 -23.21
N ASP E 271 -18.94 -31.92 -23.93
CA ASP E 271 -20.13 -31.09 -23.82
C ASP E 271 -20.73 -31.22 -22.42
N SER E 272 -20.93 -32.45 -21.94
CA SER E 272 -21.60 -32.64 -20.66
C SER E 272 -20.69 -32.26 -19.49
N MET E 273 -19.37 -32.35 -19.67
CA MET E 273 -18.47 -32.02 -18.58
C MET E 273 -18.60 -30.56 -18.17
N LYS E 274 -18.66 -29.65 -19.15
CA LYS E 274 -18.68 -28.23 -18.83
C LYS E 274 -19.93 -27.84 -18.05
N MET E 275 -21.02 -28.60 -18.21
CA MET E 275 -22.26 -28.26 -17.50
C MET E 275 -22.10 -28.40 -15.99
N GLU E 276 -21.26 -29.33 -15.53
CA GLU E 276 -21.15 -29.58 -14.10
C GLU E 276 -20.51 -28.39 -13.37
N SER E 277 -19.60 -27.68 -14.04
CA SER E 277 -18.86 -26.63 -13.34
C SER E 277 -19.75 -25.49 -12.87
N LYS E 278 -20.77 -25.15 -13.65
CA LYS E 278 -21.60 -24.00 -13.32
C LYS E 278 -22.32 -24.19 -11.98
N ARG E 279 -22.81 -25.40 -11.72
CA ARG E 279 -23.53 -25.62 -10.47
C ARG E 279 -22.58 -25.59 -9.27
N ILE E 280 -21.36 -26.12 -9.43
CA ILE E 280 -20.40 -26.08 -8.33
C ILE E 280 -20.09 -24.64 -7.95
N ASP E 281 -19.87 -23.78 -8.94
CA ASP E 281 -19.60 -22.38 -8.64
C ASP E 281 -20.79 -21.70 -7.99
N LYS E 282 -21.98 -22.28 -8.13
CA LYS E 282 -23.14 -21.73 -7.43
C LYS E 282 -23.11 -22.09 -5.95
N GLU E 283 -22.50 -23.23 -5.60
CA GLU E 283 -22.44 -23.63 -4.20
C GLU E 283 -21.47 -22.74 -3.42
N LEU E 284 -20.27 -22.52 -3.96
CA LEU E 284 -19.32 -21.66 -3.27
C LEU E 284 -19.82 -20.23 -3.17
N GLN E 285 -20.42 -19.71 -4.25
CA GLN E 285 -20.92 -18.34 -4.21
C GLN E 285 -22.21 -18.22 -3.39
N GLY E 286 -23.01 -19.28 -3.36
CA GLY E 286 -24.21 -19.24 -2.54
C GLY E 286 -23.89 -19.21 -1.06
N PHE E 287 -22.69 -19.68 -0.68
CA PHE E 287 -22.29 -19.64 0.71
C PHE E 287 -22.04 -18.21 1.15
N ARG E 288 -21.27 -17.45 0.36
CA ARG E 288 -20.84 -16.13 0.80
C ARG E 288 -22.01 -15.18 0.94
N ASP E 289 -23.05 -15.37 0.11
CA ASP E 289 -24.23 -14.54 0.26
C ASP E 289 -25.03 -14.94 1.50
N GLY E 290 -25.14 -16.23 1.78
CA GLY E 290 -26.02 -16.68 2.85
C GLY E 290 -25.45 -16.46 4.23
N LEU E 291 -24.13 -16.35 4.34
CA LEU E 291 -23.51 -16.21 5.65
C LEU E 291 -23.84 -14.86 6.29
N PHE E 292 -23.85 -13.81 5.50
CA PHE E 292 -24.16 -12.48 6.02
C PHE E 292 -25.59 -12.05 5.72
N VAL E 293 -26.22 -11.37 6.66
CA VAL E 293 -27.58 -10.87 6.44
C VAL E 293 -27.52 -9.35 6.43
N THR E 294 -27.49 -8.75 5.25
CA THR E 294 -27.34 -7.30 5.17
C THR E 294 -28.69 -6.60 5.08
N GLN E 295 -29.51 -6.99 4.10
CA GLN E 295 -30.81 -6.37 3.92
C GLN E 295 -31.77 -7.34 3.28
N ASP E 296 -32.96 -7.48 3.85
CA ASP E 296 -34.05 -8.26 3.27
C ASP E 296 -35.26 -7.36 3.13
N THR E 297 -36.13 -7.67 2.18
CA THR E 297 -37.34 -6.88 1.98
C THR E 297 -38.37 -7.13 3.08
N THR E 298 -38.15 -8.12 3.93
CA THR E 298 -39.17 -8.49 4.92
C THR E 298 -39.31 -7.46 6.02
N TRP E 299 -38.20 -6.95 6.54
CA TRP E 299 -38.28 -6.04 7.68
C TRP E 299 -38.91 -4.70 7.36
N MET E 300 -38.68 -4.18 6.16
CA MET E 300 -39.17 -2.85 5.83
C MET E 300 -40.70 -2.80 5.87
N LYS E 301 -41.36 -3.72 5.17
CA LYS E 301 -42.81 -3.68 5.02
C LYS E 301 -43.53 -3.84 6.34
N GLN E 302 -43.36 -5.00 6.98
CA GLN E 302 -44.12 -5.41 8.16
C GLN E 302 -45.59 -5.00 8.10
N THR F 46 2.93 -42.60 25.35
CA THR F 46 3.32 -43.53 26.41
C THR F 46 2.17 -43.74 27.40
N THR F 47 2.52 -43.92 28.66
CA THR F 47 1.53 -44.17 29.69
C THR F 47 0.68 -42.93 29.94
N LEU F 48 -0.60 -43.14 30.20
CA LEU F 48 -1.49 -42.05 30.54
C LEU F 48 -1.27 -41.60 31.98
N SER F 49 -1.70 -40.38 32.29
CA SER F 49 -1.54 -39.87 33.64
C SER F 49 -2.59 -40.44 34.57
N ASN F 50 -2.40 -40.22 35.87
CA ASN F 50 -3.29 -40.79 36.86
C ASN F 50 -4.71 -40.28 36.69
N ARG F 51 -4.88 -38.97 36.50
CA ARG F 51 -6.22 -38.43 36.35
C ARG F 51 -6.80 -38.77 34.97
N ALA F 52 -5.95 -39.14 34.02
CA ALA F 52 -6.45 -39.63 32.75
C ALA F 52 -7.15 -40.97 32.92
N GLN F 53 -6.57 -41.87 33.71
CA GLN F 53 -7.19 -43.17 33.91
C GLN F 53 -8.48 -43.06 34.72
N GLU F 54 -8.61 -41.99 35.50
CA GLU F 54 -9.86 -41.77 36.22
C GLU F 54 -11.00 -41.46 35.26
N PHE F 55 -10.71 -40.68 34.21
CA PHE F 55 -11.76 -40.28 33.28
C PHE F 55 -12.32 -41.47 32.52
N ASN F 56 -11.45 -42.43 32.15
CA ASN F 56 -11.90 -43.55 31.33
C ASN F 56 -12.91 -44.42 32.06
N ARG F 57 -12.61 -44.79 33.30
CA ARG F 57 -13.50 -45.71 34.03
C ARG F 57 -14.86 -45.08 34.27
N ARG F 58 -14.94 -43.76 34.31
CA ARG F 58 -16.22 -43.11 34.57
C ARG F 58 -17.13 -43.18 33.34
N LEU F 59 -16.56 -43.20 32.14
CA LEU F 59 -17.34 -43.08 30.92
C LEU F 59 -17.78 -44.42 30.35
N THR F 60 -17.22 -45.53 30.82
CA THR F 60 -17.54 -46.85 30.30
C THR F 60 -18.97 -47.22 30.65
N GLN F 61 -19.68 -47.81 29.68
CA GLN F 61 -21.07 -48.17 29.86
C GLN F 61 -21.20 -49.57 30.43
N LYS F 62 -22.01 -49.70 31.48
CA LYS F 62 -22.21 -50.98 32.15
C LYS F 62 -23.65 -51.43 32.00
N THR F 63 -23.83 -52.69 31.62
CA THR F 63 -25.13 -53.28 31.35
C THR F 63 -25.40 -54.45 32.29
N ASP F 64 -24.97 -54.32 33.55
CA ASP F 64 -25.10 -55.43 34.49
C ASP F 64 -26.55 -55.81 34.73
N ASN F 65 -27.42 -54.81 34.88
CA ASN F 65 -28.85 -55.05 35.08
C ASN F 65 -29.64 -54.27 34.05
N ALA F 66 -30.67 -54.90 33.49
CA ALA F 66 -31.53 -54.24 32.53
C ALA F 66 -32.79 -55.06 32.39
N PRO F 67 -33.97 -54.45 32.43
CA PRO F 67 -35.22 -55.19 32.22
C PRO F 67 -35.72 -55.24 30.79
N TRP F 68 -34.92 -54.80 29.81
CA TRP F 68 -35.25 -54.96 28.40
C TRP F 68 -33.98 -54.79 27.58
N ARG F 69 -33.60 -55.82 26.84
CA ARG F 69 -32.36 -55.77 26.07
C ARG F 69 -32.54 -56.62 24.82
N ARG F 70 -32.23 -56.06 23.66
CA ARG F 70 -32.37 -56.77 22.40
C ARG F 70 -31.11 -56.59 21.57
N VAL F 71 -30.79 -57.60 20.75
CA VAL F 71 -29.57 -57.63 19.96
C VAL F 71 -29.94 -57.64 18.49
N VAL F 72 -29.29 -56.80 17.70
CA VAL F 72 -29.59 -56.63 16.29
C VAL F 72 -28.28 -56.59 15.50
N TYR F 73 -28.26 -57.23 14.34
CA TYR F 73 -27.11 -57.20 13.46
C TYR F 73 -27.44 -56.33 12.25
N ARG F 74 -26.49 -55.52 11.79
CA ARG F 74 -26.70 -54.62 10.66
C ARG F 74 -25.58 -54.77 9.64
N ARG F 75 -25.87 -54.39 8.41
CA ARG F 75 -24.92 -54.43 7.31
C ARG F 75 -24.72 -53.01 6.77
N VAL F 76 -23.58 -52.42 7.08
CA VAL F 76 -23.27 -51.04 6.73
C VAL F 76 -22.58 -51.06 5.38
N ASP F 77 -23.10 -50.28 4.43
CA ASP F 77 -22.60 -50.25 3.07
C ASP F 77 -21.71 -49.02 2.88
N LEU F 78 -20.53 -49.23 2.32
CA LEU F 78 -19.53 -48.16 2.22
C LEU F 78 -19.61 -47.37 0.92
N MET F 79 -20.48 -47.74 -0.01
CA MET F 79 -20.56 -47.00 -1.26
C MET F 79 -21.61 -45.89 -1.23
N GLU F 80 -22.33 -45.75 -0.11
CA GLU F 80 -23.26 -44.65 0.03
C GLU F 80 -22.49 -43.52 0.68
N GLU F 81 -22.85 -42.27 0.35
CA GLU F 81 -22.11 -41.13 0.87
C GLU F 81 -21.99 -41.12 2.37
N SER F 82 -23.06 -41.49 3.05
CA SER F 82 -23.09 -41.45 4.51
C SER F 82 -21.99 -42.29 5.14
N ASN F 83 -21.76 -43.49 4.62
CA ASN F 83 -20.79 -44.39 5.22
C ASN F 83 -19.43 -44.29 4.54
N ALA F 84 -19.29 -43.37 3.61
CA ALA F 84 -18.02 -43.20 2.91
C ALA F 84 -16.87 -42.88 3.87
N VAL F 85 -17.17 -42.39 5.07
CA VAL F 85 -16.11 -41.96 5.99
C VAL F 85 -14.94 -42.92 6.20
N LEU F 86 -15.22 -44.22 6.11
CA LEU F 86 -14.18 -45.22 6.34
C LEU F 86 -13.38 -45.51 5.09
N TYR F 87 -13.90 -45.10 3.94
CA TYR F 87 -13.22 -45.34 2.67
C TYR F 87 -12.78 -44.04 2.05
N TYR F 88 -11.98 -43.27 2.78
CA TYR F 88 -11.50 -42.00 2.23
C TYR F 88 -10.19 -42.18 1.48
N PRO F 89 -9.16 -42.80 2.01
CA PRO F 89 -7.97 -43.11 1.22
C PRO F 89 -8.08 -44.49 0.61
N PRO F 90 -8.19 -44.56 -0.73
CA PRO F 90 -8.23 -45.93 -1.27
C PRO F 90 -6.88 -46.61 -1.11
N ARG F 91 -5.84 -45.84 -0.78
CA ARG F 91 -4.52 -46.41 -0.65
C ARG F 91 -3.79 -45.62 0.38
N PRO F 92 -2.66 -46.14 0.85
CA PRO F 92 -1.91 -45.47 1.91
C PRO F 92 -1.15 -44.24 1.43
N ILE F 93 -1.56 -43.07 1.91
CA ILE F 93 -0.88 -41.84 1.53
C ILE F 93 -0.49 -41.05 2.79
N GLY F 94 0.81 -40.93 3.05
CA GLY F 94 1.27 -40.17 4.20
C GLY F 94 0.80 -40.78 5.50
N ASP F 95 0.11 -39.98 6.30
CA ASP F 95 -0.42 -40.44 7.57
C ASP F 95 -1.91 -40.78 7.52
N ARG F 96 -2.61 -40.22 6.55
CA ARG F 96 -4.00 -40.55 6.40
C ARG F 96 -4.12 -42.06 6.24
N LYS F 97 -4.93 -42.69 7.07
CA LYS F 97 -5.17 -44.11 6.91
C LYS F 97 -6.63 -44.42 7.19
N ASN F 98 -7.23 -45.27 6.36
CA ASN F 98 -8.60 -45.69 6.60
C ASN F 98 -8.63 -46.73 7.72
N LEU F 99 -9.82 -47.28 7.98
CA LEU F 99 -9.96 -48.21 9.08
C LEU F 99 -9.24 -49.53 8.82
N PHE F 100 -9.50 -50.15 7.68
CA PHE F 100 -8.89 -51.45 7.40
C PHE F 100 -7.38 -51.36 7.37
N SER F 101 -6.85 -50.23 6.90
CA SER F 101 -5.41 -50.05 6.88
C SER F 101 -4.84 -50.04 8.29
N THR F 102 -5.54 -49.42 9.24
CA THR F 102 -5.06 -49.42 10.62
C THR F 102 -5.17 -50.81 11.24
N ILE F 103 -6.25 -51.54 10.92
CA ILE F 103 -6.44 -52.86 11.51
C ILE F 103 -5.30 -53.79 11.11
N PHE F 104 -4.97 -53.85 9.81
CA PHE F 104 -3.85 -54.66 9.38
C PHE F 104 -2.55 -54.17 9.98
N GLY F 105 -2.47 -52.88 10.29
CA GLY F 105 -1.25 -52.34 10.89
C GLY F 105 -1.00 -52.88 12.29
N LEU F 106 -2.05 -52.93 13.11
CA LEU F 106 -1.87 -53.38 14.49
C LEU F 106 -1.46 -54.85 14.55
N ILE F 107 -2.09 -55.70 13.74
CA ILE F 107 -1.88 -57.14 13.87
C ILE F 107 -0.50 -57.55 13.40
N ASN F 108 0.15 -56.76 12.54
CA ASN F 108 1.52 -57.06 12.16
C ASN F 108 2.47 -56.89 13.34
N SER F 109 2.09 -56.09 14.34
CA SER F 109 2.95 -55.90 15.50
C SER F 109 2.64 -56.86 16.63
N ASN F 110 1.69 -57.77 16.45
CA ASN F 110 1.26 -58.72 17.49
C ASN F 110 0.87 -58.00 18.77
N SER F 111 0.15 -56.88 18.64
CA SER F 111 -0.41 -56.16 19.76
C SER F 111 -1.93 -56.16 19.74
N LEU F 112 -2.53 -57.11 19.02
CA LEU F 112 -3.99 -57.14 18.89
C LEU F 112 -4.51 -58.55 18.65
N ASP F 113 -5.77 -58.81 18.99
CA ASP F 113 -6.33 -60.15 18.84
C ASP F 113 -7.64 -60.20 18.07
N VAL F 114 -7.78 -61.18 17.18
CA VAL F 114 -9.00 -61.36 16.41
C VAL F 114 -9.31 -62.84 16.33
N TYR F 115 -10.53 -63.15 15.88
CA TYR F 115 -11.01 -64.53 15.87
C TYR F 115 -11.67 -64.85 14.54
N GLU F 116 -11.64 -66.13 14.18
CA GLU F 116 -12.19 -66.60 12.92
C GLU F 116 -13.69 -66.58 12.97
N TYR F 117 -14.31 -66.60 11.78
CA TYR F 117 -15.76 -66.57 11.68
C TYR F 117 -16.37 -67.87 11.21
N LEU F 118 -16.84 -68.68 12.13
CA LEU F 118 -17.56 -69.90 11.83
C LEU F 118 -19.04 -69.56 11.66
N ASP F 119 -19.65 -70.15 10.64
CA ASP F 119 -21.03 -69.81 10.32
C ASP F 119 -21.96 -70.11 11.49
N GLY F 120 -22.85 -69.17 11.76
CA GLY F 120 -23.86 -69.34 12.78
C GLY F 120 -23.50 -68.84 14.17
N PHE F 121 -22.63 -69.54 14.88
CA PHE F 121 -22.31 -69.20 16.25
C PHE F 121 -21.00 -68.43 16.30
N GLU F 122 -20.86 -67.57 17.29
CA GLU F 122 -19.68 -66.74 17.47
C GLU F 122 -19.35 -66.65 18.95
N ALA F 123 -18.11 -66.97 19.29
CA ALA F 123 -17.65 -66.88 20.68
C ALA F 123 -16.14 -66.69 20.65
N PHE F 124 -15.66 -65.86 21.57
CA PHE F 124 -14.27 -65.42 21.58
C PHE F 124 -13.55 -66.15 22.70
N THR F 125 -12.96 -67.29 22.37
CA THR F 125 -12.19 -68.10 23.32
C THR F 125 -10.76 -68.27 22.79
N ASP F 126 -9.95 -68.95 23.60
CA ASP F 126 -8.56 -69.16 23.21
C ASP F 126 -8.45 -70.04 21.97
N GLN F 127 -9.37 -71.00 21.82
CA GLN F 127 -9.24 -71.97 20.74
C GLN F 127 -9.42 -71.31 19.37
N TYR F 128 -10.42 -70.46 19.23
CA TYR F 128 -10.71 -69.84 17.93
C TYR F 128 -9.76 -68.73 17.55
N LYS F 129 -8.66 -68.48 18.23
CA LYS F 129 -7.76 -67.41 17.81
C LYS F 129 -7.15 -67.77 16.45
N ILE F 130 -6.87 -66.76 15.65
CA ILE F 130 -6.47 -66.97 14.27
C ILE F 130 -4.96 -66.76 14.13
N LYS F 131 -4.30 -67.78 13.57
CA LYS F 131 -2.88 -67.73 13.29
C LYS F 131 -2.66 -66.99 11.98
N PHE F 132 -1.58 -66.22 11.91
CA PHE F 132 -1.37 -65.35 10.76
C PHE F 132 -1.17 -66.14 9.48
N GLN F 133 -0.41 -67.24 9.54
CA GLN F 133 -0.01 -67.93 8.31
C GLN F 133 -1.20 -68.52 7.58
N GLU F 134 -2.14 -69.13 8.31
CA GLU F 134 -3.33 -69.65 7.64
C GLU F 134 -4.13 -68.53 7.02
N PHE F 135 -4.22 -67.39 7.71
CA PHE F 135 -4.97 -66.25 7.18
C PHE F 135 -4.33 -65.70 5.92
N LEU F 136 -3.02 -65.53 5.93
CA LEU F 136 -2.35 -64.90 4.79
C LEU F 136 -2.47 -65.75 3.53
N ASP F 137 -2.30 -67.06 3.68
CA ASP F 137 -2.24 -67.93 2.50
C ASP F 137 -3.59 -68.00 1.81
N ARG F 138 -4.67 -68.09 2.56
CA ARG F 138 -5.98 -68.30 1.95
C ARG F 138 -6.45 -67.20 1.00
N PHE F 139 -6.10 -65.96 1.27
CA PHE F 139 -6.62 -64.85 0.48
C PHE F 139 -5.69 -64.43 -0.65
N GLY F 140 -4.47 -64.94 -0.67
CA GLY F 140 -3.58 -64.64 -1.78
C GLY F 140 -2.84 -63.32 -1.77
N ILE F 141 -1.88 -63.16 -0.86
CA ILE F 141 -1.00 -61.99 -0.83
C ILE F 141 0.44 -62.48 -0.71
N TYR F 142 1.32 -61.89 -1.52
CA TYR F 142 2.73 -62.22 -1.46
C TYR F 142 3.33 -61.76 -0.14
N TYR F 143 4.20 -62.57 0.45
CA TYR F 143 4.84 -62.24 1.72
C TYR F 143 6.28 -62.73 1.75
N GLN F 144 7.13 -62.03 2.48
CA GLN F 144 8.54 -62.38 2.61
C GLN F 144 8.98 -62.19 4.06
N PRO F 145 9.90 -63.02 4.55
CA PRO F 145 10.44 -62.80 5.89
C PRO F 145 11.11 -61.43 6.01
N SER F 146 11.00 -60.84 7.20
CA SER F 146 11.38 -59.45 7.37
C SER F 146 12.84 -59.33 7.82
N THR F 147 13.25 -58.07 8.07
CA THR F 147 14.62 -57.77 8.43
C THR F 147 14.80 -57.55 9.92
N ASN F 148 13.74 -57.19 10.64
CA ASN F 148 13.80 -57.04 12.09
C ASN F 148 12.96 -58.14 12.73
N LYS F 149 13.50 -58.74 13.80
CA LYS F 149 12.84 -59.90 14.38
C LYS F 149 11.50 -59.52 15.00
N ASN F 150 11.43 -58.38 15.68
CA ASN F 150 10.23 -58.02 16.41
C ASN F 150 9.51 -56.79 15.87
N ALA F 151 10.13 -56.02 14.98
CA ALA F 151 9.49 -54.80 14.49
C ALA F 151 8.33 -55.11 13.56
N GLU F 152 8.50 -56.10 12.67
CA GLU F 152 7.47 -56.46 11.71
C GLU F 152 7.47 -57.98 11.53
N LEU F 153 6.28 -58.58 11.57
CA LEU F 153 6.19 -60.04 11.49
C LEU F 153 6.48 -60.52 10.08
N PHE F 154 5.89 -59.87 9.08
CA PHE F 154 5.95 -60.31 7.70
C PHE F 154 5.87 -59.10 6.79
N LYS F 155 6.80 -59.01 5.84
CA LYS F 155 6.81 -57.84 4.96
C LYS F 155 5.59 -57.82 4.06
N VAL F 156 4.91 -56.70 4.05
CA VAL F 156 3.74 -56.56 3.19
C VAL F 156 4.02 -55.47 2.17
N ALA F 157 3.45 -55.62 0.98
CA ALA F 157 3.67 -54.65 -0.09
C ALA F 157 2.83 -53.40 0.16
N ASP F 158 3.07 -52.39 -0.68
CA ASP F 158 2.37 -51.12 -0.54
C ASP F 158 0.93 -51.23 -1.02
N SER F 159 0.70 -52.03 -2.06
CA SER F 159 -0.63 -52.14 -2.63
C SER F 159 -1.17 -53.58 -2.66
N ASP F 160 -0.42 -54.56 -2.15
CA ASP F 160 -0.92 -55.93 -2.14
C ASP F 160 -2.08 -56.08 -1.16
N ILE F 161 -2.05 -55.32 -0.07
CA ILE F 161 -3.13 -55.34 0.91
C ILE F 161 -4.39 -54.74 0.28
N PRO F 162 -5.50 -55.44 0.24
CA PRO F 162 -6.72 -54.86 -0.32
C PRO F 162 -7.27 -53.80 0.62
N SER F 163 -7.13 -52.54 0.24
CA SER F 163 -7.73 -51.44 0.99
C SER F 163 -8.86 -50.80 0.21
N ALA F 164 -8.91 -51.00 -1.11
CA ALA F 164 -9.99 -50.42 -1.89
C ALA F 164 -11.08 -51.44 -2.19
N GLU F 165 -10.83 -52.71 -1.86
CA GLU F 165 -11.81 -53.74 -2.21
C GLU F 165 -12.79 -54.01 -1.09
N VAL F 166 -12.41 -53.70 0.16
CA VAL F 166 -13.33 -53.87 1.28
C VAL F 166 -14.44 -52.84 1.14
N LYS F 167 -15.70 -53.29 1.19
CA LYS F 167 -16.83 -52.44 0.85
C LYS F 167 -17.99 -52.51 1.83
N ALA F 168 -18.02 -53.47 2.75
CA ALA F 168 -19.17 -53.59 3.64
C ALA F 168 -18.72 -54.10 5.00
N TYR F 169 -19.39 -53.59 6.04
CA TYR F 169 -18.98 -53.81 7.41
C TYR F 169 -20.16 -54.37 8.19
N TYR F 170 -19.89 -55.36 9.06
CA TYR F 170 -20.88 -55.89 9.97
C TYR F 170 -20.72 -55.24 11.34
N VAL F 171 -21.81 -54.71 11.89
CA VAL F 171 -21.80 -54.08 13.20
C VAL F 171 -22.84 -54.76 14.07
N LYS F 172 -22.43 -55.20 15.25
CA LYS F 172 -23.28 -55.94 16.18
C LYS F 172 -23.58 -55.07 17.40
N GLU F 173 -24.83 -54.70 17.58
CA GLU F 173 -25.20 -53.71 18.59
C GLU F 173 -26.34 -54.22 19.46
N GLU F 174 -26.53 -53.57 20.61
CA GLU F 174 -27.63 -53.90 21.50
C GLU F 174 -28.28 -52.63 22.01
N TRP F 175 -29.59 -52.69 22.21
CA TRP F 175 -30.34 -51.58 22.78
C TRP F 175 -30.74 -51.97 24.20
N TYR F 176 -30.41 -51.13 25.17
CA TYR F 176 -30.65 -51.52 26.56
C TYR F 176 -31.30 -50.37 27.32
N PHE F 177 -31.97 -50.73 28.41
CA PHE F 177 -32.73 -49.82 29.24
C PHE F 177 -31.97 -49.57 30.54
N THR F 178 -31.49 -48.34 30.68
CA THR F 178 -30.76 -47.94 31.87
C THR F 178 -31.69 -48.03 33.10
N PRO F 179 -31.26 -48.74 34.18
CA PRO F 179 -32.20 -48.78 35.31
C PRO F 179 -32.22 -47.49 36.13
N THR F 180 -31.05 -46.91 36.38
CA THR F 180 -30.96 -45.78 37.31
C THR F 180 -31.46 -44.49 36.69
N ASN F 181 -31.47 -44.40 35.36
CA ASN F 181 -31.84 -43.17 34.67
C ASN F 181 -33.06 -43.33 33.78
N SER F 182 -33.43 -44.56 33.42
CA SER F 182 -34.59 -44.85 32.58
C SER F 182 -34.58 -44.04 31.29
N ASP F 183 -33.57 -44.31 30.45
CA ASP F 183 -33.49 -43.82 29.09
C ASP F 183 -32.85 -44.91 28.25
N VAL F 184 -33.16 -44.92 26.94
CA VAL F 184 -32.60 -45.94 26.06
C VAL F 184 -31.24 -45.49 25.53
N ASP F 185 -30.39 -46.45 25.19
CA ASP F 185 -29.04 -46.17 24.74
C ASP F 185 -28.53 -47.36 23.93
N ILE F 186 -27.44 -47.15 23.20
CA ILE F 186 -26.89 -48.14 22.29
C ILE F 186 -25.43 -48.39 22.65
N LYS F 187 -24.99 -49.64 22.48
CA LYS F 187 -23.61 -50.04 22.72
C LYS F 187 -23.14 -50.95 21.60
N ILE F 188 -21.88 -50.81 21.21
CA ILE F 188 -21.30 -51.59 20.13
C ILE F 188 -20.40 -52.68 20.73
N GLN F 189 -20.51 -53.88 20.18
CA GLN F 189 -19.68 -55.01 20.63
C GLN F 189 -18.60 -55.41 19.65
N ALA F 190 -18.93 -55.56 18.37
CA ALA F 190 -17.99 -56.19 17.45
C ALA F 190 -18.13 -55.58 16.06
N ILE F 191 -17.10 -55.80 15.25
CA ILE F 191 -17.01 -55.27 13.89
C ILE F 191 -16.27 -56.28 13.02
N CYS F 192 -16.84 -56.63 11.88
CA CYS F 192 -16.20 -57.57 10.96
C CYS F 192 -16.24 -57.05 9.54
N PRO F 193 -15.09 -57.09 8.84
CA PRO F 193 -15.06 -56.56 7.48
C PRO F 193 -15.16 -57.67 6.42
N ILE F 194 -15.96 -57.43 5.39
CA ILE F 194 -16.09 -58.40 4.32
C ILE F 194 -15.59 -57.81 3.03
N MET F 195 -15.11 -58.63 2.12
CA MET F 195 -14.54 -58.12 0.87
C MET F 195 -15.15 -58.78 -0.36
N THR F 196 -14.84 -58.25 -1.54
CA THR F 196 -15.36 -58.82 -2.78
C THR F 196 -14.24 -59.25 -3.73
N GLY F 197 -14.44 -60.34 -4.45
CA GLY F 197 -13.42 -60.85 -5.35
C GLY F 197 -14.02 -61.31 -6.67
N GLN F 198 -13.15 -61.41 -7.66
CA GLN F 198 -13.55 -61.83 -9.01
C GLN F 198 -13.53 -63.36 -9.09
N ASP F 199 -14.35 -63.91 -9.99
CA ASP F 199 -14.61 -65.35 -10.09
C ASP F 199 -14.88 -65.63 -11.56
N GLU F 200 -14.72 -66.89 -11.98
CA GLU F 200 -14.81 -67.25 -13.41
C GLU F 200 -16.20 -66.96 -13.98
N PHE F 201 -17.26 -67.30 -13.23
CA PHE F 201 -18.62 -67.04 -13.68
C PHE F 201 -19.06 -65.61 -13.39
N GLY F 202 -18.14 -64.75 -12.98
CA GLY F 202 -18.53 -63.42 -12.59
C GLY F 202 -19.50 -63.40 -11.44
N GLU F 203 -19.31 -64.29 -10.46
CA GLU F 203 -20.15 -64.32 -9.26
C GLU F 203 -19.55 -63.34 -8.26
N VAL F 204 -20.27 -62.25 -8.01
CA VAL F 204 -19.84 -61.30 -6.99
C VAL F 204 -19.96 -61.96 -5.63
N ARG F 205 -18.83 -62.36 -5.07
CA ARG F 205 -18.80 -63.15 -3.84
C ARG F 205 -18.57 -62.22 -2.66
N ASN F 206 -19.22 -62.50 -1.55
CA ASN F 206 -18.99 -61.70 -0.35
C ASN F 206 -18.46 -62.62 0.73
N GLN F 207 -17.23 -62.39 1.16
CA GLN F 207 -16.63 -63.28 2.15
C GLN F 207 -16.14 -62.50 3.36
N PRO F 208 -16.53 -62.95 4.56
CA PRO F 208 -16.04 -62.30 5.78
C PRO F 208 -14.59 -62.64 6.03
N LEU F 209 -13.90 -61.85 6.86
CA LEU F 209 -12.49 -62.09 7.12
C LEU F 209 -12.25 -62.52 8.57
N PHE F 210 -12.74 -61.72 9.52
CA PHE F 210 -12.53 -62.03 10.93
C PHE F 210 -13.32 -61.12 11.85
N TRP F 211 -13.64 -61.59 13.05
CA TRP F 211 -14.35 -60.77 14.01
C TRP F 211 -13.37 -59.89 14.77
N ILE F 212 -13.90 -58.91 15.51
CA ILE F 212 -13.10 -57.99 16.29
C ILE F 212 -13.85 -57.64 17.57
N PRO F 213 -13.20 -57.66 18.74
CA PRO F 213 -13.83 -57.09 19.93
C PRO F 213 -13.64 -55.58 19.99
N TYR F 214 -14.67 -54.90 20.46
CA TYR F 214 -14.62 -53.44 20.50
C TYR F 214 -13.59 -52.90 21.49
N GLU F 215 -13.48 -53.54 22.64
CA GLU F 215 -12.55 -53.04 23.65
C GLU F 215 -11.10 -53.05 23.19
N ASN F 216 -10.69 -54.10 22.48
CA ASN F 216 -9.30 -54.22 22.07
C ASN F 216 -8.95 -53.07 21.15
N ILE F 217 -9.92 -52.63 20.37
CA ILE F 217 -9.65 -51.54 19.41
C ILE F 217 -9.85 -50.13 19.96
N ARG F 218 -10.60 -49.99 21.04
CA ARG F 218 -10.90 -48.66 21.59
C ARG F 218 -9.70 -47.68 21.66
N PRO F 219 -8.53 -48.14 22.13
CA PRO F 219 -7.44 -47.16 22.30
C PRO F 219 -6.64 -46.77 21.06
N TYR F 220 -6.56 -47.63 20.06
CA TYR F 220 -5.74 -47.38 18.89
C TYR F 220 -6.40 -46.36 18.01
N ILE F 221 -7.72 -46.45 17.90
CA ILE F 221 -8.45 -45.54 17.01
C ILE F 221 -8.89 -44.20 17.63
N ALA F 222 -8.73 -44.03 18.94
CA ALA F 222 -9.25 -42.82 19.61
C ALA F 222 -8.50 -41.49 19.38
N ARG F 223 -7.49 -41.48 18.51
CA ARG F 223 -6.73 -40.26 18.30
C ARG F 223 -6.49 -39.91 16.82
N GLU F 224 -6.80 -40.81 15.91
CA GLU F 224 -6.64 -40.51 14.49
C GLU F 224 -7.85 -39.73 13.98
N ARG F 225 -7.59 -38.69 13.20
CA ARG F 225 -8.61 -37.70 12.82
C ARG F 225 -8.99 -37.89 11.36
N VAL F 226 -10.29 -37.83 11.08
CA VAL F 226 -10.82 -37.86 9.73
C VAL F 226 -11.97 -36.86 9.62
N MET F 227 -12.27 -36.46 8.39
CA MET F 227 -13.33 -35.50 8.13
C MET F 227 -14.69 -36.10 8.44
N LEU F 228 -15.73 -35.28 8.29
CA LEU F 228 -17.08 -35.70 8.61
C LEU F 228 -18.10 -35.44 7.51
N SER F 229 -17.69 -34.88 6.37
CA SER F 229 -18.64 -34.56 5.31
C SER F 229 -17.88 -34.48 3.99
N SER F 230 -18.64 -34.43 2.90
CA SER F 230 -18.06 -34.21 1.58
C SER F 230 -18.00 -32.74 1.20
N LEU F 231 -18.71 -31.86 1.91
CA LEU F 231 -18.70 -30.44 1.60
C LEU F 231 -18.00 -29.60 2.67
N ASN F 232 -17.22 -30.25 3.53
CA ASN F 232 -16.47 -29.54 4.57
C ASN F 232 -15.34 -30.51 4.85
N ASN F 233 -14.09 -30.04 4.85
CA ASN F 233 -12.98 -30.97 4.98
C ASN F 233 -12.06 -30.68 6.15
N THR F 234 -12.57 -30.28 7.31
CA THR F 234 -11.73 -30.15 8.48
C THR F 234 -11.78 -31.46 9.28
N ARG F 235 -10.62 -31.86 9.79
CA ARG F 235 -10.56 -33.09 10.55
C ARG F 235 -10.98 -32.84 11.98
N ASN F 236 -12.27 -32.59 12.19
CA ASN F 236 -12.74 -32.28 13.53
C ASN F 236 -12.87 -33.53 14.39
N SER F 237 -13.45 -34.60 13.86
CA SER F 237 -13.88 -35.74 14.65
C SER F 237 -12.94 -36.92 14.46
N THR F 238 -13.05 -37.87 15.39
CA THR F 238 -12.28 -39.10 15.35
C THR F 238 -13.22 -40.28 15.14
N ILE F 239 -12.67 -41.35 14.58
CA ILE F 239 -13.48 -42.52 14.22
C ILE F 239 -14.17 -43.08 15.45
N ASP F 240 -13.55 -42.96 16.63
CA ASP F 240 -14.17 -43.45 17.85
C ASP F 240 -15.53 -42.80 18.08
N ASP F 241 -15.64 -41.51 17.78
CA ASP F 241 -16.89 -40.80 18.00
C ASP F 241 -17.93 -41.06 16.92
N PHE F 242 -17.50 -41.59 15.77
CA PHE F 242 -18.43 -41.79 14.67
C PHE F 242 -19.30 -43.03 14.89
N PHE F 243 -18.79 -43.99 15.66
CA PHE F 243 -19.63 -45.12 16.05
C PHE F 243 -20.56 -44.76 17.21
N ARG F 244 -20.07 -43.95 18.14
CA ARG F 244 -20.82 -43.68 19.36
C ARG F 244 -22.10 -42.91 19.08
N LEU F 245 -22.07 -41.94 18.16
CA LEU F 245 -23.22 -41.09 17.91
C LEU F 245 -24.24 -41.72 16.98
N ASN F 246 -23.99 -42.94 16.50
CA ASN F 246 -24.93 -43.66 15.64
C ASN F 246 -25.24 -42.87 14.36
N LEU F 247 -24.20 -42.70 13.54
CA LEU F 247 -24.33 -42.00 12.28
C LEU F 247 -24.26 -42.90 11.05
N TYR F 248 -24.17 -44.22 11.22
CA TYR F 248 -24.17 -45.09 10.06
C TYR F 248 -25.59 -45.58 9.75
N LYS F 249 -25.79 -45.99 8.50
CA LYS F 249 -27.08 -46.45 8.02
C LYS F 249 -26.93 -47.84 7.44
N GLY F 250 -28.00 -48.62 7.45
CA GLY F 250 -27.89 -49.95 6.89
C GLY F 250 -29.20 -50.71 6.94
N ASP F 251 -29.12 -51.97 6.50
CA ASP F 251 -30.25 -52.88 6.42
C ASP F 251 -30.10 -53.98 7.45
N ILE F 252 -31.17 -54.24 8.21
CA ILE F 252 -31.11 -55.18 9.32
C ILE F 252 -31.00 -56.59 8.72
N VAL F 253 -30.01 -57.35 9.16
CA VAL F 253 -29.74 -58.65 8.55
C VAL F 253 -30.26 -59.77 9.43
N LYS F 254 -29.99 -59.72 10.72
CA LYS F 254 -30.39 -60.81 11.61
C LYS F 254 -30.81 -60.26 12.96
N THR F 255 -31.72 -60.98 13.61
CA THR F 255 -32.12 -60.67 14.98
C THR F 255 -32.15 -61.96 15.79
N GLU F 256 -31.91 -61.82 17.09
CA GLU F 256 -31.86 -62.97 17.98
C GLU F 256 -33.22 -63.59 18.16
N ASN F 257 -33.51 -64.61 17.38
CA ASN F 257 -34.77 -65.31 17.50
C ASN F 257 -34.53 -66.69 18.10
N LEU F 258 -35.53 -67.20 18.81
CA LEU F 258 -35.35 -68.44 19.55
C LEU F 258 -35.15 -69.63 18.63
N HIS F 259 -35.61 -69.54 17.39
CA HIS F 259 -35.32 -70.61 16.44
C HIS F 259 -33.94 -70.49 15.82
N ASN F 260 -33.26 -69.38 16.07
CA ASN F 260 -31.92 -69.16 15.52
C ASN F 260 -31.89 -69.35 14.03
N ARG F 261 -32.48 -68.42 13.30
CA ARG F 261 -32.46 -68.49 11.86
C ARG F 261 -32.06 -67.13 11.33
N ALA F 262 -31.41 -67.09 10.18
CA ALA F 262 -31.09 -65.79 9.61
C ALA F 262 -32.21 -65.30 8.71
N LEU F 263 -32.28 -63.99 8.48
CA LEU F 263 -33.37 -63.43 7.70
C LEU F 263 -33.48 -64.05 6.32
N ALA F 264 -32.35 -64.20 5.63
CA ALA F 264 -32.42 -64.69 4.26
C ALA F 264 -33.21 -65.96 4.15
N GLU F 265 -32.99 -66.91 5.05
CA GLU F 265 -33.66 -68.19 4.93
C GLU F 265 -35.17 -68.04 4.80
N TYR F 266 -35.79 -67.08 5.48
CA TYR F 266 -37.23 -66.87 5.27
C TYR F 266 -37.52 -65.81 4.21
N CYS F 267 -36.48 -65.27 3.56
CA CYS F 267 -36.69 -64.28 2.50
C CYS F 267 -36.31 -64.82 1.13
N PRO F 268 -37.24 -64.73 0.16
CA PRO F 268 -36.96 -65.28 -1.19
C PRO F 268 -36.04 -64.47 -2.08
N THR F 269 -36.29 -63.18 -2.29
CA THR F 269 -35.49 -62.40 -3.23
C THR F 269 -34.93 -61.12 -2.66
N PRO F 270 -33.88 -60.58 -3.27
CA PRO F 270 -33.45 -59.27 -2.74
C PRO F 270 -34.56 -58.25 -2.69
N ASP F 271 -35.57 -58.36 -3.57
CA ASP F 271 -36.71 -57.46 -3.51
C ASP F 271 -37.49 -57.69 -2.22
N SER F 272 -37.83 -58.95 -1.94
CA SER F 272 -38.66 -59.23 -0.78
C SER F 272 -37.91 -59.06 0.53
N MET F 273 -36.59 -59.23 0.51
CA MET F 273 -35.81 -59.11 1.73
C MET F 273 -35.90 -57.69 2.30
N LYS F 274 -35.78 -56.68 1.44
CA LYS F 274 -35.75 -55.31 1.93
C LYS F 274 -37.06 -54.92 2.59
N MET F 275 -38.17 -55.56 2.20
CA MET F 275 -39.46 -55.21 2.79
C MET F 275 -39.52 -55.53 4.28
N GLU F 276 -38.81 -56.57 4.73
CA GLU F 276 -38.90 -56.98 6.12
C GLU F 276 -38.30 -55.94 7.05
N SER F 277 -37.26 -55.23 6.61
CA SER F 277 -36.55 -54.33 7.51
C SER F 277 -37.42 -53.19 8.00
N LYS F 278 -38.31 -52.68 7.14
CA LYS F 278 -39.09 -51.51 7.52
C LYS F 278 -39.99 -51.79 8.72
N ARG F 279 -40.59 -52.97 8.76
CA ARG F 279 -41.49 -53.29 9.88
C ARG F 279 -40.70 -53.46 11.19
N ILE F 280 -39.51 -54.06 11.11
CA ILE F 280 -38.70 -54.23 12.32
C ILE F 280 -38.36 -52.87 12.91
N ASP F 281 -37.95 -51.92 12.07
CA ASP F 281 -37.63 -50.59 12.56
C ASP F 281 -38.85 -49.90 13.14
N LYS F 282 -40.05 -50.36 12.79
CA LYS F 282 -41.25 -49.82 13.40
C LYS F 282 -41.43 -50.33 14.81
N GLU F 283 -40.97 -51.56 15.09
CA GLU F 283 -41.11 -52.10 16.44
C GLU F 283 -40.20 -51.39 17.43
N LEU F 284 -38.93 -51.21 17.08
CA LEU F 284 -38.01 -50.51 17.98
C LEU F 284 -38.44 -49.07 18.19
N GLN F 285 -38.85 -48.39 17.13
CA GLN F 285 -39.26 -46.99 17.27
C GLN F 285 -40.63 -46.87 17.92
N GLY F 286 -41.51 -47.84 17.72
CA GLY F 286 -42.80 -47.81 18.39
C GLY F 286 -42.68 -47.98 19.89
N PHE F 287 -41.58 -48.57 20.35
CA PHE F 287 -41.36 -48.73 21.78
C PHE F 287 -41.08 -47.38 22.42
N ARG F 288 -40.16 -46.61 21.84
CA ARG F 288 -39.70 -45.39 22.48
C ARG F 288 -40.82 -44.36 22.58
N ASP F 289 -41.75 -44.37 21.62
CA ASP F 289 -42.89 -43.48 21.72
C ASP F 289 -43.86 -43.94 22.79
N GLY F 290 -44.10 -45.24 22.89
CA GLY F 290 -45.14 -45.73 23.78
C GLY F 290 -44.74 -45.73 25.24
N LEU F 291 -43.44 -45.72 25.53
CA LEU F 291 -42.99 -45.79 26.91
C LEU F 291 -43.33 -44.50 27.66
N PHE F 292 -43.17 -43.36 27.01
CA PHE F 292 -43.46 -42.08 27.65
C PHE F 292 -44.80 -41.52 27.23
N VAL F 293 -45.50 -40.89 28.15
CA VAL F 293 -46.78 -40.26 27.83
C VAL F 293 -46.63 -38.77 28.02
N THR F 294 -46.40 -38.04 26.93
CA THR F 294 -46.14 -36.61 27.06
C THR F 294 -47.42 -35.80 26.88
N GLN F 295 -48.12 -36.01 25.77
CA GLN F 295 -49.35 -35.26 25.51
C GLN F 295 -50.27 -36.08 24.63
N ASP F 296 -51.54 -36.19 25.03
CA ASP F 296 -52.59 -36.80 24.24
C ASP F 296 -53.71 -35.79 24.06
N THR F 297 -54.47 -35.92 22.96
CA THR F 297 -55.58 -35.02 22.73
C THR F 297 -56.77 -35.30 23.64
N THR F 298 -56.72 -36.41 24.40
CA THR F 298 -57.88 -36.81 25.18
C THR F 298 -58.12 -35.90 26.39
N TRP F 299 -57.05 -35.54 27.08
CA TRP F 299 -57.22 -34.76 28.32
C TRP F 299 -57.72 -33.34 28.09
N MET F 300 -57.28 -32.72 27.01
CA MET F 300 -57.64 -31.32 26.78
C MET F 300 -59.15 -31.15 26.63
N LYS F 301 -59.77 -31.93 25.75
CA LYS F 301 -61.18 -31.77 25.42
C LYS F 301 -62.10 -32.02 26.62
N GLN F 302 -62.08 -33.25 27.13
CA GLN F 302 -63.01 -33.72 28.15
C GLN F 302 -64.44 -33.20 27.96
#